data_1TD4
# 
_entry.id   1TD4 
# 
_audit_conform.dict_name       mmcif_pdbx.dic 
_audit_conform.dict_version    5.397 
_audit_conform.dict_location   http://mmcif.pdb.org/dictionaries/ascii/mmcif_pdbx.dic 
# 
loop_
_database_2.database_id 
_database_2.database_code 
_database_2.pdbx_database_accession 
_database_2.pdbx_DOI 
PDB   1TD4         pdb_00001td4 10.2210/pdb1td4/pdb 
RCSB  RCSB022552   ?            ?                   
WWPDB D_1000022552 ?            ?                   
# 
loop_
_pdbx_audit_revision_history.ordinal 
_pdbx_audit_revision_history.data_content_type 
_pdbx_audit_revision_history.major_revision 
_pdbx_audit_revision_history.minor_revision 
_pdbx_audit_revision_history.revision_date 
1 'Structure model' 1 0 2004-11-02 
2 'Structure model' 1 1 2008-04-30 
3 'Structure model' 1 2 2011-07-13 
4 'Structure model' 1 3 2022-12-21 
5 'Structure model' 1 4 2023-09-20 
6 'Structure model' 1 5 2024-10-16 
# 
_pdbx_audit_revision_details.ordinal             1 
_pdbx_audit_revision_details.revision_ordinal    1 
_pdbx_audit_revision_details.data_content_type   'Structure model' 
_pdbx_audit_revision_details.provider            repository 
_pdbx_audit_revision_details.type                'Initial release' 
_pdbx_audit_revision_details.description         ? 
_pdbx_audit_revision_details.details             ? 
# 
loop_
_pdbx_audit_revision_group.ordinal 
_pdbx_audit_revision_group.revision_ordinal 
_pdbx_audit_revision_group.data_content_type 
_pdbx_audit_revision_group.group 
1 2 'Structure model' 'Version format compliance' 
2 3 'Structure model' 'Version format compliance' 
3 4 'Structure model' 'Database references'       
4 4 'Structure model' 'Derived calculations'      
5 5 'Structure model' 'Data collection'           
6 5 'Structure model' 'Refinement description'    
7 6 'Structure model' 'Structure summary'         
# 
loop_
_pdbx_audit_revision_category.ordinal 
_pdbx_audit_revision_category.revision_ordinal 
_pdbx_audit_revision_category.data_content_type 
_pdbx_audit_revision_category.category 
1 4 'Structure model' database_2                    
2 4 'Structure model' struct_conn                   
3 4 'Structure model' struct_ref_seq_dif            
4 5 'Structure model' chem_comp_atom                
5 5 'Structure model' chem_comp_bond                
6 5 'Structure model' pdbx_initial_refinement_model 
7 6 'Structure model' pdbx_entry_details            
# 
loop_
_pdbx_audit_revision_item.ordinal 
_pdbx_audit_revision_item.revision_ordinal 
_pdbx_audit_revision_item.data_content_type 
_pdbx_audit_revision_item.item 
1 4 'Structure model' '_database_2.pdbx_DOI'                
2 4 'Structure model' '_database_2.pdbx_database_accession' 
3 4 'Structure model' '_struct_conn.pdbx_leaving_atom_flag' 
4 4 'Structure model' '_struct_ref_seq_dif.details'         
# 
_pdbx_database_status.status_code                     REL 
_pdbx_database_status.entry_id                        1TD4 
_pdbx_database_status.recvd_initial_deposition_date   2004-05-21 
_pdbx_database_status.deposit_site                    RCSB 
_pdbx_database_status.process_site                    RCSB 
_pdbx_database_status.status_code_sf                  REL 
_pdbx_database_status.SG_entry                        . 
_pdbx_database_status.pdb_format_compatible           Y 
_pdbx_database_status.status_code_mr                  ? 
_pdbx_database_status.status_code_cs                  ? 
_pdbx_database_status.status_code_nmr_data            ? 
_pdbx_database_status.methods_development_category    ? 
# 
_pdbx_database_related.db_name        PDB 
_pdbx_database_related.db_id          1TD3 
_pdbx_database_related.details        'same protein, C 2 space group' 
_pdbx_database_related.content_type   unspecified 
# 
loop_
_audit_author.name 
_audit_author.pdbx_ordinal 
'Chang, C.'      1 
'Forrer, P.'     2 
'Ott, D.'        3 
'Wlodawer, A.'   4 
'Plueckthun, A.' 5 
# 
_citation.id                        primary 
_citation.title                     'Kinetic Stability and Crystal Structure of the Viral Capsid Protein SHP.' 
_citation.journal_abbrev            J.Mol.Biol. 
_citation.journal_volume            344 
_citation.page_first                179 
_citation.page_last                 193 
_citation.year                      2004 
_citation.journal_id_ASTM           JMOBAK 
_citation.country                   UK 
_citation.journal_id_ISSN           0022-2836 
_citation.journal_id_CSD            0070 
_citation.book_publisher            ? 
_citation.pdbx_database_id_PubMed   15504410 
_citation.pdbx_database_id_DOI      10.1016/j.jmb.2004.09.030 
# 
loop_
_citation_author.citation_id 
_citation_author.name 
_citation_author.ordinal 
_citation_author.identifier_ORCID 
primary 'Forrer, P.'     1 ? 
primary 'Chang, C.'      2 ? 
primary 'Ott, D.'        3 ? 
primary 'Wlodawer, A.'   4 ? 
primary 'Plueckthun, A.' 5 ? 
# 
loop_
_entity.id 
_entity.type 
_entity.src_method 
_entity.pdbx_description 
_entity.formula_weight 
_entity.pdbx_number_of_molecules 
_entity.pdbx_ec 
_entity.pdbx_mutation 
_entity.pdbx_fragment 
_entity.details 
1 polymer man 'Head decoration protein' 11988.448 1   ? ? ? ? 
2 water   nat water                     18.015    166 ? ? ? ? 
# 
_entity_name_com.entity_id   1 
_entity_name_com.name        'Head protein GPSHP' 
# 
_entity_poly.entity_id                      1 
_entity_poly.type                           'polypeptide(L)' 
_entity_poly.nstd_linkage                   no 
_entity_poly.nstd_monomer                   yes 
_entity_poly.pdbx_seq_one_letter_code       
;MVTKTITEQRAEVRIFAGNDPAHTATGSSGISSPTPALTPLMLDEATGKLVVWDGQKAGSAVGILVLPLEGTETALTYYK
SGTFATEAIHWPE(DSN)VDEHKKANAFAGSALSHAALP
;
_entity_poly.pdbx_seq_one_letter_code_can   
;MVTKTITEQRAEVRIFAGNDPAHTATGSSGISSPTPALTPLMLDEATGKLVVWDGQKAGSAVGILVLPLEGTETALTYYK
SGTFATEAIHWPESVDEHKKANAFAGSALSHAALP
;
_entity_poly.pdbx_strand_id                 A 
_entity_poly.pdbx_target_identifier         ? 
# 
_pdbx_entity_nonpoly.entity_id   2 
_pdbx_entity_nonpoly.name        water 
_pdbx_entity_nonpoly.comp_id     HOH 
# 
loop_
_entity_poly_seq.entity_id 
_entity_poly_seq.num 
_entity_poly_seq.mon_id 
_entity_poly_seq.hetero 
1 1   MET n 
1 2   VAL n 
1 3   THR n 
1 4   LYS n 
1 5   THR n 
1 6   ILE n 
1 7   THR n 
1 8   GLU n 
1 9   GLN n 
1 10  ARG n 
1 11  ALA n 
1 12  GLU n 
1 13  VAL n 
1 14  ARG n 
1 15  ILE n 
1 16  PHE n 
1 17  ALA n 
1 18  GLY n 
1 19  ASN n 
1 20  ASP n 
1 21  PRO n 
1 22  ALA n 
1 23  HIS n 
1 24  THR n 
1 25  ALA n 
1 26  THR n 
1 27  GLY n 
1 28  SER n 
1 29  SER n 
1 30  GLY n 
1 31  ILE n 
1 32  SER n 
1 33  SER n 
1 34  PRO n 
1 35  THR n 
1 36  PRO n 
1 37  ALA n 
1 38  LEU n 
1 39  THR n 
1 40  PRO n 
1 41  LEU n 
1 42  MET n 
1 43  LEU n 
1 44  ASP n 
1 45  GLU n 
1 46  ALA n 
1 47  THR n 
1 48  GLY n 
1 49  LYS n 
1 50  LEU n 
1 51  VAL n 
1 52  VAL n 
1 53  TRP n 
1 54  ASP n 
1 55  GLY n 
1 56  GLN n 
1 57  LYS n 
1 58  ALA n 
1 59  GLY n 
1 60  SER n 
1 61  ALA n 
1 62  VAL n 
1 63  GLY n 
1 64  ILE n 
1 65  LEU n 
1 66  VAL n 
1 67  LEU n 
1 68  PRO n 
1 69  LEU n 
1 70  GLU n 
1 71  GLY n 
1 72  THR n 
1 73  GLU n 
1 74  THR n 
1 75  ALA n 
1 76  LEU n 
1 77  THR n 
1 78  TYR n 
1 79  TYR n 
1 80  LYS n 
1 81  SER n 
1 82  GLY n 
1 83  THR n 
1 84  PHE n 
1 85  ALA n 
1 86  THR n 
1 87  GLU n 
1 88  ALA n 
1 89  ILE n 
1 90  HIS n 
1 91  TRP n 
1 92  PRO n 
1 93  GLU n 
1 94  DSN n 
1 95  VAL n 
1 96  ASP n 
1 97  GLU n 
1 98  HIS n 
1 99  LYS n 
1 100 LYS n 
1 101 ALA n 
1 102 ASN n 
1 103 ALA n 
1 104 PHE n 
1 105 ALA n 
1 106 GLY n 
1 107 SER n 
1 108 ALA n 
1 109 LEU n 
1 110 SER n 
1 111 HIS n 
1 112 ALA n 
1 113 ALA n 
1 114 LEU n 
1 115 PRO n 
# 
_entity_src_gen.entity_id                          1 
_entity_src_gen.pdbx_src_id                        1 
_entity_src_gen.pdbx_alt_source_flag               sample 
_entity_src_gen.pdbx_seq_type                      ? 
_entity_src_gen.pdbx_beg_seq_num                   ? 
_entity_src_gen.pdbx_end_seq_num                   ? 
_entity_src_gen.gene_src_common_name               ? 
_entity_src_gen.gene_src_genus                     'Lambda-like viruses' 
_entity_src_gen.pdbx_gene_src_gene                 ? 
_entity_src_gen.gene_src_species                   'Enterobacteria phage lambda' 
_entity_src_gen.gene_src_strain                    ? 
_entity_src_gen.gene_src_tissue                    ? 
_entity_src_gen.gene_src_tissue_fraction           ? 
_entity_src_gen.gene_src_details                   ? 
_entity_src_gen.pdbx_gene_src_fragment             ? 
_entity_src_gen.pdbx_gene_src_scientific_name      'Enterobacteria phage P21' 
_entity_src_gen.pdbx_gene_src_ncbi_taxonomy_id     10711 
_entity_src_gen.pdbx_gene_src_variant              ? 
_entity_src_gen.pdbx_gene_src_cell_line            ? 
_entity_src_gen.pdbx_gene_src_atcc                 ? 
_entity_src_gen.pdbx_gene_src_organ                ? 
_entity_src_gen.pdbx_gene_src_organelle            ? 
_entity_src_gen.pdbx_gene_src_cell                 ? 
_entity_src_gen.pdbx_gene_src_cellular_location    ? 
_entity_src_gen.host_org_common_name               ? 
_entity_src_gen.pdbx_host_org_scientific_name      'Escherichia coli' 
_entity_src_gen.pdbx_host_org_ncbi_taxonomy_id     562 
_entity_src_gen.host_org_genus                     Escherichia 
_entity_src_gen.pdbx_host_org_gene                 ? 
_entity_src_gen.pdbx_host_org_organ                ? 
_entity_src_gen.host_org_species                   ? 
_entity_src_gen.pdbx_host_org_tissue               ? 
_entity_src_gen.pdbx_host_org_tissue_fraction      ? 
_entity_src_gen.pdbx_host_org_strain               ? 
_entity_src_gen.pdbx_host_org_variant              ? 
_entity_src_gen.pdbx_host_org_cell_line            ? 
_entity_src_gen.pdbx_host_org_atcc                 ? 
_entity_src_gen.pdbx_host_org_culture_collection   ? 
_entity_src_gen.pdbx_host_org_cell                 ? 
_entity_src_gen.pdbx_host_org_organelle            ? 
_entity_src_gen.pdbx_host_org_cellular_location    ? 
_entity_src_gen.pdbx_host_org_vector_type          ? 
_entity_src_gen.pdbx_host_org_vector               ? 
_entity_src_gen.host_org_details                   ? 
_entity_src_gen.expression_system_id               ? 
_entity_src_gen.plasmid_name                       ? 
_entity_src_gen.plasmid_details                    ? 
_entity_src_gen.pdbx_description                   ? 
# 
loop_
_chem_comp.id 
_chem_comp.type 
_chem_comp.mon_nstd_flag 
_chem_comp.name 
_chem_comp.pdbx_synonyms 
_chem_comp.formula 
_chem_comp.formula_weight 
ALA 'L-peptide linking' y ALANINE         ? 'C3 H7 N O2'     89.093  
ARG 'L-peptide linking' y ARGININE        ? 'C6 H15 N4 O2 1' 175.209 
ASN 'L-peptide linking' y ASPARAGINE      ? 'C4 H8 N2 O3'    132.118 
ASP 'L-peptide linking' y 'ASPARTIC ACID' ? 'C4 H7 N O4'     133.103 
DSN 'D-peptide linking' . D-SERINE        ? 'C3 H7 N O3'     105.093 
GLN 'L-peptide linking' y GLUTAMINE       ? 'C5 H10 N2 O3'   146.144 
GLU 'L-peptide linking' y 'GLUTAMIC ACID' ? 'C5 H9 N O4'     147.129 
GLY 'peptide linking'   y GLYCINE         ? 'C2 H5 N O2'     75.067  
HIS 'L-peptide linking' y HISTIDINE       ? 'C6 H10 N3 O2 1' 156.162 
HOH non-polymer         . WATER           ? 'H2 O'           18.015  
ILE 'L-peptide linking' y ISOLEUCINE      ? 'C6 H13 N O2'    131.173 
LEU 'L-peptide linking' y LEUCINE         ? 'C6 H13 N O2'    131.173 
LYS 'L-peptide linking' y LYSINE          ? 'C6 H15 N2 O2 1' 147.195 
MET 'L-peptide linking' y METHIONINE      ? 'C5 H11 N O2 S'  149.211 
PHE 'L-peptide linking' y PHENYLALANINE   ? 'C9 H11 N O2'    165.189 
PRO 'L-peptide linking' y PROLINE         ? 'C5 H9 N O2'     115.130 
SER 'L-peptide linking' y SERINE          ? 'C3 H7 N O3'     105.093 
THR 'L-peptide linking' y THREONINE       ? 'C4 H9 N O3'     119.119 
TRP 'L-peptide linking' y TRYPTOPHAN      ? 'C11 H12 N2 O2'  204.225 
TYR 'L-peptide linking' y TYROSINE        ? 'C9 H11 N O3'    181.189 
VAL 'L-peptide linking' y VALINE          ? 'C5 H11 N O2'    117.146 
# 
loop_
_pdbx_poly_seq_scheme.asym_id 
_pdbx_poly_seq_scheme.entity_id 
_pdbx_poly_seq_scheme.seq_id 
_pdbx_poly_seq_scheme.mon_id 
_pdbx_poly_seq_scheme.ndb_seq_num 
_pdbx_poly_seq_scheme.pdb_seq_num 
_pdbx_poly_seq_scheme.auth_seq_num 
_pdbx_poly_seq_scheme.pdb_mon_id 
_pdbx_poly_seq_scheme.auth_mon_id 
_pdbx_poly_seq_scheme.pdb_strand_id 
_pdbx_poly_seq_scheme.pdb_ins_code 
_pdbx_poly_seq_scheme.hetero 
A 1 1   MET 1   0   ?   ?   ?   A . n 
A 1 2   VAL 2   1   ?   ?   ?   A . n 
A 1 3   THR 3   2   ?   ?   ?   A . n 
A 1 4   LYS 4   3   ?   ?   ?   A . n 
A 1 5   THR 5   4   ?   ?   ?   A . n 
A 1 6   ILE 6   5   ?   ?   ?   A . n 
A 1 7   THR 7   6   ?   ?   ?   A . n 
A 1 8   GLU 8   7   ?   ?   ?   A . n 
A 1 9   GLN 9   8   ?   ?   ?   A . n 
A 1 10  ARG 10  9   ?   ?   ?   A . n 
A 1 11  ALA 11  10  ?   ?   ?   A . n 
A 1 12  GLU 12  11  ?   ?   ?   A . n 
A 1 13  VAL 13  12  12  VAL VAL A . n 
A 1 14  ARG 14  13  13  ARG ARG A . n 
A 1 15  ILE 15  14  14  ILE ILE A . n 
A 1 16  PHE 16  15  15  PHE PHE A . n 
A 1 17  ALA 17  16  16  ALA ALA A . n 
A 1 18  GLY 18  17  17  GLY GLY A . n 
A 1 19  ASN 19  18  18  ASN ASN A . n 
A 1 20  ASP 20  19  19  ASP ASP A . n 
A 1 21  PRO 21  20  20  PRO PRO A . n 
A 1 22  ALA 22  21  21  ALA ALA A . n 
A 1 23  HIS 23  22  22  HIS HIS A . n 
A 1 24  THR 24  23  23  THR THR A . n 
A 1 25  ALA 25  24  24  ALA ALA A . n 
A 1 26  THR 26  25  25  THR THR A . n 
A 1 27  GLY 27  26  26  GLY GLY A . n 
A 1 28  SER 28  27  27  SER SER A . n 
A 1 29  SER 29  28  28  SER SER A . n 
A 1 30  GLY 30  29  29  GLY GLY A . n 
A 1 31  ILE 31  30  30  ILE ILE A . n 
A 1 32  SER 32  31  31  SER SER A . n 
A 1 33  SER 33  32  32  SER SER A . n 
A 1 34  PRO 34  33  33  PRO PRO A . n 
A 1 35  THR 35  34  34  THR THR A . n 
A 1 36  PRO 36  35  35  PRO PRO A . n 
A 1 37  ALA 37  36  36  ALA ALA A . n 
A 1 38  LEU 38  37  37  LEU LEU A . n 
A 1 39  THR 39  38  38  THR THR A . n 
A 1 40  PRO 40  39  39  PRO PRO A . n 
A 1 41  LEU 41  40  40  LEU LEU A . n 
A 1 42  MET 42  41  41  MET MET A . n 
A 1 43  LEU 43  42  42  LEU LEU A . n 
A 1 44  ASP 44  43  43  ASP ASP A . n 
A 1 45  GLU 45  44  44  GLU GLU A . n 
A 1 46  ALA 46  45  45  ALA ALA A . n 
A 1 47  THR 47  46  46  THR THR A . n 
A 1 48  GLY 48  47  47  GLY GLY A . n 
A 1 49  LYS 49  48  48  LYS LYS A . n 
A 1 50  LEU 50  49  49  LEU LEU A . n 
A 1 51  VAL 51  50  50  VAL VAL A . n 
A 1 52  VAL 52  51  51  VAL VAL A . n 
A 1 53  TRP 53  52  52  TRP TRP A . n 
A 1 54  ASP 54  53  53  ASP ASP A . n 
A 1 55  GLY 55  54  54  GLY GLY A . n 
A 1 56  GLN 56  55  55  GLN GLN A . n 
A 1 57  LYS 57  56  56  LYS LYS A . n 
A 1 58  ALA 58  57  57  ALA ALA A . n 
A 1 59  GLY 59  58  58  GLY GLY A . n 
A 1 60  SER 60  59  59  SER SER A . n 
A 1 61  ALA 61  60  60  ALA ALA A . n 
A 1 62  VAL 62  61  61  VAL VAL A . n 
A 1 63  GLY 63  62  62  GLY GLY A . n 
A 1 64  ILE 64  63  63  ILE ILE A . n 
A 1 65  LEU 65  64  64  LEU LEU A . n 
A 1 66  VAL 66  65  65  VAL VAL A . n 
A 1 67  LEU 67  66  66  LEU LEU A . n 
A 1 68  PRO 68  67  67  PRO PRO A . n 
A 1 69  LEU 69  68  68  LEU LEU A . n 
A 1 70  GLU 70  69  69  GLU GLU A . n 
A 1 71  GLY 71  70  70  GLY GLY A . n 
A 1 72  THR 72  71  71  THR THR A . n 
A 1 73  GLU 73  72  72  GLU GLU A . n 
A 1 74  THR 74  73  73  THR THR A . n 
A 1 75  ALA 75  74  74  ALA ALA A . n 
A 1 76  LEU 76  75  75  LEU LEU A . n 
A 1 77  THR 77  76  76  THR THR A . n 
A 1 78  TYR 78  77  77  TYR TYR A . n 
A 1 79  TYR 79  78  78  TYR TYR A . n 
A 1 80  LYS 80  79  79  LYS LYS A . n 
A 1 81  SER 81  80  80  SER SER A . n 
A 1 82  GLY 82  81  81  GLY GLY A . n 
A 1 83  THR 83  82  82  THR THR A . n 
A 1 84  PHE 84  83  83  PHE PHE A . n 
A 1 85  ALA 85  84  84  ALA ALA A . n 
A 1 86  THR 86  85  85  THR THR A . n 
A 1 87  GLU 87  86  86  GLU GLU A . n 
A 1 88  ALA 88  87  87  ALA ALA A . n 
A 1 89  ILE 89  88  88  ILE ILE A . n 
A 1 90  HIS 90  89  89  HIS HIS A . n 
A 1 91  TRP 91  90  90  TRP TRP A . n 
A 1 92  PRO 92  91  91  PRO PRO A . n 
A 1 93  GLU 93  92  92  GLU GLU A . n 
A 1 94  DSN 94  93  93  DSN DSN A . n 
A 1 95  VAL 95  94  94  VAL VAL A . n 
A 1 96  ASP 96  95  95  ASP ASP A . n 
A 1 97  GLU 97  96  96  GLU GLU A . n 
A 1 98  HIS 98  97  97  HIS HIS A . n 
A 1 99  LYS 99  98  98  LYS LYS A . n 
A 1 100 LYS 100 99  99  LYS LYS A . n 
A 1 101 ALA 101 100 100 ALA ALA A . n 
A 1 102 ASN 102 101 101 ASN ASN A . n 
A 1 103 ALA 103 102 102 ALA ALA A . n 
A 1 104 PHE 104 103 103 PHE PHE A . n 
A 1 105 ALA 105 104 104 ALA ALA A . n 
A 1 106 GLY 106 105 105 GLY GLY A . n 
A 1 107 SER 107 106 106 SER SER A . n 
A 1 108 ALA 108 107 107 ALA ALA A . n 
A 1 109 LEU 109 108 108 LEU LEU A . n 
A 1 110 SER 110 109 109 SER SER A . n 
A 1 111 HIS 111 110 110 HIS HIS A . n 
A 1 112 ALA 112 111 111 ALA ALA A . n 
A 1 113 ALA 113 112 112 ALA ALA A . n 
A 1 114 LEU 114 113 113 LEU LEU A . n 
A 1 115 PRO 115 114 114 PRO PRO A . n 
# 
loop_
_pdbx_nonpoly_scheme.asym_id 
_pdbx_nonpoly_scheme.entity_id 
_pdbx_nonpoly_scheme.mon_id 
_pdbx_nonpoly_scheme.ndb_seq_num 
_pdbx_nonpoly_scheme.pdb_seq_num 
_pdbx_nonpoly_scheme.auth_seq_num 
_pdbx_nonpoly_scheme.pdb_mon_id 
_pdbx_nonpoly_scheme.auth_mon_id 
_pdbx_nonpoly_scheme.pdb_strand_id 
_pdbx_nonpoly_scheme.pdb_ins_code 
B 2 HOH 1   201 201 HOH HOH A . 
B 2 HOH 2   202 202 HOH HOH A . 
B 2 HOH 3   203 203 HOH HOH A . 
B 2 HOH 4   204 204 HOH HOH A . 
B 2 HOH 5   205 205 HOH HOH A . 
B 2 HOH 6   206 206 HOH HOH A . 
B 2 HOH 7   207 207 HOH HOH A . 
B 2 HOH 8   208 208 HOH HOH A . 
B 2 HOH 9   209 209 HOH HOH A . 
B 2 HOH 10  210 210 HOH HOH A . 
B 2 HOH 11  211 211 HOH HOH A . 
B 2 HOH 12  212 212 HOH HOH A . 
B 2 HOH 13  213 213 HOH HOH A . 
B 2 HOH 14  214 214 HOH HOH A . 
B 2 HOH 15  215 215 HOH HOH A . 
B 2 HOH 16  216 216 HOH HOH A . 
B 2 HOH 17  217 217 HOH HOH A . 
B 2 HOH 18  218 218 HOH HOH A . 
B 2 HOH 19  219 219 HOH HOH A . 
B 2 HOH 20  220 220 HOH HOH A . 
B 2 HOH 21  221 221 HOH HOH A . 
B 2 HOH 22  222 222 HOH HOH A . 
B 2 HOH 23  223 223 HOH HOH A . 
B 2 HOH 24  224 224 HOH HOH A . 
B 2 HOH 25  225 225 HOH HOH A . 
B 2 HOH 26  226 226 HOH HOH A . 
B 2 HOH 27  227 227 HOH HOH A . 
B 2 HOH 28  228 228 HOH HOH A . 
B 2 HOH 29  229 229 HOH HOH A . 
B 2 HOH 30  230 230 HOH HOH A . 
B 2 HOH 31  231 231 HOH HOH A . 
B 2 HOH 32  232 232 HOH HOH A . 
B 2 HOH 33  233 233 HOH HOH A . 
B 2 HOH 34  234 234 HOH HOH A . 
B 2 HOH 35  235 235 HOH HOH A . 
B 2 HOH 36  236 236 HOH HOH A . 
B 2 HOH 37  237 237 HOH HOH A . 
B 2 HOH 38  238 238 HOH HOH A . 
B 2 HOH 39  239 239 HOH HOH A . 
B 2 HOH 40  240 240 HOH HOH A . 
B 2 HOH 41  241 241 HOH HOH A . 
B 2 HOH 42  242 242 HOH HOH A . 
B 2 HOH 43  243 243 HOH HOH A . 
B 2 HOH 44  244 244 HOH HOH A . 
B 2 HOH 45  245 245 HOH HOH A . 
B 2 HOH 46  246 246 HOH HOH A . 
B 2 HOH 47  247 247 HOH HOH A . 
B 2 HOH 48  248 248 HOH HOH A . 
B 2 HOH 49  249 249 HOH HOH A . 
B 2 HOH 50  250 250 HOH HOH A . 
B 2 HOH 51  251 251 HOH HOH A . 
B 2 HOH 52  252 252 HOH HOH A . 
B 2 HOH 53  253 253 HOH HOH A . 
B 2 HOH 54  254 254 HOH HOH A . 
B 2 HOH 55  255 255 HOH HOH A . 
B 2 HOH 56  256 256 HOH HOH A . 
B 2 HOH 57  257 257 HOH HOH A . 
B 2 HOH 58  258 258 HOH HOH A . 
B 2 HOH 59  259 259 HOH HOH A . 
B 2 HOH 60  260 260 HOH HOH A . 
B 2 HOH 61  261 261 HOH HOH A . 
B 2 HOH 62  262 262 HOH HOH A . 
B 2 HOH 63  263 263 HOH HOH A . 
B 2 HOH 64  264 264 HOH HOH A . 
B 2 HOH 65  265 265 HOH HOH A . 
B 2 HOH 66  266 266 HOH HOH A . 
B 2 HOH 67  267 267 HOH HOH A . 
B 2 HOH 68  268 268 HOH HOH A . 
B 2 HOH 69  269 269 HOH HOH A . 
B 2 HOH 70  270 270 HOH HOH A . 
B 2 HOH 71  271 271 HOH HOH A . 
B 2 HOH 72  272 272 HOH HOH A . 
B 2 HOH 73  273 273 HOH HOH A . 
B 2 HOH 74  274 274 HOH HOH A . 
B 2 HOH 75  275 275 HOH HOH A . 
B 2 HOH 76  276 276 HOH HOH A . 
B 2 HOH 77  277 277 HOH HOH A . 
B 2 HOH 78  278 278 HOH HOH A . 
B 2 HOH 79  279 279 HOH HOH A . 
B 2 HOH 80  280 280 HOH HOH A . 
B 2 HOH 81  281 281 HOH HOH A . 
B 2 HOH 82  282 282 HOH HOH A . 
B 2 HOH 83  283 283 HOH HOH A . 
B 2 HOH 84  284 284 HOH HOH A . 
B 2 HOH 85  285 285 HOH HOH A . 
B 2 HOH 86  286 286 HOH HOH A . 
B 2 HOH 87  287 287 HOH HOH A . 
B 2 HOH 88  288 288 HOH HOH A . 
B 2 HOH 89  289 289 HOH HOH A . 
B 2 HOH 90  290 290 HOH HOH A . 
B 2 HOH 91  291 291 HOH HOH A . 
B 2 HOH 92  292 292 HOH HOH A . 
B 2 HOH 93  293 293 HOH HOH A . 
B 2 HOH 94  294 294 HOH HOH A . 
B 2 HOH 95  295 295 HOH HOH A . 
B 2 HOH 96  296 296 HOH HOH A . 
B 2 HOH 97  297 297 HOH HOH A . 
B 2 HOH 98  298 298 HOH HOH A . 
B 2 HOH 99  299 299 HOH HOH A . 
B 2 HOH 100 300 300 HOH HOH A . 
B 2 HOH 101 301 301 HOH HOH A . 
B 2 HOH 102 302 302 HOH HOH A . 
B 2 HOH 103 303 303 HOH HOH A . 
B 2 HOH 104 304 304 HOH HOH A . 
B 2 HOH 105 305 305 HOH HOH A . 
B 2 HOH 106 306 306 HOH HOH A . 
B 2 HOH 107 307 307 HOH HOH A . 
B 2 HOH 108 308 308 HOH HOH A . 
B 2 HOH 109 309 309 HOH HOH A . 
B 2 HOH 110 310 310 HOH HOH A . 
B 2 HOH 111 311 311 HOH HOH A . 
B 2 HOH 112 312 312 HOH HOH A . 
B 2 HOH 113 313 313 HOH HOH A . 
B 2 HOH 114 314 314 HOH HOH A . 
B 2 HOH 115 315 315 HOH HOH A . 
B 2 HOH 116 316 316 HOH HOH A . 
B 2 HOH 117 317 317 HOH HOH A . 
B 2 HOH 118 318 318 HOH HOH A . 
B 2 HOH 119 319 319 HOH HOH A . 
B 2 HOH 120 320 320 HOH HOH A . 
B 2 HOH 121 321 321 HOH HOH A . 
B 2 HOH 122 322 322 HOH HOH A . 
B 2 HOH 123 323 323 HOH HOH A . 
B 2 HOH 124 324 324 HOH HOH A . 
B 2 HOH 125 325 325 HOH HOH A . 
B 2 HOH 126 326 326 HOH HOH A . 
B 2 HOH 127 327 327 HOH HOH A . 
B 2 HOH 128 328 328 HOH HOH A . 
B 2 HOH 129 329 329 HOH HOH A . 
B 2 HOH 130 330 330 HOH HOH A . 
B 2 HOH 131 331 331 HOH HOH A . 
B 2 HOH 132 332 332 HOH HOH A . 
B 2 HOH 133 333 333 HOH HOH A . 
B 2 HOH 134 334 334 HOH HOH A . 
B 2 HOH 135 335 335 HOH HOH A . 
B 2 HOH 136 336 336 HOH HOH A . 
B 2 HOH 137 337 337 HOH HOH A . 
B 2 HOH 138 338 338 HOH HOH A . 
B 2 HOH 139 339 339 HOH HOH A . 
B 2 HOH 140 340 340 HOH HOH A . 
B 2 HOH 141 341 341 HOH HOH A . 
B 2 HOH 142 342 342 HOH HOH A . 
B 2 HOH 143 343 343 HOH HOH A . 
B 2 HOH 144 344 344 HOH HOH A . 
B 2 HOH 145 345 345 HOH HOH A . 
B 2 HOH 146 346 346 HOH HOH A . 
B 2 HOH 147 347 347 HOH HOH A . 
B 2 HOH 148 348 348 HOH HOH A . 
B 2 HOH 149 349 349 HOH HOH A . 
B 2 HOH 150 350 350 HOH HOH A . 
B 2 HOH 151 351 351 HOH HOH A . 
B 2 HOH 152 352 352 HOH HOH A . 
B 2 HOH 153 353 353 HOH HOH A . 
B 2 HOH 154 354 354 HOH HOH A . 
B 2 HOH 155 355 355 HOH HOH A . 
B 2 HOH 156 356 356 HOH HOH A . 
B 2 HOH 157 357 357 HOH HOH A . 
B 2 HOH 158 358 358 HOH HOH A . 
B 2 HOH 159 359 359 HOH HOH A . 
B 2 HOH 160 360 360 HOH HOH A . 
B 2 HOH 161 361 361 HOH HOH A . 
B 2 HOH 162 362 362 HOH HOH A . 
B 2 HOH 163 363 363 HOH HOH A . 
B 2 HOH 164 364 364 HOH HOH A . 
B 2 HOH 165 365 365 HOH HOH A . 
B 2 HOH 166 366 366 HOH HOH A . 
# 
_pdbx_unobs_or_zero_occ_atoms.id               1 
_pdbx_unobs_or_zero_occ_atoms.PDB_model_num    1 
_pdbx_unobs_or_zero_occ_atoms.polymer_flag     Y 
_pdbx_unobs_or_zero_occ_atoms.occupancy_flag   1 
_pdbx_unobs_or_zero_occ_atoms.auth_asym_id     A 
_pdbx_unobs_or_zero_occ_atoms.auth_comp_id     PRO 
_pdbx_unobs_or_zero_occ_atoms.auth_seq_id      114 
_pdbx_unobs_or_zero_occ_atoms.PDB_ins_code     ? 
_pdbx_unobs_or_zero_occ_atoms.auth_atom_id     O 
_pdbx_unobs_or_zero_occ_atoms.label_alt_id     ? 
_pdbx_unobs_or_zero_occ_atoms.label_asym_id    A 
_pdbx_unobs_or_zero_occ_atoms.label_comp_id    PRO 
_pdbx_unobs_or_zero_occ_atoms.label_seq_id     115 
_pdbx_unobs_or_zero_occ_atoms.label_atom_id    O 
# 
loop_
_software.name 
_software.classification 
_software.version 
_software.citation_id 
_software.pdbx_ordinal 
SHELX     'model building' . ? 1 
SHELXL-97 refinement       . ? 2 
HKL-2000  'data reduction' . ? 3 
SCALEPACK 'data scaling'   . ? 4 
AMoRE     phasing          . ? 5 
# 
_cell.entry_id           1TD4 
_cell.length_a           53.909 
_cell.length_b           53.909 
_cell.length_c           77.456 
_cell.angle_alpha        90.00 
_cell.angle_beta         90.00 
_cell.angle_gamma        120.00 
_cell.Z_PDB              9 
_cell.pdbx_unique_axis   ? 
# 
_symmetry.entry_id                         1TD4 
_symmetry.space_group_name_H-M             'H 3' 
_symmetry.pdbx_full_space_group_name_H-M   ? 
_symmetry.cell_setting                     ? 
_symmetry.Int_Tables_number                146 
_symmetry.space_group_name_Hall            ? 
# 
_exptl.entry_id          1TD4 
_exptl.method            'X-RAY DIFFRACTION' 
_exptl.crystals_number   1 
# 
_exptl_crystal.id                    1 
_exptl_crystal.density_meas          ? 
_exptl_crystal.density_Matthews      1.51 
_exptl_crystal.density_percent_sol   18.5 
_exptl_crystal.description           ? 
_exptl_crystal.F_000                 ? 
_exptl_crystal.preparation           ? 
# 
_exptl_crystal_grow.crystal_id      1 
_exptl_crystal_grow.method          ? 
_exptl_crystal_grow.temp            295 
_exptl_crystal_grow.temp_details    ? 
_exptl_crystal_grow.pH              4.50 
_exptl_crystal_grow.pdbx_details    
'Na Acetate, PEG-MME 5000, MgCl2, pH 4.5, VAPOR DIFFUSION, HANGING DROP, temperature 295K, pH 4.50' 
_exptl_crystal_grow.pdbx_pH_range   . 
# 
_diffrn.id                     1 
_diffrn.ambient_temp           100.0 
_diffrn.ambient_temp_details   ? 
_diffrn.crystal_id             1 
# 
_diffrn_detector.diffrn_id              1 
_diffrn_detector.detector               CCD 
_diffrn_detector.type                   'ADSC QUANTUM 4' 
_diffrn_detector.pdbx_collection_date   ? 
_diffrn_detector.details                ? 
# 
_diffrn_radiation.diffrn_id                        1 
_diffrn_radiation.wavelength_id                    1 
_diffrn_radiation.pdbx_monochromatic_or_laue_m_l   M 
_diffrn_radiation.monochromator                    ? 
_diffrn_radiation.pdbx_diffrn_protocol             'SINGLE WAVELENGTH' 
_diffrn_radiation.pdbx_scattering_type             x-ray 
# 
_diffrn_radiation_wavelength.id           1 
_diffrn_radiation_wavelength.wavelength   1.00 
_diffrn_radiation_wavelength.wt           1.0 
# 
_diffrn_source.diffrn_id                   1 
_diffrn_source.source                      SYNCHROTRON 
_diffrn_source.type                        'NSLS BEAMLINE X9B' 
_diffrn_source.pdbx_synchrotron_site       NSLS 
_diffrn_source.pdbx_synchrotron_beamline   X9B 
_diffrn_source.pdbx_wavelength             1.00 
_diffrn_source.pdbx_wavelength_list        ? 
# 
_reflns.entry_id                     1TD4 
_reflns.observed_criterion_sigma_I   ? 
_reflns.observed_criterion_sigma_F   ? 
_reflns.d_resolution_low             40.000 
_reflns.d_resolution_high            1.500 
_reflns.number_obs                   13405 
_reflns.number_all                   ? 
_reflns.percent_possible_obs         99.8 
_reflns.pdbx_Rmerge_I_obs            0.084 
_reflns.pdbx_Rsym_value              ? 
_reflns.pdbx_netI_over_sigmaI        19.1000 
_reflns.B_iso_Wilson_estimate        ? 
_reflns.pdbx_redundancy              10.100 
_reflns.R_free_details               ? 
_reflns.limit_h_max                  ? 
_reflns.limit_h_min                  ? 
_reflns.limit_k_max                  ? 
_reflns.limit_k_min                  ? 
_reflns.limit_l_max                  ? 
_reflns.limit_l_min                  ? 
_reflns.observed_criterion_F_max     ? 
_reflns.observed_criterion_F_min     ? 
_reflns.pdbx_chi_squared             ? 
_reflns.pdbx_scaling_rejects         ? 
_reflns.pdbx_diffrn_id               1 
_reflns.pdbx_ordinal                 1 
# 
_reflns_shell.d_res_high             1.50 
_reflns_shell.d_res_low              1.55 
_reflns_shell.percent_possible_all   98.4 
_reflns_shell.Rmerge_I_obs           0.461 
_reflns_shell.pdbx_Rsym_value        ? 
_reflns_shell.meanI_over_sigI_obs    2.400 
_reflns_shell.pdbx_redundancy        ? 
_reflns_shell.percent_possible_obs   ? 
_reflns_shell.number_unique_all      ? 
_reflns_shell.number_measured_all    ? 
_reflns_shell.number_measured_obs    ? 
_reflns_shell.number_unique_obs      ? 
_reflns_shell.pdbx_chi_squared       ? 
_reflns_shell.pdbx_diffrn_id         ? 
_reflns_shell.pdbx_ordinal           1 
# 
_refine.entry_id                                 1TD4 
_refine.ls_number_reflns_obs                     ? 
_refine.ls_number_reflns_all                     12731 
_refine.pdbx_ls_sigma_I                          ? 
_refine.pdbx_ls_sigma_F                          0.000 
_refine.pdbx_data_cutoff_high_absF               ? 
_refine.pdbx_data_cutoff_low_absF                ? 
_refine.pdbx_data_cutoff_high_rms_absF           ? 
_refine.ls_d_res_low                             40.00 
_refine.ls_d_res_high                            1.50 
_refine.ls_percent_reflns_obs                    94.8 
_refine.ls_R_factor_obs                          0.1261 
_refine.ls_R_factor_all                          0.1377 
_refine.ls_R_factor_R_work                       ? 
_refine.ls_R_factor_R_free                       0.1958 
_refine.ls_R_factor_R_free_error                 ? 
_refine.ls_R_factor_R_free_error_details         ? 
_refine.ls_percent_reflns_R_free                 5.300 
_refine.ls_number_reflns_R_free                  669 
_refine.ls_number_parameters                     8311 
_refine.ls_number_restraints                     8857 
_refine.occupancy_min                            ? 
_refine.occupancy_max                            ? 
_refine.correlation_coeff_Fo_to_Fc               ? 
_refine.correlation_coeff_Fo_to_Fc_free          ? 
_refine.B_iso_mean                               ? 
_refine.aniso_B[1][1]                            ? 
_refine.aniso_B[2][2]                            ? 
_refine.aniso_B[3][3]                            ? 
_refine.aniso_B[1][2]                            ? 
_refine.aniso_B[1][3]                            ? 
_refine.aniso_B[2][3]                            ? 
_refine.solvent_model_details                    ? 
_refine.solvent_model_param_ksol                 ? 
_refine.solvent_model_param_bsol                 ? 
_refine.pdbx_solvent_vdw_probe_radii             ? 
_refine.pdbx_solvent_ion_probe_radii             ? 
_refine.pdbx_solvent_shrinkage_radii             ? 
_refine.pdbx_ls_cross_valid_method               'FREE R' 
_refine.details                                  'ANISOTROPIC REFINEMENT REDUCED FREE R (NO CUTOFF) BY 0.0326' 
_refine.pdbx_starting_model                      1TD3 
_refine.pdbx_method_to_determine_struct          'MOLECULAR REPLACEMENT' 
_refine.pdbx_isotropic_thermal_model             ? 
_refine.pdbx_stereochemistry_target_values       'ENGH & HUBER' 
_refine.pdbx_stereochem_target_val_spec_case     ? 
_refine.pdbx_R_Free_selection_details            RANDOM 
_refine.pdbx_overall_ESU_R                       ? 
_refine.pdbx_overall_ESU_R_Free                  ? 
_refine.overall_SU_ML                            ? 
_refine.overall_SU_B                             ? 
_refine.ls_redundancy_reflns_obs                 ? 
_refine.B_iso_min                                ? 
_refine.B_iso_max                                ? 
_refine.overall_SU_R_Cruickshank_DPI             ? 
_refine.overall_SU_R_free                        ? 
_refine.ls_wR_factor_R_free                      ? 
_refine.ls_wR_factor_R_work                      ? 
_refine.overall_FOM_free_R_set                   ? 
_refine.overall_FOM_work_R_set                   ? 
_refine.pdbx_refine_id                           'X-RAY DIFFRACTION' 
_refine.pdbx_diffrn_id                           1 
_refine.pdbx_TLS_residual_ADP_flag               ? 
_refine.pdbx_overall_phase_error                 ? 
_refine.pdbx_overall_SU_R_free_Cruickshank_DPI   ? 
_refine.pdbx_overall_SU_R_Blow_DPI               ? 
_refine.pdbx_overall_SU_R_free_Blow_DPI          ? 
# 
_refine_analyze.entry_id                        1TD4 
_refine_analyze.Luzzati_coordinate_error_obs    ? 
_refine_analyze.Luzzati_sigma_a_obs             ? 
_refine_analyze.Luzzati_d_res_low_obs           ? 
_refine_analyze.Luzzati_coordinate_error_free   ? 
_refine_analyze.Luzzati_sigma_a_free            ? 
_refine_analyze.Luzzati_d_res_low_free          ? 
_refine_analyze.number_disordered_residues      5 
_refine_analyze.occupancy_sum_hydrogen          0.00 
_refine_analyze.occupancy_sum_non_hydrogen      912.33 
_refine_analyze.pdbx_Luzzati_d_res_high_obs     ? 
_refine_analyze.pdbx_refine_id                  'X-RAY DIFFRACTION' 
# 
_refine_hist.pdbx_refine_id                   'X-RAY DIFFRACTION' 
_refine_hist.cycle_id                         LAST 
_refine_hist.pdbx_number_atoms_protein        756 
_refine_hist.pdbx_number_atoms_nucleic_acid   0 
_refine_hist.pdbx_number_atoms_ligand         0 
_refine_hist.number_atoms_solvent             167 
_refine_hist.number_atoms_total               923 
_refine_hist.d_res_high                       1.50 
_refine_hist.d_res_low                        40.00 
# 
loop_
_refine_ls_restr.type 
_refine_ls_restr.dev_ideal 
_refine_ls_restr.dev_ideal_target 
_refine_ls_restr.weight 
_refine_ls_restr.number 
_refine_ls_restr.pdbx_refine_id 
_refine_ls_restr.pdbx_restraint_function 
s_bond_d               0.011 ? ? ? 'X-RAY DIFFRACTION' ? 
s_angle_d              0.028 ? ? ? 'X-RAY DIFFRACTION' ? 
s_similar_dist         0.000 ? ? ? 'X-RAY DIFFRACTION' ? 
s_from_restr_planes    0.027 ? ? ? 'X-RAY DIFFRACTION' ? 
s_zero_chiral_vol      0.046 ? ? ? 'X-RAY DIFFRACTION' ? 
s_non_zero_chiral_vol  0.054 ? ? ? 'X-RAY DIFFRACTION' ? 
s_anti_bump_dis_restr  0.023 ? ? ? 'X-RAY DIFFRACTION' ? 
s_rigid_bond_adp_cmpnt 0.003 ? ? ? 'X-RAY DIFFRACTION' ? 
s_similar_adp_cmpnt    0.054 ? ? ? 'X-RAY DIFFRACTION' ? 
s_approx_iso_adps      0.000 ? ? ? 'X-RAY DIFFRACTION' ? 
# 
_pdbx_refine.entry_id                                    1TD4 
_pdbx_refine.R_factor_all_no_cutoff                      0.1377 
_pdbx_refine.R_factor_obs_no_cutoff                      0.1261 
_pdbx_refine.free_R_factor_no_cutoff                     0.1958 
_pdbx_refine.free_R_val_test_set_size_perc_no_cutoff     5.300 
_pdbx_refine.free_R_val_test_set_ct_no_cutoff            669 
_pdbx_refine.R_factor_all_4sig_cutoff                    0.1247 
_pdbx_refine.R_factor_obs_4sig_cutoff                    0.1131 
_pdbx_refine.free_R_factor_4sig_cutoff                   0.1848 
_pdbx_refine.free_R_val_test_set_size_perc_4sig_cutoff   5.300 
_pdbx_refine.free_R_val_test_set_ct_4sig_cutoff          569 
_pdbx_refine.number_reflns_obs_4sig_cutoff               10706 
_pdbx_refine.number_reflns_obs_no_cutoff                 ? 
_pdbx_refine.pdbx_refine_id                              'X-RAY DIFFRACTION' 
_pdbx_refine.free_R_error_no_cutoff                      ? 
# 
_struct.entry_id                  1TD4 
_struct.title                     'Crystal structure of VSHP_BPP21 in space group H3 with high resolution.' 
_struct.pdbx_model_details        ? 
_struct.pdbx_CASP_flag            ? 
_struct.pdbx_model_type_details   ? 
# 
_struct_keywords.entry_id        1TD4 
_struct_keywords.pdbx_keywords   'VIRAL PROTEIN' 
_struct_keywords.text            'SHP, Viral protein' 
# 
loop_
_struct_asym.id 
_struct_asym.pdbx_blank_PDB_chainid_flag 
_struct_asym.pdbx_modified 
_struct_asym.entity_id 
_struct_asym.details 
A N N 1 ? 
B N N 2 ? 
# 
_struct_ref.id                         1 
_struct_ref.db_name                    UNP 
_struct_ref.db_code                    VSHP_BPP21 
_struct_ref.pdbx_db_accession          P36275 
_struct_ref.entity_id                  1 
_struct_ref.pdbx_seq_one_letter_code   
;MVTKTITEQRAEVRIFAGNDPAHTATGSSGISSPTPALTPLMLDEATGKLVVWDGQKAGSAVGILVLPLEGTETALTYYK
SGTFATEAIHWPESVDEHKKANAFAGSALSHAALP
;
_struct_ref.pdbx_align_begin           1 
_struct_ref.pdbx_db_isoform            ? 
# 
_struct_ref_seq.align_id                      1 
_struct_ref_seq.ref_id                        1 
_struct_ref_seq.pdbx_PDB_id_code              1TD4 
_struct_ref_seq.pdbx_strand_id                A 
_struct_ref_seq.seq_align_beg                 1 
_struct_ref_seq.pdbx_seq_align_beg_ins_code   ? 
_struct_ref_seq.seq_align_end                 115 
_struct_ref_seq.pdbx_seq_align_end_ins_code   ? 
_struct_ref_seq.pdbx_db_accession             P36275 
_struct_ref_seq.db_align_beg                  1 
_struct_ref_seq.pdbx_db_align_beg_ins_code    ? 
_struct_ref_seq.db_align_end                  115 
_struct_ref_seq.pdbx_db_align_end_ins_code    ? 
_struct_ref_seq.pdbx_auth_seq_align_beg       0 
_struct_ref_seq.pdbx_auth_seq_align_end       114 
# 
_struct_ref_seq_dif.align_id                     1 
_struct_ref_seq_dif.pdbx_pdb_id_code             1TD4 
_struct_ref_seq_dif.mon_id                       DSN 
_struct_ref_seq_dif.pdbx_pdb_strand_id           A 
_struct_ref_seq_dif.seq_num                      94 
_struct_ref_seq_dif.pdbx_pdb_ins_code            ? 
_struct_ref_seq_dif.pdbx_seq_db_name             UNP 
_struct_ref_seq_dif.pdbx_seq_db_accession_code   P36275 
_struct_ref_seq_dif.db_mon_id                    SER 
_struct_ref_seq_dif.pdbx_seq_db_seq_num          94 
_struct_ref_seq_dif.details                      'modified residue' 
_struct_ref_seq_dif.pdbx_auth_seq_num            93 
_struct_ref_seq_dif.pdbx_ordinal                 1 
# 
_pdbx_struct_assembly.id                   1 
_pdbx_struct_assembly.details              author_defined_assembly 
_pdbx_struct_assembly.method_details       ? 
_pdbx_struct_assembly.oligomeric_details   trimeric 
_pdbx_struct_assembly.oligomeric_count     3 
# 
_pdbx_struct_assembly_gen.assembly_id       1 
_pdbx_struct_assembly_gen.oper_expression   1,2,3 
_pdbx_struct_assembly_gen.asym_id_list      A,B 
# 
loop_
_pdbx_struct_oper_list.id 
_pdbx_struct_oper_list.type 
_pdbx_struct_oper_list.name 
_pdbx_struct_oper_list.symmetry_operation 
_pdbx_struct_oper_list.matrix[1][1] 
_pdbx_struct_oper_list.matrix[1][2] 
_pdbx_struct_oper_list.matrix[1][3] 
_pdbx_struct_oper_list.vector[1] 
_pdbx_struct_oper_list.matrix[2][1] 
_pdbx_struct_oper_list.matrix[2][2] 
_pdbx_struct_oper_list.matrix[2][3] 
_pdbx_struct_oper_list.vector[2] 
_pdbx_struct_oper_list.matrix[3][1] 
_pdbx_struct_oper_list.matrix[3][2] 
_pdbx_struct_oper_list.matrix[3][3] 
_pdbx_struct_oper_list.vector[3] 
1 'identity operation'         1_555 x,y,z     1.0000000000 0.0000000000  0.0000000000 0.0000000000  0.0000000000  1.0000000000  0.0000000000  0.0000000000  0.0000000000 0.0000000000  1.0000000000  0.0000000000  
2 'crystal symmetry operation' 2_555 -y,x-y,z  0.7117929087 -0.4615798194 0.5294288672 5.4256831850  0.2895553208  -0.4938949081 -0.8198936126 20.7253796895 0.6399285673 0.7368934048  -0.2178980006 -8.1962413598 
3 'crystal symmetry operation' 3_555 -x+y,-x,z 0.7117929087 0.2895553208  0.6399285673 -4.6180977909 -0.4615798194 -0.4938949081 0.7368934048  18.7803015646 0.5294288672 -0.8198936126 -0.2178980006 12.3341485181 
# 
_struct_biol.id                    1 
_struct_biol.pdbx_parent_biol_id   ? 
_struct_biol.details               ? 
# 
loop_
_struct_conf.conf_type_id 
_struct_conf.id 
_struct_conf.pdbx_PDB_helix_id 
_struct_conf.beg_label_comp_id 
_struct_conf.beg_label_asym_id 
_struct_conf.beg_label_seq_id 
_struct_conf.pdbx_beg_PDB_ins_code 
_struct_conf.end_label_comp_id 
_struct_conf.end_label_asym_id 
_struct_conf.end_label_seq_id 
_struct_conf.pdbx_end_PDB_ins_code 
_struct_conf.beg_auth_comp_id 
_struct_conf.beg_auth_asym_id 
_struct_conf.beg_auth_seq_id 
_struct_conf.end_auth_comp_id 
_struct_conf.end_auth_asym_id 
_struct_conf.end_auth_seq_id 
_struct_conf.pdbx_PDB_helix_class 
_struct_conf.details 
_struct_conf.pdbx_PDB_helix_length 
HELX_P HELX_P1 1 GLU A 87 ? ILE A 89  ? GLU A 86 ILE A 88  5 ? 3 
HELX_P HELX_P2 2 ASP A 96 ? ASN A 102 ? ASP A 95 ASN A 101 1 ? 7 
# 
_struct_conf_type.id          HELX_P 
_struct_conf_type.criteria    ? 
_struct_conf_type.reference   ? 
# 
loop_
_struct_conn.id 
_struct_conn.conn_type_id 
_struct_conn.pdbx_leaving_atom_flag 
_struct_conn.pdbx_PDB_id 
_struct_conn.ptnr1_label_asym_id 
_struct_conn.ptnr1_label_comp_id 
_struct_conn.ptnr1_label_seq_id 
_struct_conn.ptnr1_label_atom_id 
_struct_conn.pdbx_ptnr1_label_alt_id 
_struct_conn.pdbx_ptnr1_PDB_ins_code 
_struct_conn.pdbx_ptnr1_standard_comp_id 
_struct_conn.ptnr1_symmetry 
_struct_conn.ptnr2_label_asym_id 
_struct_conn.ptnr2_label_comp_id 
_struct_conn.ptnr2_label_seq_id 
_struct_conn.ptnr2_label_atom_id 
_struct_conn.pdbx_ptnr2_label_alt_id 
_struct_conn.pdbx_ptnr2_PDB_ins_code 
_struct_conn.ptnr1_auth_asym_id 
_struct_conn.ptnr1_auth_comp_id 
_struct_conn.ptnr1_auth_seq_id 
_struct_conn.ptnr2_auth_asym_id 
_struct_conn.ptnr2_auth_comp_id 
_struct_conn.ptnr2_auth_seq_id 
_struct_conn.ptnr2_symmetry 
_struct_conn.pdbx_ptnr3_label_atom_id 
_struct_conn.pdbx_ptnr3_label_seq_id 
_struct_conn.pdbx_ptnr3_label_comp_id 
_struct_conn.pdbx_ptnr3_label_asym_id 
_struct_conn.pdbx_ptnr3_label_alt_id 
_struct_conn.pdbx_ptnr3_PDB_ins_code 
_struct_conn.details 
_struct_conn.pdbx_dist_value 
_struct_conn.pdbx_value_order 
_struct_conn.pdbx_role 
covale1 covale both ? A GLU 93 C ? ? ? 1_555 A DSN 94 N ? ? A GLU 92 A DSN 93 1_555 ? ? ? ? ? ? ? 1.314 ? ? 
covale2 covale both ? A DSN 94 C ? ? ? 1_555 A VAL 95 N ? ? A DSN 93 A VAL 94 1_555 ? ? ? ? ? ? ? 1.327 ? ? 
# 
_struct_conn_type.id          covale 
_struct_conn_type.criteria    ? 
_struct_conn_type.reference   ? 
# 
_struct_mon_prot_cis.pdbx_id                1 
_struct_mon_prot_cis.label_comp_id          LEU 
_struct_mon_prot_cis.label_seq_id           114 
_struct_mon_prot_cis.label_asym_id          A 
_struct_mon_prot_cis.label_alt_id           . 
_struct_mon_prot_cis.pdbx_PDB_ins_code      ? 
_struct_mon_prot_cis.auth_comp_id           LEU 
_struct_mon_prot_cis.auth_seq_id            113 
_struct_mon_prot_cis.auth_asym_id           A 
_struct_mon_prot_cis.pdbx_label_comp_id_2   PRO 
_struct_mon_prot_cis.pdbx_label_seq_id_2    115 
_struct_mon_prot_cis.pdbx_label_asym_id_2   A 
_struct_mon_prot_cis.pdbx_PDB_ins_code_2    ? 
_struct_mon_prot_cis.pdbx_auth_comp_id_2    PRO 
_struct_mon_prot_cis.pdbx_auth_seq_id_2     114 
_struct_mon_prot_cis.pdbx_auth_asym_id_2    A 
_struct_mon_prot_cis.pdbx_PDB_model_num     1 
_struct_mon_prot_cis.pdbx_omega_angle       -7.33 
# 
loop_
_struct_sheet.id 
_struct_sheet.type 
_struct_sheet.number_strands 
_struct_sheet.details 
A ? 5 ? 
B ? 2 ? 
# 
loop_
_struct_sheet_order.sheet_id 
_struct_sheet_order.range_id_1 
_struct_sheet_order.range_id_2 
_struct_sheet_order.offset 
_struct_sheet_order.sense 
A 1 2 ? anti-parallel 
A 2 3 ? anti-parallel 
A 3 4 ? anti-parallel 
A 4 5 ? anti-parallel 
B 1 2 ? parallel      
# 
loop_
_struct_sheet_range.sheet_id 
_struct_sheet_range.id 
_struct_sheet_range.beg_label_comp_id 
_struct_sheet_range.beg_label_asym_id 
_struct_sheet_range.beg_label_seq_id 
_struct_sheet_range.pdbx_beg_PDB_ins_code 
_struct_sheet_range.end_label_comp_id 
_struct_sheet_range.end_label_asym_id 
_struct_sheet_range.end_label_seq_id 
_struct_sheet_range.pdbx_end_PDB_ins_code 
_struct_sheet_range.beg_auth_comp_id 
_struct_sheet_range.beg_auth_asym_id 
_struct_sheet_range.beg_auth_seq_id 
_struct_sheet_range.end_auth_comp_id 
_struct_sheet_range.end_auth_asym_id 
_struct_sheet_range.end_auth_seq_id 
A 1 THR A 24  ? SER A 28  ? THR A 23  SER A 27  
A 2 ALA A 75  ? TYR A 79  ? ALA A 74  TYR A 78  
A 3 GLY A 63  ? LEU A 65  ? GLY A 62  LEU A 64  
A 4 PRO A 40  ? LEU A 43  ? PRO A 39  LEU A 42  
A 5 LEU A 50  ? VAL A 52  ? LEU A 49  VAL A 51  
B 1 SER A 81  ? ALA A 85  ? SER A 80  ALA A 84  
B 2 ALA A 108 ? ALA A 112 ? ALA A 107 ALA A 111 
# 
loop_
_pdbx_struct_sheet_hbond.sheet_id 
_pdbx_struct_sheet_hbond.range_id_1 
_pdbx_struct_sheet_hbond.range_id_2 
_pdbx_struct_sheet_hbond.range_1_label_atom_id 
_pdbx_struct_sheet_hbond.range_1_label_comp_id 
_pdbx_struct_sheet_hbond.range_1_label_asym_id 
_pdbx_struct_sheet_hbond.range_1_label_seq_id 
_pdbx_struct_sheet_hbond.range_1_PDB_ins_code 
_pdbx_struct_sheet_hbond.range_1_auth_atom_id 
_pdbx_struct_sheet_hbond.range_1_auth_comp_id 
_pdbx_struct_sheet_hbond.range_1_auth_asym_id 
_pdbx_struct_sheet_hbond.range_1_auth_seq_id 
_pdbx_struct_sheet_hbond.range_2_label_atom_id 
_pdbx_struct_sheet_hbond.range_2_label_comp_id 
_pdbx_struct_sheet_hbond.range_2_label_asym_id 
_pdbx_struct_sheet_hbond.range_2_label_seq_id 
_pdbx_struct_sheet_hbond.range_2_PDB_ins_code 
_pdbx_struct_sheet_hbond.range_2_auth_atom_id 
_pdbx_struct_sheet_hbond.range_2_auth_comp_id 
_pdbx_struct_sheet_hbond.range_2_auth_asym_id 
_pdbx_struct_sheet_hbond.range_2_auth_seq_id 
A 1 2 N ALA A 25 ? N ALA A 24 O TYR A 78  ? O TYR A 77  
A 2 3 O TYR A 79 ? O TYR A 78 N ILE A 64  ? N ILE A 63  
A 3 4 O GLY A 63 ? O GLY A 62 N LEU A 41  ? N LEU A 40  
A 4 5 N MET A 42 ? N MET A 41 O VAL A 51  ? O VAL A 50  
B 1 2 N PHE A 84 ? N PHE A 83 O SER A 110 ? O SER A 109 
# 
_pdbx_entry_details.entry_id                   1TD4 
_pdbx_entry_details.compound_details           ? 
_pdbx_entry_details.source_details             ? 
_pdbx_entry_details.nonpolymer_details         ? 
_pdbx_entry_details.sequence_details           ? 
_pdbx_entry_details.has_ligand_of_interest     ? 
_pdbx_entry_details.has_protein_modification   N 
# 
loop_
_pdbx_validate_rmsd_angle.id 
_pdbx_validate_rmsd_angle.PDB_model_num 
_pdbx_validate_rmsd_angle.auth_atom_id_1 
_pdbx_validate_rmsd_angle.auth_asym_id_1 
_pdbx_validate_rmsd_angle.auth_comp_id_1 
_pdbx_validate_rmsd_angle.auth_seq_id_1 
_pdbx_validate_rmsd_angle.PDB_ins_code_1 
_pdbx_validate_rmsd_angle.label_alt_id_1 
_pdbx_validate_rmsd_angle.auth_atom_id_2 
_pdbx_validate_rmsd_angle.auth_asym_id_2 
_pdbx_validate_rmsd_angle.auth_comp_id_2 
_pdbx_validate_rmsd_angle.auth_seq_id_2 
_pdbx_validate_rmsd_angle.PDB_ins_code_2 
_pdbx_validate_rmsd_angle.label_alt_id_2 
_pdbx_validate_rmsd_angle.auth_atom_id_3 
_pdbx_validate_rmsd_angle.auth_asym_id_3 
_pdbx_validate_rmsd_angle.auth_comp_id_3 
_pdbx_validate_rmsd_angle.auth_seq_id_3 
_pdbx_validate_rmsd_angle.PDB_ins_code_3 
_pdbx_validate_rmsd_angle.label_alt_id_3 
_pdbx_validate_rmsd_angle.angle_value 
_pdbx_validate_rmsd_angle.angle_target_value 
_pdbx_validate_rmsd_angle.angle_deviation 
_pdbx_validate_rmsd_angle.angle_standard_deviation 
_pdbx_validate_rmsd_angle.linker_flag 
1 1 CG  A MET 41 ? ? SD  A MET 41 ? ? CE  A MET 41 ? B 115.15 100.20 14.95 1.60 N 
2 1 CD1 A TRP 52 ? ? CG  A TRP 52 ? ? CD2 A TRP 52 ? ? 100.88 106.30 -5.42 0.80 N 
3 1 CG  A TRP 52 ? ? CD1 A TRP 52 ? ? NE1 A TRP 52 ? ? 117.60 110.10 7.50  1.00 N 
# 
_pdbx_struct_mod_residue.id               1 
_pdbx_struct_mod_residue.label_asym_id    A 
_pdbx_struct_mod_residue.label_comp_id    DSN 
_pdbx_struct_mod_residue.label_seq_id     94 
_pdbx_struct_mod_residue.auth_asym_id     A 
_pdbx_struct_mod_residue.auth_comp_id     DSN 
_pdbx_struct_mod_residue.auth_seq_id      93 
_pdbx_struct_mod_residue.PDB_ins_code     ? 
_pdbx_struct_mod_residue.parent_comp_id   SER 
_pdbx_struct_mod_residue.details          D-SERINE 
# 
loop_
_pdbx_struct_special_symmetry.id 
_pdbx_struct_special_symmetry.PDB_model_num 
_pdbx_struct_special_symmetry.auth_asym_id 
_pdbx_struct_special_symmetry.auth_comp_id 
_pdbx_struct_special_symmetry.auth_seq_id 
_pdbx_struct_special_symmetry.PDB_ins_code 
_pdbx_struct_special_symmetry.label_asym_id 
_pdbx_struct_special_symmetry.label_comp_id 
_pdbx_struct_special_symmetry.label_seq_id 
1 1 A HOH 206 ? B HOH . 
2 1 A HOH 282 ? B HOH . 
3 1 A HOH 335 ? B HOH . 
# 
loop_
_pdbx_unobs_or_zero_occ_residues.id 
_pdbx_unobs_or_zero_occ_residues.PDB_model_num 
_pdbx_unobs_or_zero_occ_residues.polymer_flag 
_pdbx_unobs_or_zero_occ_residues.occupancy_flag 
_pdbx_unobs_or_zero_occ_residues.auth_asym_id 
_pdbx_unobs_or_zero_occ_residues.auth_comp_id 
_pdbx_unobs_or_zero_occ_residues.auth_seq_id 
_pdbx_unobs_or_zero_occ_residues.PDB_ins_code 
_pdbx_unobs_or_zero_occ_residues.label_asym_id 
_pdbx_unobs_or_zero_occ_residues.label_comp_id 
_pdbx_unobs_or_zero_occ_residues.label_seq_id 
1  1 Y 1 A MET 0  ? A MET 1  
2  1 Y 1 A VAL 1  ? A VAL 2  
3  1 Y 1 A THR 2  ? A THR 3  
4  1 Y 1 A LYS 3  ? A LYS 4  
5  1 Y 1 A THR 4  ? A THR 5  
6  1 Y 1 A ILE 5  ? A ILE 6  
7  1 Y 1 A THR 6  ? A THR 7  
8  1 Y 1 A GLU 7  ? A GLU 8  
9  1 Y 1 A GLN 8  ? A GLN 9  
10 1 Y 1 A ARG 9  ? A ARG 10 
11 1 Y 1 A ALA 10 ? A ALA 11 
12 1 Y 1 A GLU 11 ? A GLU 12 
# 
loop_
_chem_comp_atom.comp_id 
_chem_comp_atom.atom_id 
_chem_comp_atom.type_symbol 
_chem_comp_atom.pdbx_aromatic_flag 
_chem_comp_atom.pdbx_stereo_config 
_chem_comp_atom.pdbx_ordinal 
ALA N    N N N 1   
ALA CA   C N S 2   
ALA C    C N N 3   
ALA O    O N N 4   
ALA CB   C N N 5   
ALA OXT  O N N 6   
ALA H    H N N 7   
ALA H2   H N N 8   
ALA HA   H N N 9   
ALA HB1  H N N 10  
ALA HB2  H N N 11  
ALA HB3  H N N 12  
ALA HXT  H N N 13  
ARG N    N N N 14  
ARG CA   C N S 15  
ARG C    C N N 16  
ARG O    O N N 17  
ARG CB   C N N 18  
ARG CG   C N N 19  
ARG CD   C N N 20  
ARG NE   N N N 21  
ARG CZ   C N N 22  
ARG NH1  N N N 23  
ARG NH2  N N N 24  
ARG OXT  O N N 25  
ARG H    H N N 26  
ARG H2   H N N 27  
ARG HA   H N N 28  
ARG HB2  H N N 29  
ARG HB3  H N N 30  
ARG HG2  H N N 31  
ARG HG3  H N N 32  
ARG HD2  H N N 33  
ARG HD3  H N N 34  
ARG HE   H N N 35  
ARG HH11 H N N 36  
ARG HH12 H N N 37  
ARG HH21 H N N 38  
ARG HH22 H N N 39  
ARG HXT  H N N 40  
ASN N    N N N 41  
ASN CA   C N S 42  
ASN C    C N N 43  
ASN O    O N N 44  
ASN CB   C N N 45  
ASN CG   C N N 46  
ASN OD1  O N N 47  
ASN ND2  N N N 48  
ASN OXT  O N N 49  
ASN H    H N N 50  
ASN H2   H N N 51  
ASN HA   H N N 52  
ASN HB2  H N N 53  
ASN HB3  H N N 54  
ASN HD21 H N N 55  
ASN HD22 H N N 56  
ASN HXT  H N N 57  
ASP N    N N N 58  
ASP CA   C N S 59  
ASP C    C N N 60  
ASP O    O N N 61  
ASP CB   C N N 62  
ASP CG   C N N 63  
ASP OD1  O N N 64  
ASP OD2  O N N 65  
ASP OXT  O N N 66  
ASP H    H N N 67  
ASP H2   H N N 68  
ASP HA   H N N 69  
ASP HB2  H N N 70  
ASP HB3  H N N 71  
ASP HD2  H N N 72  
ASP HXT  H N N 73  
DSN N    N N N 74  
DSN CA   C N R 75  
DSN C    C N N 76  
DSN O    O N N 77  
DSN OXT  O N N 78  
DSN CB   C N N 79  
DSN OG   O N N 80  
DSN H    H N N 81  
DSN H2   H N N 82  
DSN HA   H N N 83  
DSN HXT  H N N 84  
DSN HB2  H N N 85  
DSN HB3  H N N 86  
DSN HG   H N N 87  
GLN N    N N N 88  
GLN CA   C N S 89  
GLN C    C N N 90  
GLN O    O N N 91  
GLN CB   C N N 92  
GLN CG   C N N 93  
GLN CD   C N N 94  
GLN OE1  O N N 95  
GLN NE2  N N N 96  
GLN OXT  O N N 97  
GLN H    H N N 98  
GLN H2   H N N 99  
GLN HA   H N N 100 
GLN HB2  H N N 101 
GLN HB3  H N N 102 
GLN HG2  H N N 103 
GLN HG3  H N N 104 
GLN HE21 H N N 105 
GLN HE22 H N N 106 
GLN HXT  H N N 107 
GLU N    N N N 108 
GLU CA   C N S 109 
GLU C    C N N 110 
GLU O    O N N 111 
GLU CB   C N N 112 
GLU CG   C N N 113 
GLU CD   C N N 114 
GLU OE1  O N N 115 
GLU OE2  O N N 116 
GLU OXT  O N N 117 
GLU H    H N N 118 
GLU H2   H N N 119 
GLU HA   H N N 120 
GLU HB2  H N N 121 
GLU HB3  H N N 122 
GLU HG2  H N N 123 
GLU HG3  H N N 124 
GLU HE2  H N N 125 
GLU HXT  H N N 126 
GLY N    N N N 127 
GLY CA   C N N 128 
GLY C    C N N 129 
GLY O    O N N 130 
GLY OXT  O N N 131 
GLY H    H N N 132 
GLY H2   H N N 133 
GLY HA2  H N N 134 
GLY HA3  H N N 135 
GLY HXT  H N N 136 
HIS N    N N N 137 
HIS CA   C N S 138 
HIS C    C N N 139 
HIS O    O N N 140 
HIS CB   C N N 141 
HIS CG   C Y N 142 
HIS ND1  N Y N 143 
HIS CD2  C Y N 144 
HIS CE1  C Y N 145 
HIS NE2  N Y N 146 
HIS OXT  O N N 147 
HIS H    H N N 148 
HIS H2   H N N 149 
HIS HA   H N N 150 
HIS HB2  H N N 151 
HIS HB3  H N N 152 
HIS HD1  H N N 153 
HIS HD2  H N N 154 
HIS HE1  H N N 155 
HIS HE2  H N N 156 
HIS HXT  H N N 157 
HOH O    O N N 158 
HOH H1   H N N 159 
HOH H2   H N N 160 
ILE N    N N N 161 
ILE CA   C N S 162 
ILE C    C N N 163 
ILE O    O N N 164 
ILE CB   C N S 165 
ILE CG1  C N N 166 
ILE CG2  C N N 167 
ILE CD1  C N N 168 
ILE OXT  O N N 169 
ILE H    H N N 170 
ILE H2   H N N 171 
ILE HA   H N N 172 
ILE HB   H N N 173 
ILE HG12 H N N 174 
ILE HG13 H N N 175 
ILE HG21 H N N 176 
ILE HG22 H N N 177 
ILE HG23 H N N 178 
ILE HD11 H N N 179 
ILE HD12 H N N 180 
ILE HD13 H N N 181 
ILE HXT  H N N 182 
LEU N    N N N 183 
LEU CA   C N S 184 
LEU C    C N N 185 
LEU O    O N N 186 
LEU CB   C N N 187 
LEU CG   C N N 188 
LEU CD1  C N N 189 
LEU CD2  C N N 190 
LEU OXT  O N N 191 
LEU H    H N N 192 
LEU H2   H N N 193 
LEU HA   H N N 194 
LEU HB2  H N N 195 
LEU HB3  H N N 196 
LEU HG   H N N 197 
LEU HD11 H N N 198 
LEU HD12 H N N 199 
LEU HD13 H N N 200 
LEU HD21 H N N 201 
LEU HD22 H N N 202 
LEU HD23 H N N 203 
LEU HXT  H N N 204 
LYS N    N N N 205 
LYS CA   C N S 206 
LYS C    C N N 207 
LYS O    O N N 208 
LYS CB   C N N 209 
LYS CG   C N N 210 
LYS CD   C N N 211 
LYS CE   C N N 212 
LYS NZ   N N N 213 
LYS OXT  O N N 214 
LYS H    H N N 215 
LYS H2   H N N 216 
LYS HA   H N N 217 
LYS HB2  H N N 218 
LYS HB3  H N N 219 
LYS HG2  H N N 220 
LYS HG3  H N N 221 
LYS HD2  H N N 222 
LYS HD3  H N N 223 
LYS HE2  H N N 224 
LYS HE3  H N N 225 
LYS HZ1  H N N 226 
LYS HZ2  H N N 227 
LYS HZ3  H N N 228 
LYS HXT  H N N 229 
MET N    N N N 230 
MET CA   C N S 231 
MET C    C N N 232 
MET O    O N N 233 
MET CB   C N N 234 
MET CG   C N N 235 
MET SD   S N N 236 
MET CE   C N N 237 
MET OXT  O N N 238 
MET H    H N N 239 
MET H2   H N N 240 
MET HA   H N N 241 
MET HB2  H N N 242 
MET HB3  H N N 243 
MET HG2  H N N 244 
MET HG3  H N N 245 
MET HE1  H N N 246 
MET HE2  H N N 247 
MET HE3  H N N 248 
MET HXT  H N N 249 
PHE N    N N N 250 
PHE CA   C N S 251 
PHE C    C N N 252 
PHE O    O N N 253 
PHE CB   C N N 254 
PHE CG   C Y N 255 
PHE CD1  C Y N 256 
PHE CD2  C Y N 257 
PHE CE1  C Y N 258 
PHE CE2  C Y N 259 
PHE CZ   C Y N 260 
PHE OXT  O N N 261 
PHE H    H N N 262 
PHE H2   H N N 263 
PHE HA   H N N 264 
PHE HB2  H N N 265 
PHE HB3  H N N 266 
PHE HD1  H N N 267 
PHE HD2  H N N 268 
PHE HE1  H N N 269 
PHE HE2  H N N 270 
PHE HZ   H N N 271 
PHE HXT  H N N 272 
PRO N    N N N 273 
PRO CA   C N S 274 
PRO C    C N N 275 
PRO O    O N N 276 
PRO CB   C N N 277 
PRO CG   C N N 278 
PRO CD   C N N 279 
PRO OXT  O N N 280 
PRO H    H N N 281 
PRO HA   H N N 282 
PRO HB2  H N N 283 
PRO HB3  H N N 284 
PRO HG2  H N N 285 
PRO HG3  H N N 286 
PRO HD2  H N N 287 
PRO HD3  H N N 288 
PRO HXT  H N N 289 
SER N    N N N 290 
SER CA   C N S 291 
SER C    C N N 292 
SER O    O N N 293 
SER CB   C N N 294 
SER OG   O N N 295 
SER OXT  O N N 296 
SER H    H N N 297 
SER H2   H N N 298 
SER HA   H N N 299 
SER HB2  H N N 300 
SER HB3  H N N 301 
SER HG   H N N 302 
SER HXT  H N N 303 
THR N    N N N 304 
THR CA   C N S 305 
THR C    C N N 306 
THR O    O N N 307 
THR CB   C N R 308 
THR OG1  O N N 309 
THR CG2  C N N 310 
THR OXT  O N N 311 
THR H    H N N 312 
THR H2   H N N 313 
THR HA   H N N 314 
THR HB   H N N 315 
THR HG1  H N N 316 
THR HG21 H N N 317 
THR HG22 H N N 318 
THR HG23 H N N 319 
THR HXT  H N N 320 
TRP N    N N N 321 
TRP CA   C N S 322 
TRP C    C N N 323 
TRP O    O N N 324 
TRP CB   C N N 325 
TRP CG   C Y N 326 
TRP CD1  C Y N 327 
TRP CD2  C Y N 328 
TRP NE1  N Y N 329 
TRP CE2  C Y N 330 
TRP CE3  C Y N 331 
TRP CZ2  C Y N 332 
TRP CZ3  C Y N 333 
TRP CH2  C Y N 334 
TRP OXT  O N N 335 
TRP H    H N N 336 
TRP H2   H N N 337 
TRP HA   H N N 338 
TRP HB2  H N N 339 
TRP HB3  H N N 340 
TRP HD1  H N N 341 
TRP HE1  H N N 342 
TRP HE3  H N N 343 
TRP HZ2  H N N 344 
TRP HZ3  H N N 345 
TRP HH2  H N N 346 
TRP HXT  H N N 347 
TYR N    N N N 348 
TYR CA   C N S 349 
TYR C    C N N 350 
TYR O    O N N 351 
TYR CB   C N N 352 
TYR CG   C Y N 353 
TYR CD1  C Y N 354 
TYR CD2  C Y N 355 
TYR CE1  C Y N 356 
TYR CE2  C Y N 357 
TYR CZ   C Y N 358 
TYR OH   O N N 359 
TYR OXT  O N N 360 
TYR H    H N N 361 
TYR H2   H N N 362 
TYR HA   H N N 363 
TYR HB2  H N N 364 
TYR HB3  H N N 365 
TYR HD1  H N N 366 
TYR HD2  H N N 367 
TYR HE1  H N N 368 
TYR HE2  H N N 369 
TYR HH   H N N 370 
TYR HXT  H N N 371 
VAL N    N N N 372 
VAL CA   C N S 373 
VAL C    C N N 374 
VAL O    O N N 375 
VAL CB   C N N 376 
VAL CG1  C N N 377 
VAL CG2  C N N 378 
VAL OXT  O N N 379 
VAL H    H N N 380 
VAL H2   H N N 381 
VAL HA   H N N 382 
VAL HB   H N N 383 
VAL HG11 H N N 384 
VAL HG12 H N N 385 
VAL HG13 H N N 386 
VAL HG21 H N N 387 
VAL HG22 H N N 388 
VAL HG23 H N N 389 
VAL HXT  H N N 390 
# 
loop_
_chem_comp_bond.comp_id 
_chem_comp_bond.atom_id_1 
_chem_comp_bond.atom_id_2 
_chem_comp_bond.value_order 
_chem_comp_bond.pdbx_aromatic_flag 
_chem_comp_bond.pdbx_stereo_config 
_chem_comp_bond.pdbx_ordinal 
ALA N   CA   sing N N 1   
ALA N   H    sing N N 2   
ALA N   H2   sing N N 3   
ALA CA  C    sing N N 4   
ALA CA  CB   sing N N 5   
ALA CA  HA   sing N N 6   
ALA C   O    doub N N 7   
ALA C   OXT  sing N N 8   
ALA CB  HB1  sing N N 9   
ALA CB  HB2  sing N N 10  
ALA CB  HB3  sing N N 11  
ALA OXT HXT  sing N N 12  
ARG N   CA   sing N N 13  
ARG N   H    sing N N 14  
ARG N   H2   sing N N 15  
ARG CA  C    sing N N 16  
ARG CA  CB   sing N N 17  
ARG CA  HA   sing N N 18  
ARG C   O    doub N N 19  
ARG C   OXT  sing N N 20  
ARG CB  CG   sing N N 21  
ARG CB  HB2  sing N N 22  
ARG CB  HB3  sing N N 23  
ARG CG  CD   sing N N 24  
ARG CG  HG2  sing N N 25  
ARG CG  HG3  sing N N 26  
ARG CD  NE   sing N N 27  
ARG CD  HD2  sing N N 28  
ARG CD  HD3  sing N N 29  
ARG NE  CZ   sing N N 30  
ARG NE  HE   sing N N 31  
ARG CZ  NH1  sing N N 32  
ARG CZ  NH2  doub N N 33  
ARG NH1 HH11 sing N N 34  
ARG NH1 HH12 sing N N 35  
ARG NH2 HH21 sing N N 36  
ARG NH2 HH22 sing N N 37  
ARG OXT HXT  sing N N 38  
ASN N   CA   sing N N 39  
ASN N   H    sing N N 40  
ASN N   H2   sing N N 41  
ASN CA  C    sing N N 42  
ASN CA  CB   sing N N 43  
ASN CA  HA   sing N N 44  
ASN C   O    doub N N 45  
ASN C   OXT  sing N N 46  
ASN CB  CG   sing N N 47  
ASN CB  HB2  sing N N 48  
ASN CB  HB3  sing N N 49  
ASN CG  OD1  doub N N 50  
ASN CG  ND2  sing N N 51  
ASN ND2 HD21 sing N N 52  
ASN ND2 HD22 sing N N 53  
ASN OXT HXT  sing N N 54  
ASP N   CA   sing N N 55  
ASP N   H    sing N N 56  
ASP N   H2   sing N N 57  
ASP CA  C    sing N N 58  
ASP CA  CB   sing N N 59  
ASP CA  HA   sing N N 60  
ASP C   O    doub N N 61  
ASP C   OXT  sing N N 62  
ASP CB  CG   sing N N 63  
ASP CB  HB2  sing N N 64  
ASP CB  HB3  sing N N 65  
ASP CG  OD1  doub N N 66  
ASP CG  OD2  sing N N 67  
ASP OD2 HD2  sing N N 68  
ASP OXT HXT  sing N N 69  
DSN N   CA   sing N N 70  
DSN N   H    sing N N 71  
DSN N   H2   sing N N 72  
DSN CA  C    sing N N 73  
DSN CA  CB   sing N N 74  
DSN CA  HA   sing N N 75  
DSN C   O    doub N N 76  
DSN C   OXT  sing N N 77  
DSN OXT HXT  sing N N 78  
DSN CB  OG   sing N N 79  
DSN CB  HB2  sing N N 80  
DSN CB  HB3  sing N N 81  
DSN OG  HG   sing N N 82  
GLN N   CA   sing N N 83  
GLN N   H    sing N N 84  
GLN N   H2   sing N N 85  
GLN CA  C    sing N N 86  
GLN CA  CB   sing N N 87  
GLN CA  HA   sing N N 88  
GLN C   O    doub N N 89  
GLN C   OXT  sing N N 90  
GLN CB  CG   sing N N 91  
GLN CB  HB2  sing N N 92  
GLN CB  HB3  sing N N 93  
GLN CG  CD   sing N N 94  
GLN CG  HG2  sing N N 95  
GLN CG  HG3  sing N N 96  
GLN CD  OE1  doub N N 97  
GLN CD  NE2  sing N N 98  
GLN NE2 HE21 sing N N 99  
GLN NE2 HE22 sing N N 100 
GLN OXT HXT  sing N N 101 
GLU N   CA   sing N N 102 
GLU N   H    sing N N 103 
GLU N   H2   sing N N 104 
GLU CA  C    sing N N 105 
GLU CA  CB   sing N N 106 
GLU CA  HA   sing N N 107 
GLU C   O    doub N N 108 
GLU C   OXT  sing N N 109 
GLU CB  CG   sing N N 110 
GLU CB  HB2  sing N N 111 
GLU CB  HB3  sing N N 112 
GLU CG  CD   sing N N 113 
GLU CG  HG2  sing N N 114 
GLU CG  HG3  sing N N 115 
GLU CD  OE1  doub N N 116 
GLU CD  OE2  sing N N 117 
GLU OE2 HE2  sing N N 118 
GLU OXT HXT  sing N N 119 
GLY N   CA   sing N N 120 
GLY N   H    sing N N 121 
GLY N   H2   sing N N 122 
GLY CA  C    sing N N 123 
GLY CA  HA2  sing N N 124 
GLY CA  HA3  sing N N 125 
GLY C   O    doub N N 126 
GLY C   OXT  sing N N 127 
GLY OXT HXT  sing N N 128 
HIS N   CA   sing N N 129 
HIS N   H    sing N N 130 
HIS N   H2   sing N N 131 
HIS CA  C    sing N N 132 
HIS CA  CB   sing N N 133 
HIS CA  HA   sing N N 134 
HIS C   O    doub N N 135 
HIS C   OXT  sing N N 136 
HIS CB  CG   sing N N 137 
HIS CB  HB2  sing N N 138 
HIS CB  HB3  sing N N 139 
HIS CG  ND1  sing Y N 140 
HIS CG  CD2  doub Y N 141 
HIS ND1 CE1  doub Y N 142 
HIS ND1 HD1  sing N N 143 
HIS CD2 NE2  sing Y N 144 
HIS CD2 HD2  sing N N 145 
HIS CE1 NE2  sing Y N 146 
HIS CE1 HE1  sing N N 147 
HIS NE2 HE2  sing N N 148 
HIS OXT HXT  sing N N 149 
HOH O   H1   sing N N 150 
HOH O   H2   sing N N 151 
ILE N   CA   sing N N 152 
ILE N   H    sing N N 153 
ILE N   H2   sing N N 154 
ILE CA  C    sing N N 155 
ILE CA  CB   sing N N 156 
ILE CA  HA   sing N N 157 
ILE C   O    doub N N 158 
ILE C   OXT  sing N N 159 
ILE CB  CG1  sing N N 160 
ILE CB  CG2  sing N N 161 
ILE CB  HB   sing N N 162 
ILE CG1 CD1  sing N N 163 
ILE CG1 HG12 sing N N 164 
ILE CG1 HG13 sing N N 165 
ILE CG2 HG21 sing N N 166 
ILE CG2 HG22 sing N N 167 
ILE CG2 HG23 sing N N 168 
ILE CD1 HD11 sing N N 169 
ILE CD1 HD12 sing N N 170 
ILE CD1 HD13 sing N N 171 
ILE OXT HXT  sing N N 172 
LEU N   CA   sing N N 173 
LEU N   H    sing N N 174 
LEU N   H2   sing N N 175 
LEU CA  C    sing N N 176 
LEU CA  CB   sing N N 177 
LEU CA  HA   sing N N 178 
LEU C   O    doub N N 179 
LEU C   OXT  sing N N 180 
LEU CB  CG   sing N N 181 
LEU CB  HB2  sing N N 182 
LEU CB  HB3  sing N N 183 
LEU CG  CD1  sing N N 184 
LEU CG  CD2  sing N N 185 
LEU CG  HG   sing N N 186 
LEU CD1 HD11 sing N N 187 
LEU CD1 HD12 sing N N 188 
LEU CD1 HD13 sing N N 189 
LEU CD2 HD21 sing N N 190 
LEU CD2 HD22 sing N N 191 
LEU CD2 HD23 sing N N 192 
LEU OXT HXT  sing N N 193 
LYS N   CA   sing N N 194 
LYS N   H    sing N N 195 
LYS N   H2   sing N N 196 
LYS CA  C    sing N N 197 
LYS CA  CB   sing N N 198 
LYS CA  HA   sing N N 199 
LYS C   O    doub N N 200 
LYS C   OXT  sing N N 201 
LYS CB  CG   sing N N 202 
LYS CB  HB2  sing N N 203 
LYS CB  HB3  sing N N 204 
LYS CG  CD   sing N N 205 
LYS CG  HG2  sing N N 206 
LYS CG  HG3  sing N N 207 
LYS CD  CE   sing N N 208 
LYS CD  HD2  sing N N 209 
LYS CD  HD3  sing N N 210 
LYS CE  NZ   sing N N 211 
LYS CE  HE2  sing N N 212 
LYS CE  HE3  sing N N 213 
LYS NZ  HZ1  sing N N 214 
LYS NZ  HZ2  sing N N 215 
LYS NZ  HZ3  sing N N 216 
LYS OXT HXT  sing N N 217 
MET N   CA   sing N N 218 
MET N   H    sing N N 219 
MET N   H2   sing N N 220 
MET CA  C    sing N N 221 
MET CA  CB   sing N N 222 
MET CA  HA   sing N N 223 
MET C   O    doub N N 224 
MET C   OXT  sing N N 225 
MET CB  CG   sing N N 226 
MET CB  HB2  sing N N 227 
MET CB  HB3  sing N N 228 
MET CG  SD   sing N N 229 
MET CG  HG2  sing N N 230 
MET CG  HG3  sing N N 231 
MET SD  CE   sing N N 232 
MET CE  HE1  sing N N 233 
MET CE  HE2  sing N N 234 
MET CE  HE3  sing N N 235 
MET OXT HXT  sing N N 236 
PHE N   CA   sing N N 237 
PHE N   H    sing N N 238 
PHE N   H2   sing N N 239 
PHE CA  C    sing N N 240 
PHE CA  CB   sing N N 241 
PHE CA  HA   sing N N 242 
PHE C   O    doub N N 243 
PHE C   OXT  sing N N 244 
PHE CB  CG   sing N N 245 
PHE CB  HB2  sing N N 246 
PHE CB  HB3  sing N N 247 
PHE CG  CD1  doub Y N 248 
PHE CG  CD2  sing Y N 249 
PHE CD1 CE1  sing Y N 250 
PHE CD1 HD1  sing N N 251 
PHE CD2 CE2  doub Y N 252 
PHE CD2 HD2  sing N N 253 
PHE CE1 CZ   doub Y N 254 
PHE CE1 HE1  sing N N 255 
PHE CE2 CZ   sing Y N 256 
PHE CE2 HE2  sing N N 257 
PHE CZ  HZ   sing N N 258 
PHE OXT HXT  sing N N 259 
PRO N   CA   sing N N 260 
PRO N   CD   sing N N 261 
PRO N   H    sing N N 262 
PRO CA  C    sing N N 263 
PRO CA  CB   sing N N 264 
PRO CA  HA   sing N N 265 
PRO C   O    doub N N 266 
PRO C   OXT  sing N N 267 
PRO CB  CG   sing N N 268 
PRO CB  HB2  sing N N 269 
PRO CB  HB3  sing N N 270 
PRO CG  CD   sing N N 271 
PRO CG  HG2  sing N N 272 
PRO CG  HG3  sing N N 273 
PRO CD  HD2  sing N N 274 
PRO CD  HD3  sing N N 275 
PRO OXT HXT  sing N N 276 
SER N   CA   sing N N 277 
SER N   H    sing N N 278 
SER N   H2   sing N N 279 
SER CA  C    sing N N 280 
SER CA  CB   sing N N 281 
SER CA  HA   sing N N 282 
SER C   O    doub N N 283 
SER C   OXT  sing N N 284 
SER CB  OG   sing N N 285 
SER CB  HB2  sing N N 286 
SER CB  HB3  sing N N 287 
SER OG  HG   sing N N 288 
SER OXT HXT  sing N N 289 
THR N   CA   sing N N 290 
THR N   H    sing N N 291 
THR N   H2   sing N N 292 
THR CA  C    sing N N 293 
THR CA  CB   sing N N 294 
THR CA  HA   sing N N 295 
THR C   O    doub N N 296 
THR C   OXT  sing N N 297 
THR CB  OG1  sing N N 298 
THR CB  CG2  sing N N 299 
THR CB  HB   sing N N 300 
THR OG1 HG1  sing N N 301 
THR CG2 HG21 sing N N 302 
THR CG2 HG22 sing N N 303 
THR CG2 HG23 sing N N 304 
THR OXT HXT  sing N N 305 
TRP N   CA   sing N N 306 
TRP N   H    sing N N 307 
TRP N   H2   sing N N 308 
TRP CA  C    sing N N 309 
TRP CA  CB   sing N N 310 
TRP CA  HA   sing N N 311 
TRP C   O    doub N N 312 
TRP C   OXT  sing N N 313 
TRP CB  CG   sing N N 314 
TRP CB  HB2  sing N N 315 
TRP CB  HB3  sing N N 316 
TRP CG  CD1  doub Y N 317 
TRP CG  CD2  sing Y N 318 
TRP CD1 NE1  sing Y N 319 
TRP CD1 HD1  sing N N 320 
TRP CD2 CE2  doub Y N 321 
TRP CD2 CE3  sing Y N 322 
TRP NE1 CE2  sing Y N 323 
TRP NE1 HE1  sing N N 324 
TRP CE2 CZ2  sing Y N 325 
TRP CE3 CZ3  doub Y N 326 
TRP CE3 HE3  sing N N 327 
TRP CZ2 CH2  doub Y N 328 
TRP CZ2 HZ2  sing N N 329 
TRP CZ3 CH2  sing Y N 330 
TRP CZ3 HZ3  sing N N 331 
TRP CH2 HH2  sing N N 332 
TRP OXT HXT  sing N N 333 
TYR N   CA   sing N N 334 
TYR N   H    sing N N 335 
TYR N   H2   sing N N 336 
TYR CA  C    sing N N 337 
TYR CA  CB   sing N N 338 
TYR CA  HA   sing N N 339 
TYR C   O    doub N N 340 
TYR C   OXT  sing N N 341 
TYR CB  CG   sing N N 342 
TYR CB  HB2  sing N N 343 
TYR CB  HB3  sing N N 344 
TYR CG  CD1  doub Y N 345 
TYR CG  CD2  sing Y N 346 
TYR CD1 CE1  sing Y N 347 
TYR CD1 HD1  sing N N 348 
TYR CD2 CE2  doub Y N 349 
TYR CD2 HD2  sing N N 350 
TYR CE1 CZ   doub Y N 351 
TYR CE1 HE1  sing N N 352 
TYR CE2 CZ   sing Y N 353 
TYR CE2 HE2  sing N N 354 
TYR CZ  OH   sing N N 355 
TYR OH  HH   sing N N 356 
TYR OXT HXT  sing N N 357 
VAL N   CA   sing N N 358 
VAL N   H    sing N N 359 
VAL N   H2   sing N N 360 
VAL CA  C    sing N N 361 
VAL CA  CB   sing N N 362 
VAL CA  HA   sing N N 363 
VAL C   O    doub N N 364 
VAL C   OXT  sing N N 365 
VAL CB  CG1  sing N N 366 
VAL CB  CG2  sing N N 367 
VAL CB  HB   sing N N 368 
VAL CG1 HG11 sing N N 369 
VAL CG1 HG12 sing N N 370 
VAL CG1 HG13 sing N N 371 
VAL CG2 HG21 sing N N 372 
VAL CG2 HG22 sing N N 373 
VAL CG2 HG23 sing N N 374 
VAL OXT HXT  sing N N 375 
# 
_pdbx_initial_refinement_model.id               1 
_pdbx_initial_refinement_model.entity_id_list   ? 
_pdbx_initial_refinement_model.type             'experimental model' 
_pdbx_initial_refinement_model.source_name      PDB 
_pdbx_initial_refinement_model.accession_code   1TD3 
_pdbx_initial_refinement_model.details          ? 
# 
_atom_sites.entry_id                    1TD4 
_atom_sites.fract_transf_matrix[1][1]   -0.00651117 
_atom_sites.fract_transf_matrix[1][2]   -0.01721117 
_atom_sites.fract_transf_matrix[1][3]   0.01096298 
_atom_sites.fract_transf_matrix[2][1]   0.00260252 
_atom_sites.fract_transf_matrix[2][2]   -0.01958383 
_atom_sites.fract_transf_matrix[2][3]   -0.00827491 
_atom_sites.fract_transf_matrix[3][1]   0.01160455 
_atom_sites.fract_transf_matrix[3][2]   -0.00082368 
_atom_sites.fract_transf_matrix[3][3]   0.00559909 
_atom_sites.fract_transf_vector[1]      0.213278 
_atom_sites.fract_transf_vector[2]      0.268604 
_atom_sites.fract_transf_vector[3]      0.006912 
# 
loop_
_atom_type.symbol 
C 
N 
O 
S 
# 
loop_
_atom_site.group_PDB 
_atom_site.id 
_atom_site.type_symbol 
_atom_site.label_atom_id 
_atom_site.label_alt_id 
_atom_site.label_comp_id 
_atom_site.label_asym_id 
_atom_site.label_entity_id 
_atom_site.label_seq_id 
_atom_site.pdbx_PDB_ins_code 
_atom_site.Cartn_x 
_atom_site.Cartn_y 
_atom_site.Cartn_z 
_atom_site.occupancy 
_atom_site.B_iso_or_equiv 
_atom_site.pdbx_formal_charge 
_atom_site.auth_seq_id 
_atom_site.auth_comp_id 
_atom_site.auth_asym_id 
_atom_site.auth_atom_id 
_atom_site.pdbx_PDB_model_num 
ATOM   1   N N   . VAL A 1 13  ? -15.471 -10.034 1.020   1.00 42.17  ? 12  VAL A N   1 
ATOM   2   C CA  . VAL A 1 13  ? -14.378 -9.787  0.098   1.00 45.57  ? 12  VAL A CA  1 
ATOM   3   C C   . VAL A 1 13  ? -14.401 -8.334  -0.382  1.00 43.49  ? 12  VAL A C   1 
ATOM   4   O O   . VAL A 1 13  ? -13.840 -8.023  -1.436  1.00 39.38  ? 12  VAL A O   1 
ATOM   5   C CB  . VAL A 1 13  ? -14.418 -10.722 -1.121  1.00 50.73  ? 12  VAL A CB  1 
ATOM   6   C CG1 . VAL A 1 13  ? -13.017 -11.267 -1.378  1.00 60.33  ? 12  VAL A CG1 1 
ATOM   7   C CG2 . VAL A 1 13  ? -15.426 -11.849 -0.928  1.00 47.31  ? 12  VAL A CG2 1 
ATOM   8   N N   . ARG A 1 14  ? -15.047 -7.483  0.396   1.00 39.21  ? 13  ARG A N   1 
ATOM   9   C CA  . ARG A 1 14  ? -15.147 -6.051  0.137   1.00 32.78  ? 13  ARG A CA  1 
ATOM   10  C C   . ARG A 1 14  ? -13.799 -5.385  0.380   1.00 29.37  ? 13  ARG A C   1 
ATOM   11  O O   . ARG A 1 14  ? -13.177 -5.633  1.420   1.00 28.83  ? 13  ARG A O   1 
ATOM   12  C CB  . ARG A 1 14  ? -16.223 -5.446  1.042   1.00 34.20  ? 13  ARG A CB  1 
ATOM   13  C CG  . ARG A 1 14  ? -16.453 -3.963  0.875   1.00 42.02  ? 13  ARG A CG  1 
ATOM   14  C CD  . ARG A 1 14  ? -17.140 -3.349  2.084   1.00 47.88  ? 13  ARG A CD  1 
ATOM   15  N NE  . ARG A 1 14  ? -18.317 -2.565  1.734   1.00 60.80  ? 13  ARG A NE  1 
ATOM   16  C CZ  . ARG A 1 14  ? -18.736 -1.487  2.377   1.00 66.22  ? 13  ARG A CZ  1 
ATOM   17  N NH1 . ARG A 1 14  ? -18.061 -1.037  3.431   1.00 67.42  ? 13  ARG A NH1 1 
ATOM   18  N NH2 . ARG A 1 14  ? -19.829 -0.834  1.984   1.00 74.27  ? 13  ARG A NH2 1 
ATOM   19  N N   . ILE A 1 15  ? -13.352 -4.551  -0.553  1.00 21.97  ? 14  ILE A N   1 
ATOM   20  C CA  . ILE A 1 15  ? -12.011 -3.964  -0.420  1.00 22.14  ? 14  ILE A CA  1 
ATOM   21  C C   . ILE A 1 15  ? -12.039 -2.572  0.169   1.00 21.99  ? 14  ILE A C   1 
ATOM   22  O O   . ILE A 1 15  ? -11.087 -2.090  0.798   1.00 22.56  ? 14  ILE A O   1 
ATOM   23  C CB  . ILE A 1 15  ? -11.423 -3.956  -1.865  1.00 23.72  ? 14  ILE A CB  1 
ATOM   24  C CG1 . ILE A 1 15  ? -11.321 -5.408  -2.296  1.00 25.75  ? 14  ILE A CG1 1 
ATOM   25  C CG2 . ILE A 1 15  ? -10.176 -3.110  -1.929  1.00 29.29  ? 14  ILE A CG2 1 
ATOM   26  C CD1 . ILE A 1 15  ? -10.236 -5.982  -3.116  1.00 41.17  ? 14  ILE A CD1 1 
ATOM   27  N N   . PHE A 1 16  ? -13.163 -1.860  -0.022  1.00 25.45  ? 15  PHE A N   1 
ATOM   28  C CA  . PHE A 1 16  ? -13.271 -0.497  0.514   1.00 26.58  ? 15  PHE A CA  1 
ATOM   29  C C   . PHE A 1 16  ? -14.173 -0.386  1.738   1.00 26.83  ? 15  PHE A C   1 
ATOM   30  O O   . PHE A 1 16  ? -15.136 -1.119  1.877   1.00 28.53  ? 15  PHE A O   1 
ATOM   31  C CB  . PHE A 1 16  ? -13.805 0.460   -0.562  1.00 29.35  ? 15  PHE A CB  1 
ATOM   32  C CG  . PHE A 1 16  ? -13.016 0.366   -1.864  1.00 33.47  ? 15  PHE A CG  1 
ATOM   33  C CD1 . PHE A 1 16  ? -11.829 1.068   -2.011  1.00 36.27  ? 15  PHE A CD1 1 
ATOM   34  C CD2 . PHE A 1 16  ? -13.474 -0.404  -2.918  1.00 34.98  ? 15  PHE A CD2 1 
ATOM   35  C CE1 . PHE A 1 16  ? -11.090 1.009   -3.187  1.00 36.24  ? 15  PHE A CE1 1 
ATOM   36  C CE2 . PHE A 1 16  ? -12.752 -0.460  -4.099  1.00 37.57  ? 15  PHE A CE2 1 
ATOM   37  C CZ  . PHE A 1 16  ? -11.576 0.260   -4.244  1.00 39.43  ? 15  PHE A CZ  1 
ATOM   38  N N   . ALA A 1 17  ? -13.847 0.541   2.627   1.00 23.60  ? 16  ALA A N   1 
ATOM   39  C CA  . ALA A 1 17  ? -14.561 0.791   3.854   1.00 23.09  ? 16  ALA A CA  1 
ATOM   40  C C   . ALA A 1 17  ? -15.024 2.247   3.913   1.00 24.00  ? 16  ALA A C   1 
ATOM   41  O O   . ALA A 1 17  ? -15.240 2.812   4.975   1.00 30.45  ? 16  ALA A O   1 
ATOM   42  C CB  . ALA A 1 17  ? -13.668 0.463   5.056   1.00 25.41  ? 16  ALA A CB  1 
ATOM   43  N N   . GLY A 1 18  ? -15.186 2.870   2.758   1.00 24.94  ? 17  GLY A N   1 
ATOM   44  C CA  . GLY A 1 18  ? -15.626 4.261   2.662   1.00 22.89  ? 17  GLY A CA  1 
ATOM   45  C C   . GLY A 1 18  ? -15.865 4.595   1.186   1.00 27.15  ? 17  GLY A C   1 
ATOM   46  O O   . GLY A 1 18  ? -15.359 3.851   0.316   1.00 26.63  ? 17  GLY A O   1 
ATOM   47  N N   . ASN A 1 19  ? -16.631 5.672   0.970   1.00 25.45  ? 18  ASN A N   1 
ATOM   48  C CA  . ASN A 1 19  ? -17.046 6.056   -0.362  1.00 27.31  ? 18  ASN A CA  1 
ATOM   49  C C   . ASN A 1 19  ? -16.170 7.067   -1.095  1.00 27.73  ? 18  ASN A C   1 
ATOM   50  O O   . ASN A 1 19  ? -16.455 7.380   -2.261  1.00 25.05  ? 18  ASN A O   1 
ATOM   51  C CB  . ASN A 1 19  ? -18.460 6.695   -0.279  1.00 35.17  ? 18  ASN A CB  1 
ATOM   52  C CG  . ASN A 1 19  ? -18.513 7.550   0.985   1.00 48.68  ? 18  ASN A CG  1 
ATOM   53  O OD1 . ASN A 1 19  ? -19.102 7.137   1.988   1.00 66.68  ? 18  ASN A OD1 1 
ATOM   54  N ND2 . ASN A 1 19  ? -17.872 8.710   0.911   1.00 56.95  ? 18  ASN A ND2 1 
ATOM   55  N N   . ASP A 1 20  ? -15.132 7.607   -0.462  1.00 21.70  ? 19  ASP A N   1 
ATOM   56  C CA  . ASP A 1 20  ? -14.288 8.584   -1.129  1.00 20.65  ? 19  ASP A CA  1 
ATOM   57  C C   . ASP A 1 20  ? -13.581 7.923   -2.293  1.00 17.89  ? 19  ASP A C   1 
ATOM   58  O O   . ASP A 1 20  ? -13.139 6.778   -2.238  1.00 19.77  ? 19  ASP A O   1 
ATOM   59  C CB  . ASP A 1 20  ? -13.271 9.207   -0.170  1.00 23.05  ? 19  ASP A CB  1 
ATOM   60  C CG  . ASP A 1 20  ? -12.484 8.267   0.715   1.00 24.19  ? 19  ASP A CG  1 
ATOM   61  O OD1 . ASP A 1 20  ? -13.077 7.429   1.431   1.00 26.12  ? 19  ASP A OD1 1 
ATOM   62  O OD2 . ASP A 1 20  ? -11.224 8.348   0.764   1.00 21.48  ? 19  ASP A OD2 1 
ATOM   63  N N   . PRO A 1 21  ? -13.512 8.640   -3.399  1.00 20.19  ? 20  PRO A N   1 
ATOM   64  C CA  . PRO A 1 21  ? -12.923 8.043   -4.614  1.00 18.92  ? 20  PRO A CA  1 
ATOM   65  C C   . PRO A 1 21  ? -11.529 7.483   -4.393  1.00 18.51  ? 20  PRO A C   1 
ATOM   66  O O   . PRO A 1 21  ? -10.702 8.114   -3.720  1.00 21.33  ? 20  PRO A O   1 
ATOM   67  C CB  . PRO A 1 21  ? -12.818 9.243   -5.549  1.00 23.44  ? 20  PRO A CB  1 
ATOM   68  C CG  . PRO A 1 21  ? -13.970 10.095  -5.130  1.00 25.83  ? 20  PRO A CG  1 
ATOM   69  C CD  . PRO A 1 21  ? -14.011 9.999   -3.618  1.00 24.14  ? 20  PRO A CD  1 
ATOM   70  N N   . ALA A 1 22  ? -11.335 6.295   -4.948  1.00 18.30  ? 21  ALA A N   1 
ATOM   71  C CA  . ALA A 1 22  ? -10.040 5.639   -4.854  1.00 17.07  ? 21  ALA A CA  1 
ATOM   72  C C   . ALA A 1 22  ? -9.289  5.815   -6.174  1.00 17.52  ? 21  ALA A C   1 
ATOM   73  O O   . ALA A 1 22  ? -9.434  5.023   -7.105  1.00 22.07  ? 21  ALA A O   1 
ATOM   74  C CB  . ALA A 1 22  ? -10.243 4.172   -4.475  1.00 18.14  ? 21  ALA A CB  1 
ATOM   75  N N   . HIS A 1 23  ? -8.478  6.883   -6.245  1.00 17.43  ? 22  HIS A N   1 
ATOM   76  C CA  . HIS A 1 23  ? -7.742  7.173   -7.457  1.00 15.22  ? 22  HIS A CA  1 
ATOM   77  C C   . HIS A 1 23  ? -6.469  6.325   -7.554  1.00 17.46  ? 22  HIS A C   1 
ATOM   78  O O   . HIS A 1 23  ? -5.941  6.017   -6.497  1.00 17.07  ? 22  HIS A O   1 
ATOM   79  C CB  . HIS A 1 23  ? -7.291  8.648   -7.510  1.00 17.08  ? 22  HIS A CB  1 
ATOM   80  C CG  . HIS A 1 23  ? -8.507  9.553   -7.463  1.00 20.64  ? 22  HIS A CG  1 
ATOM   81  N ND1 . HIS A 1 23  ? -8.593  10.627  -6.621  1.00 21.74  ? 22  HIS A ND1 1 
ATOM   82  C CD2 . HIS A 1 23  ? -9.680  9.492   -8.141  1.00 20.42  ? 22  HIS A CD2 1 
ATOM   83  C CE1 . HIS A 1 23  ? -9.779  11.213  -6.815  1.00 23.23  ? 22  HIS A CE1 1 
ATOM   84  N NE2 . HIS A 1 23  ? -10.464 10.548  -7.735  1.00 20.93  ? 22  HIS A NE2 1 
ATOM   85  N N   . THR A 1 24  ? -6.031  6.030   -8.768  1.00 16.89  ? 23  THR A N   1 
ATOM   86  C CA  . THR A 1 24  ? -4.789  5.286   -8.966  1.00 18.24  ? 23  THR A CA  1 
ATOM   87  C C   . THR A 1 24  ? -3.708  6.142   -9.602  1.00 16.64  ? 23  THR A C   1 
ATOM   88  O O   . THR A 1 24  ? -3.971  7.219   -10.172 1.00 21.45  ? 23  THR A O   1 
ATOM   89  C CB  . THR A 1 24  ? -5.008  4.050   -9.841  1.00 17.77  ? 23  THR A CB  1 
ATOM   90  O OG1 . THR A 1 24  ? -5.411  4.506   -11.154 1.00 22.91  ? 23  THR A OG1 1 
ATOM   91  C CG2 . THR A 1 24  ? -6.124  3.158   -9.333  1.00 20.94  ? 23  THR A CG2 1 
ATOM   92  N N   . ALA A 1 25  ? -2.465  5.670   -9.488  1.00 16.12  ? 24  ALA A N   1 
ATOM   93  C CA  . ALA A 1 25  ? -1.302  6.384   -10.014 1.00 16.71  ? 24  ALA A CA  1 
ATOM   94  C C   . ALA A 1 25  ? -0.281  5.348   -10.495 1.00 18.36  ? 24  ALA A C   1 
ATOM   95  O O   . ALA A 1 25  ? -0.384  4.198   -10.100 1.00 17.97  ? 24  ALA A O   1 
ATOM   96  C CB  . ALA A 1 25  ? -0.646  7.261   -8.952  1.00 20.07  ? 24  ALA A CB  1 
ATOM   97  N N   . THR A 1 26  ? 0.655   5.762   -11.321 1.00 17.24  ? 25  THR A N   1 
ATOM   98  C CA  . THR A 1 26  ? 1.723   4.826   -11.679 1.00 15.46  ? 25  THR A CA  1 
ATOM   99  C C   . THR A 1 26  ? 3.015   5.403   -11.118 1.00 17.33  ? 25  THR A C   1 
ATOM   100 O O   . THR A 1 26  ? 3.156   6.613   -10.832 1.00 18.01  ? 25  THR A O   1 
ATOM   101 C CB  . THR A 1 26  ? 1.824   4.621   -13.187 1.00 18.30  ? 25  THR A CB  1 
ATOM   102 O OG1 . THR A 1 26  ? 1.978   5.899   -13.806 1.00 22.71  ? 25  THR A OG1 1 
ATOM   103 C CG2 . THR A 1 26  ? 0.526   4.010   -13.700 1.00 25.74  ? 25  THR A CG2 1 
ATOM   104 N N   . GLY A 1 27  ? 3.977   4.516   -10.952 1.00 15.49  ? 26  GLY A N   1 
ATOM   105 C CA  . GLY A 1 27  ? 5.245   4.870   -10.305 1.00 15.38  ? 26  GLY A CA  1 
ATOM   106 C C   . GLY A 1 27  ? 6.293   3.851   -10.730 1.00 15.55  ? 26  GLY A C   1 
ATOM   107 O O   . GLY A 1 27  ? 5.981   2.779   -11.275 1.00 17.60  ? 26  GLY A O   1 
ATOM   108 N N   . SER A 1 28  ? 7.546   4.208   -10.481 1.00 13.74  ? 27  SER A N   1 
ATOM   109 C CA  . SER A 1 28  ? 8.670   3.329   -10.786 1.00 13.37  ? 27  SER A CA  1 
ATOM   110 C C   . SER A 1 28  ? 8.784   2.266   -9.700  1.00 14.05  ? 27  SER A C   1 
ATOM   111 O O   . SER A 1 28  ? 8.746   2.592   -8.496  1.00 16.21  ? 27  SER A O   1 
ATOM   112 C CB  . SER A 1 28  ? 9.947   4.157   -10.856 1.00 14.26  ? 27  SER A CB  1 
ATOM   113 O OG  A SER A 1 28  ? 11.108  3.358   -10.842 0.45 14.64  ? 27  SER A OG  1 
ATOM   114 O OG  B SER A 1 28  ? 10.156  4.920   -12.003 0.31 14.64  ? 27  SER A OG  1 
ATOM   115 O OG  C SER A 1 28  ? 10.205  4.899   -9.678  0.23 21.97  ? 27  SER A OG  1 
ATOM   116 N N   . SER A 1 29  ? 8.909   1.011   -10.100 1.00 15.30  ? 28  SER A N   1 
ATOM   117 C CA  . SER A 1 29  ? 8.905   -0.102  -9.161  1.00 14.23  ? 28  SER A CA  1 
ATOM   118 C C   . SER A 1 29  ? 10.313  -0.587  -8.846  1.00 14.19  ? 28  SER A C   1 
ATOM   119 O O   . SER A 1 29  ? 11.113  -0.790  -9.763  1.00 17.45  ? 28  SER A O   1 
ATOM   120 C CB  . SER A 1 29  ? 8.074   -1.280  -9.729  1.00 15.80  ? 28  SER A CB  1 
ATOM   121 O OG  . SER A 1 29  ? 8.130   -2.383  -8.809  1.00 17.10  ? 28  SER A OG  1 
ATOM   122 N N   . GLY A 1 30  ? 10.596  -0.813  -7.559  1.00 15.63  ? 29  GLY A N   1 
ATOM   123 C CA  . GLY A 1 30  ? 11.808  -1.506  -7.152  1.00 17.14  ? 29  GLY A CA  1 
ATOM   124 C C   . GLY A 1 30  ? 11.537  -2.917  -6.660  1.00 15.86  ? 29  GLY A C   1 
ATOM   125 O O   . GLY A 1 30  ? 12.388  -3.549  -6.061  1.00 19.10  ? 29  GLY A O   1 
ATOM   126 N N   . ILE A 1 31  ? 10.351  -3.461  -6.888  1.00 16.94  ? 30  ILE A N   1 
ATOM   127 C CA  . ILE A 1 31  ? 9.943   -4.775  -6.402  1.00 17.89  ? 30  ILE A CA  1 
ATOM   128 C C   . ILE A 1 31  ? 10.512  -5.852  -7.308  1.00 18.61  ? 30  ILE A C   1 
ATOM   129 O O   . ILE A 1 31  ? 10.301  -5.765  -8.544  1.00 18.62  ? 30  ILE A O   1 
ATOM   130 C CB  . ILE A 1 31  ? 8.408   -4.844  -6.308  1.00 15.56  ? 30  ILE A CB  1 
ATOM   131 C CG1 . ILE A 1 31  ? 7.908   -3.848  -5.251  1.00 16.79  ? 30  ILE A CG1 1 
ATOM   132 C CG2 . ILE A 1 31  ? 7.914   -6.280  -6.096  1.00 16.98  ? 30  ILE A CG2 1 
ATOM   133 C CD1 . ILE A 1 31  ? 6.418   -3.843  -5.068  1.00 19.30  ? 30  ILE A CD1 1 
ATOM   134 N N   . SER A 1 32  ? 11.197  -6.841  -6.712  1.00 17.73  ? 31  SER A N   1 
ATOM   135 C CA  . SER A 1 32  ? 11.846  -7.836  -7.568  1.00 19.36  ? 31  SER A CA  1 
ATOM   136 C C   . SER A 1 32  ? 11.351  -9.266  -7.350  1.00 19.73  ? 31  SER A C   1 
ATOM   137 O O   . SER A 1 32  ? 12.034  -10.183 -7.777  1.00 22.47  ? 31  SER A O   1 
ATOM   138 C CB  . SER A 1 32  ? 13.347  -7.780  -7.291  1.00 21.55  ? 31  SER A CB  1 
ATOM   139 O OG  . SER A 1 32  ? 13.466  -8.035  -5.882  1.00 31.15  ? 31  SER A OG  1 
ATOM   140 N N   . SER A 1 33  ? 10.198  -9.402  -6.684  1.00 19.11  ? 32  SER A N   1 
ATOM   141 C CA  . SER A 1 33  ? 9.610   -10.714 -6.504  1.00 18.37  ? 32  SER A CA  1 
ATOM   142 C C   . SER A 1 33  ? 8.090   -10.593 -6.581  1.00 15.94  ? 32  SER A C   1 
ATOM   143 O O   . SER A 1 33  ? 7.572   -9.495  -6.413  1.00 17.45  ? 32  SER A O   1 
ATOM   144 C CB  . SER A 1 33  ? 10.036  -11.322 -5.173  1.00 23.88  ? 32  SER A CB  1 
ATOM   145 O OG  . SER A 1 33  ? 9.494   -10.584 -4.117  1.00 35.62  ? 32  SER A OG  1 
ATOM   146 N N   . PRO A 1 34  ? 7.392   -11.692 -6.837  1.00 19.30  ? 33  PRO A N   1 
ATOM   147 C CA  . PRO A 1 34  ? 5.926   -11.626 -6.889  1.00 18.48  ? 33  PRO A CA  1 
ATOM   148 C C   . PRO A 1 34  ? 5.316   -11.023 -5.631  1.00 19.19  ? 33  PRO A C   1 
ATOM   149 O O   . PRO A 1 34  ? 5.716   -11.293 -4.505  1.00 18.79  ? 33  PRO A O   1 
ATOM   150 C CB  . PRO A 1 34  ? 5.503   -13.104 -7.015  1.00 23.33  ? 33  PRO A CB  1 
ATOM   151 C CG  . PRO A 1 34  ? 6.675   -13.704 -7.730  1.00 23.07  ? 33  PRO A CG  1 
ATOM   152 C CD  . PRO A 1 34  ? 7.910   -13.037 -7.153  1.00 21.60  ? 33  PRO A CD  1 
ATOM   153 N N   . THR A 1 35  ? 4.339   -10.162 -5.872  1.00 17.96  ? 34  THR A N   1 
ATOM   154 C CA  . THR A 1 35  ? 3.748   -9.368  -4.785  1.00 16.40  ? 34  THR A CA  1 
ATOM   155 C C   . THR A 1 35  ? 2.248   -9.262  -5.041  1.00 17.87  ? 34  THR A C   1 
ATOM   156 O O   . THR A 1 35  ? 1.824   -8.903  -6.152  1.00 20.44  ? 34  THR A O   1 
ATOM   157 C CB  . THR A 1 35  ? 4.374   -7.962  -4.696  1.00 16.20  ? 34  THR A CB  1 
ATOM   158 O OG1 A THR A 1 35  ? 5.805   -8.099  -4.572  0.81 17.08  ? 34  THR A OG1 1 
ATOM   159 O OG1 B THR A 1 35  ? 3.735   -7.284  -3.588  0.19 19.95  ? 34  THR A OG1 1 
ATOM   160 C CG2 A THR A 1 35  ? 3.834   -7.167  -3.524  0.81 20.09  ? 34  THR A CG2 1 
ATOM   161 C CG2 B THR A 1 35  ? 4.131   -7.084  -5.885  0.19 18.72  ? 34  THR A CG2 1 
ATOM   162 N N   . PRO A 1 36  ? 1.398   -9.555  -4.084  1.00 21.58  ? 35  PRO A N   1 
ATOM   163 C CA  . PRO A 1 36  ? -0.047  -9.561  -4.425  1.00 20.47  ? 35  PRO A CA  1 
ATOM   164 C C   . PRO A 1 36  ? -0.648  -8.164  -4.424  1.00 22.98  ? 35  PRO A C   1 
ATOM   165 O O   . PRO A 1 36  ? -0.127  -7.181  -3.866  1.00 18.05  ? 35  PRO A O   1 
ATOM   166 C CB  . PRO A 1 36  ? -0.641  -10.433 -3.307  1.00 22.67  ? 35  PRO A CB  1 
ATOM   167 C CG  . PRO A 1 36  ? 0.230   -10.090 -2.125  1.00 21.97  ? 35  PRO A CG  1 
ATOM   168 C CD  . PRO A 1 36  ? 1.631   -9.888  -2.667  1.00 21.44  ? 35  PRO A CD  1 
ATOM   169 N N   . ALA A 1 37  ? -1.806  -8.061  -5.088  1.00 23.15  ? 36  ALA A N   1 
ATOM   170 C CA  . ALA A 1 37  ? -2.547  -6.798  -4.997  1.00 21.76  ? 36  ALA A CA  1 
ATOM   171 C C   . ALA A 1 37  ? -2.889  -6.451  -3.562  1.00 20.48  ? 36  ALA A C   1 
ATOM   172 O O   . ALA A 1 37  ? -2.979  -7.315  -2.688  1.00 22.57  ? 36  ALA A O   1 
ATOM   173 C CB  . ALA A 1 37  ? -3.777  -6.945  -5.884  1.00 36.27  ? 36  ALA A CB  1 
ATOM   174 N N   . LEU A 1 38  ? -3.142  -5.195  -3.268  1.00 17.21  ? 37  LEU A N   1 
ATOM   175 C CA  . LEU A 1 38  ? -3.523  -4.649  -1.977  1.00 17.09  ? 37  LEU A CA  1 
ATOM   176 C C   . LEU A 1 38  ? -2.370  -4.744  -0.986  1.00 17.19  ? 37  LEU A C   1 
ATOM   177 O O   . LEU A 1 38  ? -2.601  -4.740  0.229   1.00 19.34  ? 37  LEU A O   1 
ATOM   178 C CB  . LEU A 1 38  ? -4.795  -5.331  -1.443  1.00 18.79  ? 37  LEU A CB  1 
ATOM   179 C CG  . LEU A 1 38  ? -5.963  -5.264  -2.453  1.00 20.29  ? 37  LEU A CG  1 
ATOM   180 C CD1 . LEU A 1 38  ? -7.202  -5.905  -1.877  1.00 31.41  ? 37  LEU A CD1 1 
ATOM   181 C CD2 . LEU A 1 38  ? -6.235  -3.823  -2.817  1.00 21.77  ? 37  LEU A CD2 1 
ATOM   182 N N   . THR A 1 39  ? -1.136  -4.793  -1.491  1.00 14.74  ? 38  THR A N   1 
ATOM   183 C CA  . THR A 1 39  ? 0.052   -4.637  -0.658  1.00 16.68  ? 38  THR A CA  1 
ATOM   184 C C   . THR A 1 39  ? 0.439   -3.186  -0.433  1.00 15.11  ? 38  THR A C   1 
ATOM   185 O O   . THR A 1 39  ? 0.611   -2.457  -1.419  1.00 16.03  ? 38  THR A O   1 
ATOM   186 C CB  . THR A 1 39  ? 1.238   -5.345  -1.358  1.00 16.22  ? 38  THR A CB  1 
ATOM   187 O OG1 . THR A 1 39  ? 0.919   -6.739  -1.404  1.00 16.87  ? 38  THR A OG1 1 
ATOM   188 C CG2 . THR A 1 39  ? 2.551   -5.160  -0.595  1.00 16.43  ? 38  THR A CG2 1 
ATOM   189 N N   . PRO A 1 40  ? 0.608   -2.689  0.793   1.00 14.85  ? 39  PRO A N   1 
ATOM   190 C CA  . PRO A 1 40  ? 1.088   -1.324  0.986   1.00 14.54  ? 39  PRO A CA  1 
ATOM   191 C C   . PRO A 1 40  ? 2.544   -1.170  0.509   1.00 14.89  ? 39  PRO A C   1 
ATOM   192 O O   . PRO A 1 40  ? 3.395   -2.061  0.648   1.00 15.87  ? 39  PRO A O   1 
ATOM   193 C CB  . PRO A 1 40  ? 0.994   -1.114  2.510   1.00 14.98  ? 39  PRO A CB  1 
ATOM   194 C CG  . PRO A 1 40  ? -0.049  -2.116  2.923   1.00 16.08  ? 39  PRO A CG  1 
ATOM   195 C CD  . PRO A 1 40  ? 0.309   -3.342  2.091   1.00 15.45  ? 39  PRO A CD  1 
ATOM   196 N N   . LEU A 1 41  ? 2.833   -0.012  -0.075  1.00 14.79  ? 40  LEU A N   1 
ATOM   197 C CA  . LEU A 1 41  ? 4.103   0.363   -0.657  1.00 13.78  ? 40  LEU A CA  1 
ATOM   198 C C   . LEU A 1 41  ? 4.753   1.541   0.070   1.00 13.80  ? 40  LEU A C   1 
ATOM   199 O O   . LEU A 1 41  ? 4.003   2.364   0.632   1.00 14.68  ? 40  LEU A O   1 
ATOM   200 C CB  . LEU A 1 41  ? 3.904   0.775   -2.110  1.00 13.01  ? 40  LEU A CB  1 
ATOM   201 C CG  . LEU A 1 41  ? 3.221   -0.246  -2.993  1.00 14.10  ? 40  LEU A CG  1 
ATOM   202 C CD1 . LEU A 1 41  ? 2.884   0.362   -4.370  1.00 15.68  ? 40  LEU A CD1 1 
ATOM   203 C CD2 . LEU A 1 41  ? 4.046   -1.518  -3.142  1.00 14.68  ? 40  LEU A CD2 1 
ATOM   204 N N   . MET A 1 42  ? 6.083   1.581   0.036   1.00 14.94  ? 41  MET A N   1 
ATOM   205 C CA  . MET A 1 42  ? 6.870   2.679   0.592   1.00 13.79  ? 41  MET A CA  1 
ATOM   206 C C   . MET A 1 42  ? 7.924   3.092   -0.416  1.00 14.05  ? 41  MET A C   1 
ATOM   207 O O   . MET A 1 42  ? 8.169   2.312   -1.354  1.00 15.82  ? 41  MET A O   1 
ATOM   208 C CB  . MET A 1 42  ? 7.595   2.356   1.908   1.00 14.28  ? 41  MET A CB  1 
ATOM   209 C CG  . MET A 1 42  ? 8.716   1.319   1.747   1.00 15.15  ? 41  MET A CG  1 
ATOM   210 S SD  . MET A 1 42  ? 9.532   0.942   3.276   1.00 19.26  ? 41  MET A SD  1 
ATOM   211 C CE  A MET A 1 42  ? 10.598  -0.417  2.825   0.62 18.59  ? 41  MET A CE  1 
ATOM   212 C CE  B MET A 1 42  ? 8.581   1.059   4.628   0.38 18.04  ? 41  MET A CE  1 
ATOM   213 N N   . LEU A 1 43  ? 8.553   4.243   -0.217  1.00 15.31  ? 42  LEU A N   1 
ATOM   214 C CA  . LEU A 1 43  ? 9.674   4.580   -1.086  1.00 14.70  ? 42  LEU A CA  1 
ATOM   215 C C   . LEU A 1 43  ? 10.977  3.989   -0.548  1.00 16.59  ? 42  LEU A C   1 
ATOM   216 O O   . LEU A 1 43  ? 11.162  3.956   0.667   1.00 19.96  ? 42  LEU A O   1 
ATOM   217 C CB  . LEU A 1 43  ? 9.854   6.109   -1.258  1.00 14.97  ? 42  LEU A CB  1 
ATOM   218 C CG  . LEU A 1 43  ? 8.685   6.751   -2.018  1.00 14.86  ? 42  LEU A CG  1 
ATOM   219 C CD1 . LEU A 1 43  ? 8.605   8.252   -1.742  1.00 18.51  ? 42  LEU A CD1 1 
ATOM   220 C CD2 . LEU A 1 43  ? 8.796   6.486   -3.514  1.00 15.97  ? 42  LEU A CD2 1 
ATOM   221 N N   . ASP A 1 44  ? 11.822  3.535   -1.452  1.00 19.07  ? 43  ASP A N   1 
ATOM   222 C CA  . ASP A 1 44  ? 13.184  3.142   -1.094  1.00 20.31  ? 43  ASP A CA  1 
ATOM   223 C C   . ASP A 1 44  ? 14.084  4.361   -1.261  1.00 25.37  ? 43  ASP A C   1 
ATOM   224 O O   . ASP A 1 44  ? 14.261  4.813   -2.399  1.00 26.93  ? 43  ASP A O   1 
ATOM   225 C CB  . ASP A 1 44  ? 13.618  1.993   -2.002  1.00 21.57  ? 43  ASP A CB  1 
ATOM   226 C CG  . ASP A 1 44  ? 14.932  1.356   -1.592  1.00 29.71  ? 43  ASP A CG  1 
ATOM   227 O OD1 . ASP A 1 44  ? 15.701  1.917   -0.791  1.00 32.49  ? 43  ASP A OD1 1 
ATOM   228 O OD2 . ASP A 1 44  ? 15.212  0.241   -2.102  1.00 33.80  ? 43  ASP A OD2 1 
ATOM   229 N N   . GLU A 1 45  ? 14.672  4.966   -0.244  1.00 29.99  ? 44  GLU A N   1 
ATOM   230 C CA  . GLU A 1 45  ? 15.322  6.284   -0.432  1.00 33.21  ? 44  GLU A CA  1 
ATOM   231 C C   . GLU A 1 45  ? 16.572  6.241   -1.312  1.00 38.53  ? 44  GLU A C   1 
ATOM   232 O O   . GLU A 1 45  ? 16.874  7.214   -2.035  1.00 37.63  ? 44  GLU A O   1 
ATOM   233 C CB  . GLU A 1 45  ? 15.594  6.858   0.958   1.00 40.16  ? 44  GLU A CB  1 
ATOM   234 C CG  A GLU A 1 45  ? 14.524  6.565   1.987   0.49 39.14  ? 44  GLU A CG  1 
ATOM   235 C CG  B GLU A 1 45  ? 15.161  8.293   1.159   0.51 43.83  ? 44  GLU A CG  1 
ATOM   236 C CD  A GLU A 1 45  ? 13.704  7.743   2.468   0.49 41.93  ? 44  GLU A CD  1 
ATOM   237 C CD  B GLU A 1 45  ? 16.071  9.273   0.447   0.51 46.52  ? 44  GLU A CD  1 
ATOM   238 O OE1 A GLU A 1 45  ? 12.512  7.810   2.070   0.49 42.35  ? 44  GLU A OE1 1 
ATOM   239 O OE1 B GLU A 1 45  ? 16.365  9.038   -0.746  0.51 41.49  ? 44  GLU A OE1 1 
ATOM   240 O OE2 A GLU A 1 45  ? 14.219  8.584   3.247   0.49 42.42  ? 44  GLU A OE2 1 
ATOM   241 O OE2 B GLU A 1 45  ? 16.473  10.271  1.073   0.51 43.13  ? 44  GLU A OE2 1 
ATOM   242 N N   . ALA A 1 46  ? 17.302  5.135   -1.288  1.00 35.42  ? 45  ALA A N   1 
ATOM   243 C CA  . ALA A 1 46  ? 18.500  4.874   -2.078  1.00 37.80  ? 45  ALA A CA  1 
ATOM   244 C C   . ALA A 1 46  ? 18.235  4.915   -3.578  1.00 36.53  ? 45  ALA A C   1 
ATOM   245 O O   . ALA A 1 46  ? 19.086  5.342   -4.347  1.00 48.76  ? 45  ALA A O   1 
ATOM   246 C CB  . ALA A 1 46  ? 19.049  3.504   -1.690  1.00 46.20  ? 45  ALA A CB  1 
ATOM   247 N N   . THR A 1 47  ? 17.052  4.492   -4.027  1.00 26.03  ? 46  THR A N   1 
ATOM   248 C CA  . THR A 1 47  ? 16.810  4.388   -5.456  1.00 22.53  ? 46  THR A CA  1 
ATOM   249 C C   . THR A 1 47  ? 15.678  5.305   -5.892  1.00 21.37  ? 46  THR A C   1 
ATOM   250 O O   . THR A 1 47  ? 15.554  5.664   -7.056  1.00 26.79  ? 46  THR A O   1 
ATOM   251 C CB  . THR A 1 47  ? 16.418  2.952   -5.854  1.00 22.67  ? 46  THR A CB  1 
ATOM   252 O OG1 . THR A 1 47  ? 15.216  2.624   -5.122  1.00 22.41  ? 46  THR A OG1 1 
ATOM   253 C CG2 . THR A 1 47  ? 17.482  1.952   -5.459  1.00 25.87  ? 46  THR A CG2 1 
ATOM   254 N N   . GLY A 1 48  ? 14.819  5.657   -4.949  1.00 20.11  ? 47  GLY A N   1 
ATOM   255 C CA  . GLY A 1 48  ? 13.639  6.434   -5.268  1.00 18.97  ? 47  GLY A CA  1 
ATOM   256 C C   . GLY A 1 48  ? 12.468  5.591   -5.758  1.00 18.97  ? 47  GLY A C   1 
ATOM   257 O O   . GLY A 1 48  ? 11.406  6.117   -6.118  1.00 19.24  ? 47  GLY A O   1 
ATOM   258 N N   . LYS A 1 49  ? 12.669  4.273   -5.806  1.00 16.52  ? 48  LYS A N   1 
ATOM   259 C CA  . LYS A 1 49  ? 11.628  3.392   -6.337  1.00 14.72  ? 48  LYS A CA  1 
ATOM   260 C C   . LYS A 1 49  ? 10.663  2.957   -5.272  1.00 13.71  ? 48  LYS A C   1 
ATOM   261 O O   . LYS A 1 49  ? 10.887  3.036   -4.047  1.00 17.31  ? 48  LYS A O   1 
ATOM   262 C CB  . LYS A 1 49  ? 12.277  2.135   -6.932  1.00 15.39  ? 48  LYS A CB  1 
ATOM   263 C CG  . LYS A 1 49  ? 13.274  2.439   -8.056  1.00 15.30  ? 48  LYS A CG  1 
ATOM   264 C CD  . LYS A 1 49  ? 13.965  1.164   -8.529  1.00 19.65  ? 48  LYS A CD  1 
ATOM   265 C CE  . LYS A 1 49  ? 14.822  1.458   -9.752  1.00 22.60  ? 48  LYS A CE  1 
ATOM   266 N NZ  . LYS A 1 49  ? 15.525  0.244   -10.294 1.00 28.97  ? 48  LYS A NZ  1 
ATOM   267 N N   . LEU A 1 50  ? 9.500   2.473   -5.713  1.00 15.65  ? 49  LEU A N   1 
ATOM   268 C CA  . LEU A 1 50  ? 8.501   1.955   -4.793  1.00 13.47  ? 49  LEU A CA  1 
ATOM   269 C C   . LEU A 1 50  ? 8.741   0.483   -4.470  1.00 15.25  ? 49  LEU A C   1 
ATOM   270 O O   . LEU A 1 50  ? 8.943   -0.321  -5.391  1.00 17.44  ? 49  LEU A O   1 
ATOM   271 C CB  . LEU A 1 50  ? 7.119   2.178   -5.428  1.00 14.24  ? 49  LEU A CB  1 
ATOM   272 C CG  . LEU A 1 50  ? 6.607   3.627   -5.411  1.00 14.52  ? 49  LEU A CG  1 
ATOM   273 C CD1 . LEU A 1 50  ? 5.517   3.781   -6.456  1.00 16.23  ? 49  LEU A CD1 1 
ATOM   274 C CD2 . LEU A 1 50  ? 6.103   3.990   -4.036  1.00 16.12  ? 49  LEU A CD2 1 
ATOM   275 N N   . VAL A 1 51  ? 8.703   0.170   -3.159  1.00 14.19  ? 50  VAL A N   1 
ATOM   276 C CA  . VAL A 1 51  ? 8.908   -1.208  -2.727  1.00 14.75  ? 50  VAL A CA  1 
ATOM   277 C C   . VAL A 1 51  ? 7.833   -1.546  -1.713  1.00 14.21  ? 50  VAL A C   1 
ATOM   278 O O   . VAL A 1 51  ? 7.014   -0.679  -1.336  1.00 15.60  ? 50  VAL A O   1 
ATOM   279 C CB  . VAL A 1 51  ? 10.322  -1.394  -2.135  1.00 16.78  ? 50  VAL A CB  1 
ATOM   280 C CG1 . VAL A 1 51  ? 11.391  -1.128  -3.212  1.00 16.75  ? 50  VAL A CG1 1 
ATOM   281 C CG2 . VAL A 1 51  ? 10.558  -0.488  -0.932  1.00 18.05  ? 50  VAL A CG2 1 
ATOM   282 N N   . VAL A 1 52  ? 7.833   -2.788  -1.237  1.00 14.99  ? 51  VAL A N   1 
ATOM   283 C CA  . VAL A 1 52  ? 6.855   -3.158  -0.210  1.00 15.51  ? 51  VAL A CA  1 
ATOM   284 C C   . VAL A 1 52  ? 7.113   -2.375  1.071   1.00 15.64  ? 51  VAL A C   1 
ATOM   285 O O   . VAL A 1 52  ? 8.264   -2.304  1.530   1.00 17.85  ? 51  VAL A O   1 
ATOM   286 C CB  . VAL A 1 52  ? 6.889   -4.680  0.012   1.00 18.21  ? 51  VAL A CB  1 
ATOM   287 C CG1 . VAL A 1 52  ? 5.940   -5.067  1.142   1.00 19.22  ? 51  VAL A CG1 1 
ATOM   288 C CG2 . VAL A 1 52  ? 6.556   -5.403  -1.282  1.00 17.81  ? 51  VAL A CG2 1 
ATOM   289 N N   . TRP A 1 53  ? 6.066   -1.811  1.662   1.00 16.28  ? 52  TRP A N   1 
ATOM   290 C CA  . TRP A 1 53  ? 6.141   -1.178  2.988   1.00 17.85  ? 52  TRP A CA  1 
ATOM   291 C C   . TRP A 1 53  ? 6.602   -2.184  4.046   1.00 16.48  ? 52  TRP A C   1 
ATOM   292 O O   . TRP A 1 53  ? 6.005   -3.261  4.140   1.00 19.98  ? 52  TRP A O   1 
ATOM   293 C CB  . TRP A 1 53  ? 4.804   -0.580  3.424   1.00 16.63  ? 52  TRP A CB  1 
ATOM   294 C CG  . TRP A 1 53  ? 4.775   0.157   4.727   1.00 15.66  ? 52  TRP A CG  1 
ATOM   295 C CD1 . TRP A 1 53  ? 5.429   1.257   5.155   1.00 18.63  ? 52  TRP A CD1 1 
ATOM   296 C CD2 . TRP A 1 53  ? 3.967   -0.142  5.878   1.00 15.45  ? 52  TRP A CD2 1 
ATOM   297 N NE1 . TRP A 1 53  ? 5.181   1.686   6.425   1.00 17.59  ? 52  TRP A NE1 1 
ATOM   298 C CE2 . TRP A 1 53  ? 4.240   0.808   6.886   1.00 17.22  ? 52  TRP A CE2 1 
ATOM   299 C CE3 . TRP A 1 53  ? 3.036   -1.160  6.095   1.00 15.47  ? 52  TRP A CE3 1 
ATOM   300 C CZ2 . TRP A 1 53  ? 3.618   0.777   8.112   1.00 15.28  ? 52  TRP A CZ2 1 
ATOM   301 C CZ3 . TRP A 1 53  ? 2.412   -1.181  7.341   1.00 18.63  ? 52  TRP A CZ3 1 
ATOM   302 C CH2 . TRP A 1 53  ? 2.713   -0.224  8.306   1.00 18.41  ? 52  TRP A CH2 1 
ATOM   303 N N   . ASP A 1 54  ? 7.626   -1.847  4.813   1.00 16.75  ? 53  ASP A N   1 
ATOM   304 C CA  . ASP A 1 54  ? 8.220   -2.834  5.741   1.00 19.03  ? 53  ASP A CA  1 
ATOM   305 C C   . ASP A 1 54  ? 7.593   -2.813  7.120   1.00 18.24  ? 53  ASP A C   1 
ATOM   306 O O   . ASP A 1 54  ? 7.972   -3.604  8.004   1.00 18.71  ? 53  ASP A O   1 
ATOM   307 C CB  . ASP A 1 54  ? 9.730   -2.622  5.849   1.00 18.75  ? 53  ASP A CB  1 
ATOM   308 C CG  . ASP A 1 54  ? 10.138  -1.271  6.317   1.00 21.20  ? 53  ASP A CG  1 
ATOM   309 O OD1 . ASP A 1 54  ? 9.314   -0.481  6.865   1.00 20.69  ? 53  ASP A OD1 1 
ATOM   310 O OD2 . ASP A 1 54  ? 11.327  -0.921  6.076   1.00 24.87  ? 53  ASP A OD2 1 
ATOM   311 N N   . GLY A 1 55  ? 6.651   -1.906  7.338   1.00 17.96  ? 54  GLY A N   1 
ATOM   312 C CA  . GLY A 1 55  ? 6.018   -1.775  8.634   1.00 17.96  ? 54  GLY A CA  1 
ATOM   313 C C   . GLY A 1 55  ? 6.831   -0.962  9.624   1.00 18.82  ? 54  GLY A C   1 
ATOM   314 O O   . GLY A 1 55  ? 6.378   -0.779  10.752  1.00 26.89  ? 54  GLY A O   1 
ATOM   315 N N   . GLN A 1 56  ? 8.005   -0.424  9.300   1.00 20.59  ? 55  GLN A N   1 
ATOM   316 C CA  . GLN A 1 56  ? 8.843   0.124   10.386  1.00 21.68  ? 55  GLN A CA  1 
ATOM   317 C C   . GLN A 1 56  ? 8.368   1.462   10.929  1.00 23.98  ? 55  GLN A C   1 
ATOM   318 O O   . GLN A 1 56  ? 8.607   1.809   12.100  1.00 21.41  ? 55  GLN A O   1 
ATOM   319 C CB  . GLN A 1 56  ? 10.286  0.278   9.904   1.00 25.55  ? 55  GLN A CB  1 
ATOM   320 C CG  . GLN A 1 56  ? 11.060  -1.015  9.841   1.00 28.26  ? 55  GLN A CG  1 
ATOM   321 C CD  . GLN A 1 56  ? 10.633  -2.051  10.853  1.00 35.33  ? 55  GLN A CD  1 
ATOM   322 O OE1 . GLN A 1 56  ? 10.773  -1.871  12.074  1.00 37.99  ? 55  GLN A OE1 1 
ATOM   323 N NE2 . GLN A 1 56  ? 10.098  -3.171  10.384  1.00 72.74  ? 55  GLN A NE2 1 
ATOM   324 N N   . LYS A 1 57  ? 7.712   2.239   10.070  1.00 21.53  ? 56  LYS A N   1 
ATOM   325 C CA  . LYS A 1 57  ? 7.260   3.576   10.408  1.00 19.36  ? 56  LYS A CA  1 
ATOM   326 C C   . LYS A 1 57  ? 5.837   3.855   9.929   1.00 17.39  ? 56  LYS A C   1 
ATOM   327 O O   . LYS A 1 57  ? 5.474   3.597   8.780   1.00 19.07  ? 56  LYS A O   1 
ATOM   328 C CB  . LYS A 1 57  ? 8.163   4.645   9.793   1.00 22.57  ? 56  LYS A CB  1 
ATOM   329 C CG  . LYS A 1 57  ? 9.591   4.672   10.355  1.00 34.82  ? 56  LYS A CG  1 
ATOM   330 C CD  . LYS A 1 57  ? 10.240  5.950   9.818   1.00 43.82  ? 56  LYS A CD  1 
ATOM   331 C CE  . LYS A 1 57  ? 9.101   6.869   9.377   1.00 47.94  ? 56  LYS A CE  1 
ATOM   332 N NZ  . LYS A 1 57  ? 9.483   8.311   9.521   1.00 42.57  ? 56  LYS A NZ  1 
ATOM   333 N N   . ALA A 1 58  ? 5.068   4.406   10.875  1.00 17.31  ? 57  ALA A N   1 
ATOM   334 C CA  . ALA A 1 58  ? 3.788   4.979   10.483  1.00 16.61  ? 57  ALA A CA  1 
ATOM   335 C C   . ALA A 1 58  ? 4.001   6.082   9.465   1.00 14.75  ? 57  ALA A C   1 
ATOM   336 O O   . ALA A 1 58  ? 4.966   6.861   9.533   1.00 16.30  ? 57  ALA A O   1 
ATOM   337 C CB  . ALA A 1 58  ? 3.056   5.570   11.681  1.00 17.72  ? 57  ALA A CB  1 
ATOM   338 N N   . GLY A 1 59  ? 3.054   6.213   8.516   1.00 14.98  ? 58  GLY A N   1 
ATOM   339 C CA  . GLY A 1 59  ? 3.071   7.342   7.590   1.00 15.52  ? 58  GLY A CA  1 
ATOM   340 C C   . GLY A 1 59  ? 3.983   7.094   6.407   1.00 16.00  ? 58  GLY A C   1 
ATOM   341 O O   . GLY A 1 59  ? 3.975   7.930   5.483   1.00 18.40  ? 58  GLY A O   1 
ATOM   342 N N   . SER A 1 60  ? 4.759   6.015   6.372   1.00 15.65  ? 59  SER A N   1 
ATOM   343 C CA  . SER A 1 60  ? 5.691   5.839   5.257   1.00 15.49  ? 59  SER A CA  1 
ATOM   344 C C   . SER A 1 60  ? 5.071   4.957   4.167   1.00 16.40  ? 59  SER A C   1 
ATOM   345 O O   . SER A 1 60  ? 5.692   4.713   3.097   1.00 15.21  ? 59  SER A O   1 
ATOM   346 C CB  . SER A 1 60  ? 7.013   5.237   5.735   1.00 16.14  ? 59  SER A CB  1 
ATOM   347 O OG  A SER A 1 60  ? 6.778   3.902   6.143   0.57 16.10  ? 59  SER A OG  1 
ATOM   348 O OG  B SER A 1 60  ? 7.889   6.147   6.368   0.43 17.11  ? 59  SER A OG  1 
ATOM   349 N N   . ALA A 1 61  ? 3.851   4.444   4.377   1.00 15.42  ? 60  ALA A N   1 
ATOM   350 C CA  . ALA A 1 61  ? 3.163   3.702   3.293   1.00 15.09  ? 60  ALA A CA  1 
ATOM   351 C C   . ALA A 1 61  ? 2.501   4.759   2.401   1.00 14.46  ? 60  ALA A C   1 
ATOM   352 O O   . ALA A 1 61  ? 1.599   5.467   2.868   1.00 15.99  ? 60  ALA A O   1 
ATOM   353 C CB  . ALA A 1 61  ? 2.147   2.725   3.784   1.00 14.56  ? 60  ALA A CB  1 
ATOM   354 N N   . VAL A 1 62  ? 2.959   4.862   1.169   1.00 15.26  ? 61  VAL A N   1 
ATOM   355 C CA  . VAL A 1 62  ? 2.520   5.928   0.270   1.00 14.58  ? 61  VAL A CA  1 
ATOM   356 C C   . VAL A 1 62  ? 1.538   5.477   -0.802  1.00 15.87  ? 61  VAL A C   1 
ATOM   357 O O   . VAL A 1 62  ? 1.061   6.294   -1.598  1.00 18.88  ? 61  VAL A O   1 
ATOM   358 C CB  . VAL A 1 62  ? 3.715   6.604   -0.455  1.00 15.63  ? 61  VAL A CB  1 
ATOM   359 C CG1 . VAL A 1 62  ? 4.600   7.354   0.550   1.00 20.32  ? 61  VAL A CG1 1 
ATOM   360 C CG2 . VAL A 1 62  ? 4.454   5.563   -1.275  1.00 16.55  ? 61  VAL A CG2 1 
ATOM   361 N N   . GLY A 1 63  ? 1.241   4.179   -0.822  1.00 17.31  ? 62  GLY A N   1 
ATOM   362 C CA  . GLY A 1 63  ? 0.396   3.652   -1.878  1.00 16.10  ? 62  GLY A CA  1 
ATOM   363 C C   . GLY A 1 63  ? -0.046  2.255   -1.515  1.00 14.07  ? 62  GLY A C   1 
ATOM   364 O O   . GLY A 1 63  ? 0.497   1.617   -0.613  1.00 15.09  ? 62  GLY A O   1 
ATOM   365 N N   . ILE A 1 64  ? -1.049  1.755   -2.228  1.00 14.58  ? 63  ILE A N   1 
ATOM   366 C CA  . ILE A 1 64  ? -1.463  0.367   -2.107  1.00 13.95  ? 63  ILE A CA  1 
ATOM   367 C C   . ILE A 1 64  ? -1.487  -0.246  -3.497  1.00 15.01  ? 63  ILE A C   1 
ATOM   368 O O   . ILE A 1 64  ? -2.141  0.231   -4.423  1.00 18.41  ? 63  ILE A O   1 
ATOM   369 C CB  . ILE A 1 64  ? -2.867  0.253   -1.483  1.00 13.89  ? 63  ILE A CB  1 
ATOM   370 C CG1 . ILE A 1 64  ? -2.909  0.729   -0.045  1.00 16.07  ? 63  ILE A CG1 1 
ATOM   371 C CG2 . ILE A 1 64  ? -3.424  -1.174  -1.668  1.00 16.84  ? 63  ILE A CG2 1 
ATOM   372 C CD1 . ILE A 1 64  ? -4.303  0.814   0.545   1.00 19.39  ? 63  ILE A CD1 1 
ATOM   373 N N   . LEU A 1 65  ? -0.725  -1.306  -3.708  1.00 15.40  ? 64  LEU A N   1 
ATOM   374 C CA  . LEU A 1 65  ? -0.627  -1.896  -5.054  1.00 14.59  ? 64  LEU A CA  1 
ATOM   375 C C   . LEU A 1 65  ? -1.988  -2.316  -5.604  1.00 17.96  ? 64  LEU A C   1 
ATOM   376 O O   . LEU A 1 65  ? -2.758  -2.955  -4.875  1.00 19.48  ? 64  LEU A O   1 
ATOM   377 C CB  . LEU A 1 65  ? 0.333   -3.083  -4.927  1.00 14.59  ? 64  LEU A CB  1 
ATOM   378 C CG  . LEU A 1 65  ? 0.668   -3.803  -6.231  1.00 14.31  ? 64  LEU A CG  1 
ATOM   379 C CD1 . LEU A 1 65  ? 1.444   -2.928  -7.191  1.00 16.87  ? 64  LEU A CD1 1 
ATOM   380 C CD2 . LEU A 1 65  ? 1.499   -5.053  -5.890  1.00 17.62  ? 64  LEU A CD2 1 
ATOM   381 N N   . VAL A 1 66  ? -2.331  -1.970  -6.854  1.00 19.96  ? 65  VAL A N   1 
ATOM   382 C CA  . VAL A 1 66  ? -3.597  -2.263  -7.512  1.00 21.34  ? 65  VAL A CA  1 
ATOM   383 C C   . VAL A 1 66  ? -3.542  -3.608  -8.261  1.00 23.50  ? 65  VAL A C   1 
ATOM   384 O O   . VAL A 1 66  ? -4.490  -4.364  -8.146  1.00 31.65  ? 65  VAL A O   1 
ATOM   385 C CB  . VAL A 1 66  ? -4.014  -1.238  -8.572  1.00 21.24  ? 65  VAL A CB  1 
ATOM   386 C CG1 . VAL A 1 66  ? -5.341  -1.597  -9.236  1.00 33.58  ? 65  VAL A CG1 1 
ATOM   387 C CG2 . VAL A 1 66  ? -4.130  0.153   -7.937  1.00 21.39  ? 65  VAL A CG2 1 
ATOM   388 N N   . LEU A 1 67  ? -2.465  -3.834  -9.006  1.00 27.62  ? 66  LEU A N   1 
ATOM   389 C CA  . LEU A 1 67  ? -2.301  -5.072  -9.779  1.00 24.73  ? 66  LEU A CA  1 
ATOM   390 C C   . LEU A 1 67  ? -1.193  -5.945  -9.213  1.00 26.65  ? 66  LEU A C   1 
ATOM   391 O O   . LEU A 1 67  ? -0.160  -5.422  -8.788  1.00 30.42  ? 66  LEU A O   1 
ATOM   392 C CB  . LEU A 1 67  ? -2.088  -4.695  -11.271 1.00 29.85  ? 66  LEU A CB  1 
ATOM   393 C CG  . LEU A 1 67  ? -3.224  -3.747  -11.744 1.00 38.41  ? 66  LEU A CG  1 
ATOM   394 C CD1 . LEU A 1 67  ? -2.725  -2.724  -12.743 1.00 47.83  ? 66  LEU A CD1 1 
ATOM   395 C CD2 . LEU A 1 67  ? -4.390  -4.585  -12.254 1.00 37.76  ? 66  LEU A CD2 1 
ATOM   396 N N   . PRO A 1 68  ? -1.326  -7.267  -9.166  1.00 25.57  ? 67  PRO A N   1 
ATOM   397 C CA  . PRO A 1 68  ? -0.247  -8.123  -8.645  1.00 26.42  ? 67  PRO A CA  1 
ATOM   398 C C   . PRO A 1 68  ? 1.005   -7.911  -9.490  1.00 23.94  ? 67  PRO A C   1 
ATOM   399 O O   . PRO A 1 68  ? 0.851   -7.710  -10.691 1.00 29.40  ? 67  PRO A O   1 
ATOM   400 C CB  . PRO A 1 68  ? -0.744  -9.565  -8.814  1.00 26.25  ? 67  PRO A CB  1 
ATOM   401 C CG  . PRO A 1 68  ? -1.803  -9.414  -9.852  1.00 31.43  ? 67  PRO A CG  1 
ATOM   402 C CD  . PRO A 1 68  ? -2.468  -8.074  -9.607  1.00 25.76  ? 67  PRO A CD  1 
ATOM   403 N N   . LEU A 1 69  ? 2.180   -7.953  -8.879  1.00 22.04  ? 68  LEU A N   1 
ATOM   404 C CA  . LEU A 1 69  ? 3.383   -7.929  -9.671  1.00 21.99  ? 68  LEU A CA  1 
ATOM   405 C C   . LEU A 1 69  ? 4.041   -9.316  -9.681  1.00 21.71  ? 68  LEU A C   1 
ATOM   406 O O   . LEU A 1 69  ? 3.871   -10.080 -8.750  1.00 21.43  ? 68  LEU A O   1 
ATOM   407 C CB  . LEU A 1 69  ? 4.437   -6.947  -9.148  1.00 21.20  ? 68  LEU A CB  1 
ATOM   408 C CG  . LEU A 1 69  ? 3.978   -5.489  -9.069  1.00 19.32  ? 68  LEU A CG  1 
ATOM   409 C CD1 . LEU A 1 69  ? 4.796   -4.693  -8.106  1.00 19.48  ? 68  LEU A CD1 1 
ATOM   410 C CD2 . LEU A 1 69  ? 4.059   -4.888  -10.483 1.00 21.03  ? 68  LEU A CD2 1 
ATOM   411 N N   . GLU A 1 70  ? 4.787   -9.566  -10.740 1.00 24.52  ? 69  GLU A N   1 
ATOM   412 C CA  . GLU A 1 70  ? 5.595   -10.771 -10.877 1.00 26.25  ? 69  GLU A CA  1 
ATOM   413 C C   . GLU A 1 70  ? 7.029   -10.514 -10.438 1.00 29.88  ? 69  GLU A C   1 
ATOM   414 O O   . GLU A 1 70  ? 7.813   -11.422 -10.194 1.00 25.62  ? 69  GLU A O   1 
ATOM   415 C CB  . GLU A 1 70  ? 5.568   -11.251 -12.332 1.00 25.50  ? 69  GLU A CB  1 
ATOM   416 C CG  . GLU A 1 70  ? 4.135   -11.613 -12.781 1.00 32.02  ? 69  GLU A CG  1 
ATOM   417 C CD  . GLU A 1 70  ? 3.582   -12.759 -11.949 1.00 45.36  ? 69  GLU A CD  1 
ATOM   418 O OE1 . GLU A 1 70  ? 3.602   -13.902 -12.442 1.00 64.19  ? 69  GLU A OE1 1 
ATOM   419 O OE2 . GLU A 1 70  ? 3.131   -12.566 -10.801 1.00 57.24  ? 69  GLU A OE2 1 
ATOM   420 N N   . GLY A 1 71  ? 7.351   -9.219  -10.376 1.00 26.41  ? 70  GLY A N   1 
ATOM   421 C CA  . GLY A 1 71  ? 8.697   -8.900  -9.934  1.00 24.69  ? 70  GLY A CA  1 
ATOM   422 C C   . GLY A 1 71  ? 9.591   -8.508  -11.087 1.00 25.22  ? 70  GLY A C   1 
ATOM   423 O O   . GLY A 1 71  ? 10.759  -8.204  -10.844 1.00 28.59  ? 70  GLY A O   1 
ATOM   424 N N   . THR A 1 72  ? 9.102   -8.476  -12.327 1.00 26.28  ? 71  THR A N   1 
ATOM   425 C CA  . THR A 1 72  ? 9.950   -8.029  -13.434 1.00 26.38  ? 71  THR A CA  1 
ATOM   426 C C   . THR A 1 72  ? 9.648   -6.615  -13.909 1.00 27.87  ? 71  THR A C   1 
ATOM   427 O O   . THR A 1 72  ? 10.373  -6.059  -14.743 1.00 31.67  ? 71  THR A O   1 
ATOM   428 C CB  . THR A 1 72  ? 9.751   -8.968  -14.635 1.00 30.70  ? 71  THR A CB  1 
ATOM   429 O OG1 . THR A 1 72  ? 8.351   -9.052  -14.949 1.00 34.30  ? 71  THR A OG1 1 
ATOM   430 C CG2 . THR A 1 72  ? 10.226  -10.365 -14.250 1.00 34.35  ? 71  THR A CG2 1 
ATOM   431 N N   . GLU A 1 73  ? 8.564   -6.029  -13.403 1.00 27.26  ? 72  GLU A N   1 
ATOM   432 C CA  . GLU A 1 73  ? 8.043   -4.773  -13.937 1.00 22.31  ? 72  GLU A CA  1 
ATOM   433 C C   . GLU A 1 73  ? 8.854   -3.559  -13.551 1.00 21.18  ? 72  GLU A C   1 
ATOM   434 O O   . GLU A 1 73  ? 9.286   -3.453  -12.398 1.00 24.10  ? 72  GLU A O   1 
ATOM   435 C CB  . GLU A 1 73  ? 6.604   -4.604  -13.446 1.00 23.89  ? 72  GLU A CB  1 
ATOM   436 C CG  . GLU A 1 73  ? 5.730   -5.786  -13.842 1.00 28.20  ? 72  GLU A CG  1 
ATOM   437 C CD  . GLU A 1 73  ? 5.656   -6.941  -12.860 1.00 29.68  ? 72  GLU A CD  1 
ATOM   438 O OE1 . GLU A 1 73  ? 4.735   -7.771  -13.007 1.00 27.57  ? 72  GLU A OE1 1 
ATOM   439 O OE2 . GLU A 1 73  ? 6.503   -7.061  -11.937 1.00 26.57  ? 72  GLU A OE2 1 
ATOM   440 N N   . THR A 1 74  ? 9.041   -2.649  -14.508 1.00 22.08  ? 73  THR A N   1 
ATOM   441 C CA  . THR A 1 74  ? 9.745   -1.395  -14.157 1.00 21.33  ? 73  THR A CA  1 
ATOM   442 C C   . THR A 1 74  ? 8.717   -0.421  -13.599 1.00 17.54  ? 73  THR A C   1 
ATOM   443 O O   . THR A 1 74  ? 9.093   0.491   -12.851 1.00 20.62  ? 73  THR A O   1 
ATOM   444 C CB  . THR A 1 74  ? 10.507  -0.783  -15.337 1.00 23.82  ? 73  THR A CB  1 
ATOM   445 O OG1 . THR A 1 74  ? 9.632   -0.553  -16.457 1.00 29.82  ? 73  THR A OG1 1 
ATOM   446 C CG2 . THR A 1 74  ? 11.601  -1.722  -15.855 1.00 32.37  ? 73  THR A CG2 1 
ATOM   447 N N   . ALA A 1 75  ? 7.420   -0.577  -13.893 1.00 17.99  ? 74  ALA A N   1 
ATOM   448 C CA  . ALA A 1 75  ? 6.440   0.374   -13.340 1.00 17.12  ? 74  ALA A CA  1 
ATOM   449 C C   . ALA A 1 75  ? 5.334   -0.386  -12.628 1.00 18.77  ? 74  ALA A C   1 
ATOM   450 O O   . ALA A 1 75  ? 5.144   -1.561  -12.985 1.00 21.40  ? 74  ALA A O   1 
ATOM   451 C CB  . ALA A 1 75  ? 5.865   1.249   -14.428 1.00 22.37  ? 74  ALA A CB  1 
ATOM   452 N N   . LEU A 1 76  ? 4.665   0.288   -11.710 1.00 16.56  ? 75  LEU A N   1 
ATOM   453 C CA  . LEU A 1 76  ? 3.511   -0.377  -11.073 1.00 15.54  ? 75  LEU A CA  1 
ATOM   454 C C   . LEU A 1 76  ? 2.360   0.622   -11.006 1.00 18.58  ? 75  LEU A C   1 
ATOM   455 O O   . LEU A 1 76  ? 2.583   1.821   -11.183 1.00 17.99  ? 75  LEU A O   1 
ATOM   456 C CB  . LEU A 1 76  ? 3.927   -0.924  -9.713  1.00 16.33  ? 75  LEU A CB  1 
ATOM   457 C CG  . LEU A 1 76  ? 4.590   -0.004  -8.691  1.00 17.11  ? 75  LEU A CG  1 
ATOM   458 C CD1 . LEU A 1 76  ? 3.608   0.948   -8.015  1.00 19.30  ? 75  LEU A CD1 1 
ATOM   459 C CD2 . LEU A 1 76  ? 5.275   -0.788  -7.550  1.00 18.48  ? 75  LEU A CD2 1 
ATOM   460 N N   . THR A 1 77  ? 1.186   0.092   -10.681 1.00 14.89  ? 76  THR A N   1 
ATOM   461 C CA  . THR A 1 77  ? 0.012   0.918   -10.476 1.00 15.23  ? 76  THR A CA  1 
ATOM   462 C C   . THR A 1 77  ? -0.403  0.815   -9.017  1.00 15.23  ? 76  THR A C   1 
ATOM   463 O O   . THR A 1 77  ? -0.448  -0.332  -8.531  1.00 17.76  ? 76  THR A O   1 
ATOM   464 C CB  . THR A 1 77  ? -1.125  0.459   -11.416 1.00 18.30  ? 76  THR A CB  1 
ATOM   465 O OG1 . THR A 1 77  ? -0.685  0.627   -12.771 1.00 19.13  ? 76  THR A OG1 1 
ATOM   466 C CG2 . THR A 1 77  ? -2.371  1.308   -11.262 1.00 18.69  ? 76  THR A CG2 1 
ATOM   467 N N   . TYR A 1 78  ? -0.652  1.970   -8.409  1.00 15.07  ? 77  TYR A N   1 
ATOM   468 C CA  . TYR A 1 78  ? -1.051  1.973   -6.997  1.00 14.06  ? 77  TYR A CA  1 
ATOM   469 C C   . TYR A 1 78  ? -2.222  2.911   -6.741  1.00 14.98  ? 77  TYR A C   1 
ATOM   470 O O   . TYR A 1 78  ? -2.457  3.875   -7.429  1.00 16.33  ? 77  TYR A O   1 
ATOM   471 C CB  . TYR A 1 78  ? 0.119   2.353   -6.115  1.00 16.01  ? 77  TYR A CB  1 
ATOM   472 C CG  . TYR A 1 78  ? 0.797   3.690   -6.289  1.00 13.50  ? 77  TYR A CG  1 
ATOM   473 C CD1 . TYR A 1 78  ? 1.723   3.933   -7.287  1.00 14.78  ? 77  TYR A CD1 1 
ATOM   474 C CD2 . TYR A 1 78  ? 0.509   4.729   -5.408  1.00 14.97  ? 77  TYR A CD2 1 
ATOM   475 C CE1 . TYR A 1 78  ? 2.335   5.175   -7.419  1.00 15.21  ? 77  TYR A CE1 1 
ATOM   476 C CE2 . TYR A 1 78  ? 1.114   5.973   -5.522  1.00 14.99  ? 77  TYR A CE2 1 
ATOM   477 C CZ  . TYR A 1 78  ? 2.032   6.188   -6.541  1.00 15.08  ? 77  TYR A CZ  1 
ATOM   478 O OH  . TYR A 1 78  ? 2.639   7.420   -6.642  1.00 17.66  ? 77  TYR A OH  1 
ATOM   479 N N   . TYR A 1 79  ? -2.983  2.614   -5.701  1.00 14.22  ? 78  TYR A N   1 
ATOM   480 C CA  . TYR A 1 79  ? -3.987  3.547   -5.212  1.00 13.56  ? 78  TYR A CA  1 
ATOM   481 C C   . TYR A 1 79  ? -3.293  4.705   -4.493  1.00 15.25  ? 78  TYR A C   1 
ATOM   482 O O   . TYR A 1 79  ? -2.431  4.401   -3.637  1.00 15.79  ? 78  TYR A O   1 
ATOM   483 C CB  . TYR A 1 79  ? -4.945  2.857   -4.244  1.00 16.25  ? 78  TYR A CB  1 
ATOM   484 C CG  . TYR A 1 79  ? -5.844  1.821   -4.881  1.00 16.27  ? 78  TYR A CG  1 
ATOM   485 C CD1 . TYR A 1 79  ? -5.697  0.465   -4.617  1.00 19.71  ? 78  TYR A CD1 1 
ATOM   486 C CD2 . TYR A 1 79  ? -6.858  2.184   -5.761  1.00 18.06  ? 78  TYR A CD2 1 
ATOM   487 C CE1 . TYR A 1 79  ? -6.508  -0.502  -5.180  1.00 22.72  ? 78  TYR A CE1 1 
ATOM   488 C CE2 . TYR A 1 79  ? -7.675  1.212   -6.330  1.00 25.53  ? 78  TYR A CE2 1 
ATOM   489 C CZ  . TYR A 1 79  ? -7.505  -0.125  -6.049  1.00 23.27  ? 78  TYR A CZ  1 
ATOM   490 O OH  . TYR A 1 79  ? -8.301  -1.092  -6.607  1.00 31.20  ? 78  TYR A OH  1 
ATOM   491 N N   . LYS A 1 80  ? -3.711  5.917   -4.815  1.00 16.34  ? 79  LYS A N   1 
ATOM   492 C CA  . LYS A 1 80  ? -3.154  7.096   -4.155  1.00 13.59  ? 79  LYS A CA  1 
ATOM   493 C C   . LYS A 1 80  ? -4.256  7.734   -3.294  1.00 17.04  ? 79  LYS A C   1 
ATOM   494 O O   . LYS A 1 80  ? -4.003  8.704   -2.587  1.00 17.17  ? 79  LYS A O   1 
ATOM   495 C CB  . LYS A 1 80  ? -2.550  8.116   -5.112  1.00 17.56  ? 79  LYS A CB  1 
ATOM   496 C CG  . LYS A 1 80  ? -3.526  8.678   -6.154  1.00 14.91  ? 79  LYS A CG  1 
ATOM   497 C CD  . LYS A 1 80  ? -2.969  9.928   -6.814  1.00 16.40  ? 79  LYS A CD  1 
ATOM   498 C CE  . LYS A 1 80  ? -3.989  10.585  -7.736  1.00 18.83  ? 79  LYS A CE  1 
ATOM   499 N NZ  . LYS A 1 80  ? -3.433  11.816  -8.414  1.00 15.42  ? 79  LYS A NZ  1 
ATOM   500 N N   . SER A 1 81  ? -5.473  7.210   -3.335  1.00 15.22  ? 80  SER A N   1 
ATOM   501 C CA  . SER A 1 81  ? -6.516  7.717   -2.447  1.00 16.13  ? 80  SER A CA  1 
ATOM   502 C C   . SER A 1 81  ? -7.537  6.609   -2.172  1.00 15.40  ? 80  SER A C   1 
ATOM   503 O O   . SER A 1 81  ? -7.457  5.553   -2.813  1.00 16.53  ? 80  SER A O   1 
ATOM   504 C CB  . SER A 1 81  ? -7.241  8.947   -2.999  1.00 16.11  ? 80  SER A CB  1 
ATOM   505 O OG  . SER A 1 81  ? -8.046  8.570   -4.123  1.00 18.94  ? 80  SER A OG  1 
ATOM   506 N N   . GLY A 1 82  ? -8.456  6.911   -1.249  1.00 14.81  ? 81  GLY A N   1 
ATOM   507 C CA  . GLY A 1 82  ? -9.509  5.992   -0.894  1.00 16.49  ? 81  GLY A CA  1 
ATOM   508 C C   . GLY A 1 82  ? -9.453  5.533   0.567   1.00 15.98  ? 81  GLY A C   1 
ATOM   509 O O   . GLY A 1 82  ? -8.445  5.757   1.266   1.00 17.29  ? 81  GLY A O   1 
ATOM   510 N N   . THR A 1 83  ? -10.527 4.879   1.012   1.00 14.77  ? 82  THR A N   1 
ATOM   511 C CA  . THR A 1 83  ? -10.627 4.307   2.343   1.00 16.11  ? 82  THR A CA  1 
ATOM   512 C C   . THR A 1 83  ? -10.764 2.789   2.216   1.00 16.35  ? 82  THR A C   1 
ATOM   513 O O   . THR A 1 83  ? -11.790 2.369   1.647   1.00 22.87  ? 82  THR A O   1 
ATOM   514 C CB  . THR A 1 83  ? -11.858 4.829   3.107   1.00 17.19  ? 82  THR A CB  1 
ATOM   515 O OG1 . THR A 1 83  ? -11.717 6.247   3.203   1.00 16.88  ? 82  THR A OG1 1 
ATOM   516 C CG2 . THR A 1 83  ? -11.905 4.223   4.504   1.00 20.24  ? 82  THR A CG2 1 
ATOM   517 N N   . PHE A 1 84  ? -9.770  2.040   2.652   1.00 16.13  ? 83  PHE A N   1 
ATOM   518 C CA  . PHE A 1 84  ? -9.735  0.588   2.441   1.00 16.77  ? 83  PHE A CA  1 
ATOM   519 C C   . PHE A 1 84  ? -10.193 -0.208  3.639   1.00 17.57  ? 83  PHE A C   1 
ATOM   520 O O   . PHE A 1 84  ? -10.088 0.283   4.773   1.00 16.35  ? 83  PHE A O   1 
ATOM   521 C CB  . PHE A 1 84  ? -8.281  0.189   2.066   1.00 19.03  ? 83  PHE A CB  1 
ATOM   522 C CG  . PHE A 1 84  ? -7.989  0.679   0.640   1.00 18.19  ? 83  PHE A CG  1 
ATOM   523 C CD1 . PHE A 1 84  ? -7.731  2.017   0.407   1.00 20.96  ? 83  PHE A CD1 1 
ATOM   524 C CD2 . PHE A 1 84  ? -8.008  -0.200  -0.418  1.00 18.19  ? 83  PHE A CD2 1 
ATOM   525 C CE1 . PHE A 1 84  ? -7.507  2.482   -0.867  1.00 21.75  ? 83  PHE A CE1 1 
ATOM   526 C CE2 . PHE A 1 84  ? -7.774  0.254   -1.701  1.00 21.24  ? 83  PHE A CE2 1 
ATOM   527 C CZ  . PHE A 1 84  ? -7.539  1.603   -1.934  1.00 22.79  ? 83  PHE A CZ  1 
ATOM   528 N N   . ALA A 1 85  ? -10.703 -1.425  3.417   1.00 16.48  ? 84  ALA A N   1 
ATOM   529 C CA  . ALA A 1 85  ? -11.016 -2.317  4.523   1.00 17.90  ? 84  ALA A CA  1 
ATOM   530 C C   . ALA A 1 85  ? -9.708  -2.909  5.040   1.00 17.32  ? 84  ALA A C   1 
ATOM   531 O O   . ALA A 1 85  ? -8.950  -3.486  4.258   1.00 18.31  ? 84  ALA A O   1 
ATOM   532 C CB  . ALA A 1 85  ? -11.962 -3.432  4.128   1.00 22.09  ? 84  ALA A CB  1 
ATOM   533 N N   . THR A 1 86  ? -9.503  -2.737  6.341   1.00 17.78  ? 85  THR A N   1 
ATOM   534 C CA  . THR A 1 86  ? -8.246  -3.177  6.958   1.00 19.33  ? 85  THR A CA  1 
ATOM   535 C C   . THR A 1 86  ? -7.949  -4.633  6.598   1.00 19.36  ? 85  THR A C   1 
ATOM   536 O O   . THR A 1 86  ? -6.817  -4.913  6.252   1.00 21.36  ? 85  THR A O   1 
ATOM   537 C CB  . THR A 1 86  ? -8.302  -3.043  8.491   1.00 21.34  ? 85  THR A CB  1 
ATOM   538 O OG1 . THR A 1 86  ? -8.527  -1.668  8.863   1.00 19.86  ? 85  THR A OG1 1 
ATOM   539 C CG2 . THR A 1 86  ? -6.990  -3.513  9.124   1.00 20.34  ? 85  THR A CG2 1 
ATOM   540 N N   . GLU A 1 87  ? -8.979  -5.492  6.707   1.00 20.89  ? 86  GLU A N   1 
ATOM   541 C CA  . GLU A 1 87  ? -8.774  -6.916  6.482   1.00 22.14  ? 86  GLU A CA  1 
ATOM   542 C C   . GLU A 1 87  ? -8.448  -7.262  5.042   1.00 21.64  ? 86  GLU A C   1 
ATOM   543 O O   . GLU A 1 87  ? -7.973  -8.384  4.760   1.00 23.87  ? 86  GLU A O   1 
ATOM   544 C CB  . GLU A 1 87  ? -10.072 -7.657  6.904   1.00 32.96  ? 86  GLU A CB  1 
ATOM   545 C CG  . GLU A 1 87  ? -10.634 -7.184  8.216   1.00 38.79  ? 86  GLU A CG  1 
ATOM   546 C CD  . GLU A 1 87  ? -11.530 -5.982  8.426   1.00 37.47  ? 86  GLU A CD  1 
ATOM   547 O OE1 . GLU A 1 87  ? -11.926 -5.834  9.628   1.00 53.77  ? 86  GLU A OE1 1 
ATOM   548 O OE2 . GLU A 1 87  ? -11.905 -5.160  7.568   1.00 20.95  ? 86  GLU A OE2 1 
ATOM   549 N N   . ALA A 1 88  ? -8.701  -6.345  4.125   1.00 21.47  ? 87  ALA A N   1 
ATOM   550 C CA  . ALA A 1 88  ? -8.456  -6.664  2.700   1.00 20.90  ? 87  ALA A CA  1 
ATOM   551 C C   . ALA A 1 88  ? -6.993  -6.444  2.316   1.00 19.27  ? 87  ALA A C   1 
ATOM   552 O O   . ALA A 1 88  ? -6.504  -6.958  1.302   1.00 20.23  ? 87  ALA A O   1 
ATOM   553 C CB  . ALA A 1 88  ? -9.347  -5.862  1.764   1.00 21.73  ? 87  ALA A CB  1 
ATOM   554 N N   . ILE A 1 89  ? -6.311  -5.649  3.129   1.00 19.17  ? 88  ILE A N   1 
ATOM   555 C CA  . ILE A 1 89  ? -4.932  -5.258  2.780   1.00 19.01  ? 88  ILE A CA  1 
ATOM   556 C C   . ILE A 1 89  ? -3.978  -6.378  3.147   1.00 19.01  ? 88  ILE A C   1 
ATOM   557 O O   . ILE A 1 89  ? -4.213  -7.076  4.155   1.00 19.50  ? 88  ILE A O   1 
ATOM   558 C CB  . ILE A 1 89  ? -4.606  -3.925  3.480   1.00 16.90  ? 88  ILE A CB  1 
ATOM   559 C CG1 . ILE A 1 89  ? -5.362  -2.739  2.851   1.00 17.64  ? 88  ILE A CG1 1 
ATOM   560 C CG2 . ILE A 1 89  ? -3.108  -3.650  3.479   1.00 20.05  ? 88  ILE A CG2 1 
ATOM   561 C CD1 . ILE A 1 89  ? -5.397  -1.529  3.746   1.00 20.31  ? 88  ILE A CD1 1 
ATOM   562 N N   . HIS A 1 90  ? -2.931  -6.587  2.355   1.00 18.38  ? 89  HIS A N   1 
ATOM   563 C CA  . HIS A 1 90  ? -1.934  -7.616  2.671   1.00 18.83  ? 89  HIS A CA  1 
ATOM   564 C C   . HIS A 1 90  ? -0.807  -6.963  3.473   1.00 17.95  ? 89  HIS A C   1 
ATOM   565 O O   . HIS A 1 90  ? 0.148   -6.396  2.939   1.00 19.52  ? 89  HIS A O   1 
ATOM   566 C CB  . HIS A 1 90  ? -1.357  -8.307  1.442   1.00 24.99  ? 89  HIS A CB  1 
ATOM   567 C CG  . HIS A 1 90  ? -2.373  -9.157  0.731   1.00 33.30  ? 89  HIS A CG  1 
ATOM   568 N ND1 . HIS A 1 90  ? -3.111  -10.184 1.273   1.00 38.39  ? 89  HIS A ND1 1 
ATOM   569 C CD2 . HIS A 1 90  ? -2.774  -9.082  -0.545  1.00 30.44  ? 89  HIS A CD2 1 
ATOM   570 C CE1 . HIS A 1 90  ? -3.912  -10.695 0.353   1.00 36.75  ? 89  HIS A CE1 1 
ATOM   571 N NE2 . HIS A 1 90  ? -3.722  -10.031 -0.790  1.00 31.60  ? 89  HIS A NE2 1 
ATOM   572 N N   . TRP A 1 91  ? -0.976  -7.012  4.779   1.00 18.76  ? 90  TRP A N   1 
ATOM   573 C CA  . TRP A 1 91  ? -0.036  -6.356  5.676   1.00 18.92  ? 90  TRP A CA  1 
ATOM   574 C C   . TRP A 1 91  ? 1.280   -7.112  5.826   1.00 18.75  ? 90  TRP A C   1 
ATOM   575 O O   . TRP A 1 91  ? 1.308   -8.330  5.716   1.00 21.62  ? 90  TRP A O   1 
ATOM   576 C CB  . TRP A 1 91  ? -0.694  -6.206  7.053   1.00 18.06  ? 90  TRP A CB  1 
ATOM   577 C CG  . TRP A 1 91  ? -1.923  -5.344  7.022   1.00 14.93  ? 90  TRP A CG  1 
ATOM   578 C CD1 . TRP A 1 91  ? -3.238  -5.717  7.109   1.00 16.55  ? 90  TRP A CD1 1 
ATOM   579 C CD2 . TRP A 1 91  ? -1.925  -3.925  6.893   1.00 16.60  ? 90  TRP A CD2 1 
ATOM   580 N NE1 . TRP A 1 91  ? -4.086  -4.614  7.041   1.00 17.67  ? 90  TRP A NE1 1 
ATOM   581 C CE2 . TRP A 1 91  ? -3.273  -3.496  6.907   1.00 15.34  ? 90  TRP A CE2 1 
ATOM   582 C CE3 . TRP A 1 91  ? -0.902  -2.975  6.759   1.00 17.55  ? 90  TRP A CE3 1 
ATOM   583 C CZ2 . TRP A 1 91  ? -3.604  -2.147  6.795   1.00 18.56  ? 90  TRP A CZ2 1 
ATOM   584 C CZ3 . TRP A 1 91  ? -1.245  -1.631  6.654   1.00 18.75  ? 90  TRP A CZ3 1 
ATOM   585 C CH2 . TRP A 1 91  ? -2.596  -1.232  6.675   1.00 16.27  ? 90  TRP A CH2 1 
ATOM   586 N N   . PRO A 1 92  ? 2.379   -6.409  6.096   1.00 21.09  ? 91  PRO A N   1 
ATOM   587 C CA  . PRO A 1 92  ? 3.633   -7.132  6.331   1.00 23.48  ? 91  PRO A CA  1 
ATOM   588 C C   . PRO A 1 92  ? 3.558   -7.880  7.674   1.00 27.38  ? 91  PRO A C   1 
ATOM   589 O O   . PRO A 1 92  ? 2.945   -7.458  8.657   1.00 26.09  ? 91  PRO A O   1 
ATOM   590 C CB  . PRO A 1 92  ? 4.704   -6.050  6.351   1.00 23.12  ? 91  PRO A CB  1 
ATOM   591 C CG  . PRO A 1 92  ? 3.976   -4.785  6.604   1.00 20.63  ? 91  PRO A CG  1 
ATOM   592 C CD  . PRO A 1 92  ? 2.539   -4.946  6.189   1.00 20.58  ? 91  PRO A CD  1 
ATOM   593 N N   . GLU A 1 93  ? 4.180   -9.044  7.716   1.00 27.71  ? 92  GLU A N   1 
ATOM   594 C CA  . GLU A 1 93  ? 4.286   -9.812  8.936   1.00 29.89  ? 92  GLU A CA  1 
ATOM   595 C C   . GLU A 1 93  ? 4.950   -8.970  10.015  1.00 25.03  ? 92  GLU A C   1 
ATOM   596 O O   . GLU A 1 93  ? 5.813   -8.196  9.591   1.00 28.63  ? 92  GLU A O   1 
ATOM   597 C CB  . GLU A 1 93  ? 5.145   -11.052 8.688   1.00 41.00  ? 92  GLU A CB  1 
ATOM   598 C CG  . GLU A 1 93  ? 4.369   -12.148 7.963   1.00 44.72  ? 92  GLU A CG  1 
ATOM   599 C CD  . GLU A 1 93  ? 5.166   -13.443 8.020   1.00 54.01  ? 92  GLU A CD  1 
ATOM   600 O OE1 . GLU A 1 93  ? 4.547   -14.506 7.834   1.00 59.65  ? 92  GLU A OE1 1 
ATOM   601 O OE2 . GLU A 1 93  ? 6.392   -13.327 8.260   1.00 70.93  ? 92  GLU A OE2 1 
HETATM 602 N N   . DSN A 1 94  ? 4.533   -9.141  11.249  1.00 24.96  ? 93  DSN A N   1 
HETATM 603 C CA  . DSN A 1 94  ? 5.173   -8.464  12.380  1.00 27.81  ? 93  DSN A CA  1 
HETATM 604 C C   . DSN A 1 94  ? 4.695   -7.038  12.624  1.00 31.26  ? 93  DSN A C   1 
HETATM 605 O O   . DSN A 1 94  ? 5.053   -6.487  13.671  1.00 27.97  ? 93  DSN A O   1 
HETATM 606 C CB  . DSN A 1 94  ? 4.928   -9.243  13.675  1.00 32.19  ? 93  DSN A CB  1 
HETATM 607 O OG  . DSN A 1 94  ? 3.547   -9.157  13.986  1.00 47.71  ? 93  DSN A OG  1 
ATOM   608 N N   . VAL A 1 95  ? 3.928   -6.423  11.733  1.00 24.24  ? 94  VAL A N   1 
ATOM   609 C CA  . VAL A 1 95  ? 3.618   -5.019  11.884  1.00 23.32  ? 94  VAL A CA  1 
ATOM   610 C C   . VAL A 1 95  ? 2.946   -4.682  13.215  1.00 23.31  ? 94  VAL A C   1 
ATOM   611 O O   . VAL A 1 95  ? 2.065   -5.320  13.764  1.00 24.90  ? 94  VAL A O   1 
ATOM   612 C CB  . VAL A 1 95  ? 2.714   -4.527  10.724  1.00 24.19  ? 94  VAL A CB  1 
ATOM   613 C CG1 . VAL A 1 95  ? 1.314   -5.075  10.904  1.00 31.82  ? 94  VAL A CG1 1 
ATOM   614 C CG2 . VAL A 1 95  ? 2.756   -2.998  10.693  1.00 30.61  ? 94  VAL A CG2 1 
ATOM   615 N N   . ASP A 1 96  ? 3.421   -3.581  13.763  1.00 25.09  ? 95  ASP A N   1 
ATOM   616 C CA  . ASP A 1 96  ? 2.949   -2.927  14.962  1.00 25.98  ? 95  ASP A CA  1 
ATOM   617 C C   . ASP A 1 96  ? 1.518   -2.443  14.762  1.00 24.37  ? 95  ASP A C   1 
ATOM   618 O O   . ASP A 1 96  ? 1.225   -1.859  13.717  1.00 23.82  ? 95  ASP A O   1 
ATOM   619 C CB  . ASP A 1 96  ? 3.937   -1.783  15.248  1.00 31.10  ? 95  ASP A CB  1 
ATOM   620 C CG  . ASP A 1 96  ? 3.510   -0.968  16.445  1.00 34.48  ? 95  ASP A CG  1 
ATOM   621 O OD1 . ASP A 1 96  ? 4.197   -1.087  17.479  1.00 36.49  ? 95  ASP A OD1 1 
ATOM   622 O OD2 . ASP A 1 96  ? 2.519   -0.237  16.289  1.00 28.43  ? 95  ASP A OD2 1 
ATOM   623 N N   . GLU A 1 97  ? 0.622   -2.711  15.695  1.00 24.45  ? 96  GLU A N   1 
ATOM   624 C CA  . GLU A 1 97  ? -0.793  -2.368  15.521  1.00 24.35  ? 96  GLU A CA  1 
ATOM   625 C C   . GLU A 1 97  ? -1.027  -0.884  15.331  1.00 21.99  ? 96  GLU A C   1 
ATOM   626 O O   . GLU A 1 97  ? -1.939  -0.499  14.557  1.00 24.04  ? 96  GLU A O   1 
ATOM   627 C CB  . GLU A 1 97  ? -1.590  -2.910  16.724  1.00 32.91  ? 96  GLU A CB  1 
ATOM   628 C CG  . GLU A 1 97  ? -1.533  -4.426  16.799  1.00 50.34  ? 96  GLU A CG  1 
ATOM   629 C CD  . GLU A 1 97  ? -2.042  -5.243  15.637  1.00 64.31  ? 96  GLU A CD  1 
ATOM   630 O OE1 . GLU A 1 97  ? -1.496  -6.363  15.434  1.00 81.85  ? 96  GLU A OE1 1 
ATOM   631 O OE2 . GLU A 1 97  ? -2.977  -4.857  14.890  1.00 60.22  ? 96  GLU A OE2 1 
ATOM   632 N N   . HIS A 1 98  ? -0.226  -0.041  15.982  1.00 21.23  ? 97  HIS A N   1 
ATOM   633 C CA  . HIS A 1 98  ? -0.404  1.411   15.810  1.00 20.03  ? 97  HIS A CA  1 
ATOM   634 C C   . HIS A 1 98  ? 0.163   1.898   14.491  1.00 17.26  ? 97  HIS A C   1 
ATOM   635 O O   . HIS A 1 98  ? -0.438  2.723   13.792  1.00 18.05  ? 97  HIS A O   1 
ATOM   636 C CB  . HIS A 1 98  ? 0.283   2.106   17.007  1.00 23.72  ? 97  HIS A CB  1 
ATOM   637 C CG  . HIS A 1 98  ? -0.157  1.494   18.303  1.00 26.37  ? 97  HIS A CG  1 
ATOM   638 N ND1 . HIS A 1 98  ? 0.729   1.054   19.267  1.00 27.40  ? 97  HIS A ND1 1 
ATOM   639 C CD2 . HIS A 1 98  ? -1.393  1.200   18.777  1.00 29.02  ? 97  HIS A CD2 1 
ATOM   640 C CE1 . HIS A 1 98  ? 0.080   0.535   20.293  1.00 27.40  ? 97  HIS A CE1 1 
ATOM   641 N NE2 . HIS A 1 98  ? -1.207  0.610   20.021  1.00 27.74  ? 97  HIS A NE2 1 
ATOM   642 N N   . LYS A 1 99  ? 1.338   1.381   14.134  1.00 17.01  ? 98  LYS A N   1 
ATOM   643 C CA  . LYS A 1 99  ? 1.969   1.750   12.859  1.00 17.30  ? 98  LYS A CA  1 
ATOM   644 C C   . LYS A 1 99  ? 1.103   1.252   11.712  1.00 20.91  ? 98  LYS A C   1 
ATOM   645 O O   . LYS A 1 99  ? 1.024   1.914   10.670  1.00 19.32  ? 98  LYS A O   1 
ATOM   646 C CB  . LYS A 1 99  ? 3.404   1.188   12.813  1.00 16.41  ? 98  LYS A CB  1 
ATOM   647 C CG  . LYS A 1 99  ? 4.270   1.853   13.873  1.00 19.63  ? 98  LYS A CG  1 
ATOM   648 C CD  . LYS A 1 99  ? 5.727   1.412   13.820  1.00 22.81  ? 98  LYS A CD  1 
ATOM   649 C CE  . LYS A 1 99  ? 6.513   2.132   14.928  1.00 25.61  ? 98  LYS A CE  1 
ATOM   650 N NZ  . LYS A 1 99  ? 7.953   1.774   14.868  1.00 27.69  ? 98  LYS A NZ  1 
ATOM   651 N N   . LYS A 1 100 ? 0.441   0.116   11.893  1.00 17.28  ? 99  LYS A N   1 
ATOM   652 C CA  . LYS A 1 100 ? -0.513  -0.411  10.913  1.00 14.71  ? 99  LYS A CA  1 
ATOM   653 C C   . LYS A 1 100 ? -1.708  0.536   10.825  1.00 14.61  ? 99  LYS A C   1 
ATOM   654 O O   . LYS A 1 100 ? -2.056  0.962   9.706   1.00 17.01  ? 99  LYS A O   1 
ATOM   655 C CB  . LYS A 1 100 ? -0.920  -1.830  11.334  1.00 18.60  ? 99  LYS A CB  1 
ATOM   656 C CG  . LYS A 1 100 ? -2.189  -2.352  10.660  1.00 19.36  ? 99  LYS A CG  1 
ATOM   657 C CD  . LYS A 1 100 ? -2.360  -3.810  11.092  1.00 22.62  ? 99  LYS A CD  1 
ATOM   658 C CE  . LYS A 1 100 ? -3.604  -4.471  10.596  1.00 25.51  ? 99  LYS A CE  1 
ATOM   659 N NZ  . LYS A 1 100 ? -3.776  -5.894  11.064  1.00 25.72  ? 99  LYS A NZ  1 
ATOM   660 N N   . ALA A 1 101 ? -2.329  0.908   11.948  1.00 16.22  ? 100 ALA A N   1 
ATOM   661 C CA  . ALA A 1 101 ? -3.464  1.818   11.926  1.00 15.10  ? 100 ALA A CA  1 
ATOM   662 C C   . ALA A 1 101 ? -3.125  3.098   11.165  1.00 16.83  ? 100 ALA A C   1 
ATOM   663 O O   . ALA A 1 101 ? -3.973  3.607   10.421  1.00 16.05  ? 100 ALA A O   1 
ATOM   664 C CB  . ALA A 1 101 ? -3.888  2.185   13.364  1.00 15.56  ? 100 ALA A CB  1 
ATOM   665 N N   . ASN A 1 102 ? -1.889  3.593   11.389  1.00 15.27  ? 101 ASN A N   1 
ATOM   666 C CA  . ASN A 1 102 ? -1.472  4.888   10.833  1.00 15.06  ? 101 ASN A CA  1 
ATOM   667 C C   . ASN A 1 102 ? -0.486  4.737   9.670   1.00 13.85  ? 101 ASN A C   1 
ATOM   668 O O   . ASN A 1 102 ? 0.280   5.672   9.374   1.00 14.59  ? 101 ASN A O   1 
ATOM   669 C CB  . ASN A 1 102 ? -0.859  5.758   11.934  1.00 14.79  ? 101 ASN A CB  1 
ATOM   670 C CG  . ASN A 1 102 ? -1.905  6.078   13.007  1.00 15.86  ? 101 ASN A CG  1 
ATOM   671 O OD1 . ASN A 1 102 ? -3.125  6.058   12.756  1.00 15.23  ? 101 ASN A OD1 1 
ATOM   672 N ND2 . ASN A 1 102 ? -1.382  6.363   14.205  1.00 16.30  ? 101 ASN A ND2 1 
ATOM   673 N N   . ALA A 1 103 ? -0.503  3.589   8.996   1.00 14.90  ? 102 ALA A N   1 
ATOM   674 C CA  . ALA A 1 103 ? 0.402   3.314   7.886   1.00 14.80  ? 102 ALA A CA  1 
ATOM   675 C C   . ALA A 1 103 ? 0.428   4.433   6.855   1.00 14.69  ? 102 ALA A C   1 
ATOM   676 O O   . ALA A 1 103 ? 1.521   4.813   6.397   1.00 15.49  ? 102 ALA A O   1 
ATOM   677 C CB  . ALA A 1 103 ? 0.030   1.999   7.202   1.00 15.23  ? 102 ALA A CB  1 
ATOM   678 N N   . PHE A 1 104 ? -0.737  4.944   6.506   1.00 13.93  ? 103 PHE A N   1 
ATOM   679 C CA  . PHE A 1 104 ? -0.876  5.863   5.392   1.00 14.17  ? 103 PHE A CA  1 
ATOM   680 C C   . PHE A 1 104 ? -1.093  7.302   5.825   1.00 12.95  ? 103 PHE A C   1 
ATOM   681 O O   . PHE A 1 104 ? -1.368  8.122   4.951   1.00 14.17  ? 103 PHE A O   1 
ATOM   682 C CB  . PHE A 1 104 ? -2.108  5.466   4.539   1.00 14.46  ? 103 PHE A CB  1 
ATOM   683 C CG  . PHE A 1 104 ? -2.101  3.997   4.120   1.00 14.89  ? 103 PHE A CG  1 
ATOM   684 C CD1 . PHE A 1 104 ? -2.988  3.092   4.675   1.00 16.41  ? 103 PHE A CD1 1 
ATOM   685 C CD2 . PHE A 1 104 ? -1.208  3.534   3.174   1.00 15.80  ? 103 PHE A CD2 1 
ATOM   686 C CE1 . PHE A 1 104 ? -3.011  1.764   4.333   1.00 16.37  ? 103 PHE A CE1 1 
ATOM   687 C CE2 . PHE A 1 104 ? -1.242  2.201   2.804   1.00 14.01  ? 103 PHE A CE2 1 
ATOM   688 C CZ  . PHE A 1 104 ? -2.133  1.311   3.344   1.00 16.74  ? 103 PHE A CZ  1 
ATOM   689 N N   . ALA A 1 105 ? -1.012  7.601   7.127   1.00 13.99  ? 104 ALA A N   1 
ATOM   690 C CA  . ALA A 1 105 ? -1.304  8.919   7.622   1.00 14.15  ? 104 ALA A CA  1 
ATOM   691 C C   . ALA A 1 105 ? -0.398  9.946   6.956   1.00 13.16  ? 104 ALA A C   1 
ATOM   692 O O   . ALA A 1 105 ? 0.810   9.765   6.974   1.00 17.39  ? 104 ALA A O   1 
ATOM   693 C CB  . ALA A 1 105 ? -1.152  9.018   9.143   1.00 15.52  ? 104 ALA A CB  1 
ATOM   694 N N   . GLY A 1 106 ? -1.018  10.996  6.415   1.00 15.09  ? 105 GLY A N   1 
ATOM   695 C CA  . GLY A 1 106 ? -0.314  12.026  5.696   1.00 16.03  ? 105 GLY A CA  1 
ATOM   696 C C   . GLY A 1 106 ? -0.571  11.924  4.194   1.00 16.76  ? 105 GLY A C   1 
ATOM   697 O O   . GLY A 1 106 ? -0.361  12.941  3.520   1.00 15.52  ? 105 GLY A O   1 
ATOM   698 N N   . SER A 1 107 ? -1.007  10.778  3.706   1.00 14.37  ? 106 SER A N   1 
ATOM   699 C CA  . SER A 1 107 ? -1.390  10.584  2.294   1.00 13.98  ? 106 SER A CA  1 
ATOM   700 C C   . SER A 1 107 ? -2.899  10.751  2.149   1.00 13.94  ? 106 SER A C   1 
ATOM   701 O O   . SER A 1 107 ? -3.547  11.041  3.163   1.00 15.96  ? 106 SER A O   1 
ATOM   702 C CB  . SER A 1 107 ? -0.982  9.182   1.812   1.00 13.12  ? 106 SER A CB  1 
ATOM   703 O OG  . SER A 1 107 ? -1.875  8.221   2.382   1.00 15.23  ? 106 SER A OG  1 
ATOM   704 N N   . ALA A 1 108 ? -3.468  10.535  0.975   1.00 15.20  ? 107 ALA A N   1 
ATOM   705 C CA  . ALA A 1 108 ? -4.927  10.597  0.843   1.00 12.99  ? 107 ALA A CA  1 
ATOM   706 C C   . ALA A 1 108 ? -5.581  9.246   1.123   1.00 13.72  ? 107 ALA A C   1 
ATOM   707 O O   . ALA A 1 108 ? -6.813  9.179   1.010   1.00 16.83  ? 107 ALA A O   1 
ATOM   708 C CB  . ALA A 1 108 ? -5.334  11.102  -0.536  1.00 15.36  ? 107 ALA A CB  1 
ATOM   709 N N   . LEU A 1 109 ? -4.768  8.238   1.489   1.00 15.89  ? 108 LEU A N   1 
ATOM   710 C CA  . LEU A 1 109 ? -5.262  6.909   1.797   1.00 13.95  ? 108 LEU A CA  1 
ATOM   711 C C   . LEU A 1 109 ? -5.586  6.763   3.286   1.00 14.61  ? 108 LEU A C   1 
ATOM   712 O O   . LEU A 1 109 ? -4.931  7.419   4.108   1.00 15.05  ? 108 LEU A O   1 
ATOM   713 C CB  . LEU A 1 109 ? -4.241  5.808   1.487   1.00 14.88  ? 108 LEU A CB  1 
ATOM   714 C CG  . LEU A 1 109 ? -3.818  5.760   0.014   1.00 15.29  ? 108 LEU A CG  1 
ATOM   715 C CD1 . LEU A 1 109 ? -2.366  5.278   -0.092  1.00 20.45  ? 108 LEU A CD1 1 
ATOM   716 C CD2 . LEU A 1 109 ? -4.757  4.846   -0.747  1.00 21.04  ? 108 LEU A CD2 1 
ATOM   717 N N   . SER A 1 110 ? -6.504  5.861   3.593   1.00 14.61  ? 109 SER A N   1 
ATOM   718 C CA  . SER A 1 110 ? -6.780  5.492   4.980   1.00 14.55  ? 109 SER A CA  1 
ATOM   719 C C   . SER A 1 110 ? -7.403  4.103   4.943   1.00 15.51  ? 109 SER A C   1 
ATOM   720 O O   . SER A 1 110 ? -7.698  3.588   3.855   1.00 15.68  ? 109 SER A O   1 
ATOM   721 C CB  . SER A 1 110 ? -7.743  6.452   5.626   1.00 15.93  ? 109 SER A CB  1 
ATOM   722 O OG  . SER A 1 110 ? -8.897  6.652   4.812   1.00 19.22  ? 109 SER A OG  1 
ATOM   723 N N   . HIS A 1 111 ? -7.620  3.556   6.141   1.00 15.33  ? 110 HIS A N   1 
ATOM   724 C CA  . HIS A 1 111 ? -8.267  2.248   6.196   1.00 16.16  ? 110 HIS A CA  1 
ATOM   725 C C   . HIS A 1 111 ? -9.006  2.126   7.517   1.00 15.96  ? 110 HIS A C   1 
ATOM   726 O O   . HIS A 1 111 ? -8.682  2.835   8.483   1.00 18.16  ? 110 HIS A O   1 
ATOM   727 C CB  . HIS A 1 111 ? -7.221  1.147   5.967   1.00 16.17  ? 110 HIS A CB  1 
ATOM   728 C CG  . HIS A 1 111 ? -6.292  0.919   7.126   1.00 17.25  ? 110 HIS A CG  1 
ATOM   729 N ND1 . HIS A 1 111 ? -6.484  -0.036  8.112   1.00 16.20  ? 110 HIS A ND1 1 
ATOM   730 C CD2 . HIS A 1 111 ? -5.095  1.533   7.393   1.00 16.17  ? 110 HIS A CD2 1 
ATOM   731 C CE1 . HIS A 1 111 ? -5.475  -0.001  8.961   1.00 15.79  ? 110 HIS A CE1 1 
ATOM   732 N NE2 . HIS A 1 111 ? -4.626  0.955   8.555   1.00 16.50  ? 110 HIS A NE2 1 
ATOM   733 N N   . ALA A 1 112 ? -9.964  1.204   7.495   1.00 16.58  ? 111 ALA A N   1 
ATOM   734 C CA  . ALA A 1 112 ? -10.810 1.032   8.681   1.00 19.55  ? 111 ALA A CA  1 
ATOM   735 C C   . ALA A 1 112 ? -11.369 -0.392  8.669   1.00 17.28  ? 111 ALA A C   1 
ATOM   736 O O   . ALA A 1 112 ? -11.454 -1.029  7.622   1.00 19.23  ? 111 ALA A O   1 
ATOM   737 C CB  . ALA A 1 112 ? -11.919 2.057   8.743   1.00 23.46  ? 111 ALA A CB  1 
ATOM   738 N N   . ALA A 1 113 ? -11.698 -0.852  9.866   1.00 23.06  ? 112 ALA A N   1 
ATOM   739 C CA  . ALA A 1 113 ? -12.279 -2.174  10.029  1.00 24.00  ? 112 ALA A CA  1 
ATOM   740 C C   . ALA A 1 113 ? -13.712 -2.204  9.510   1.00 29.83  ? 112 ALA A C   1 
ATOM   741 O O   . ALA A 1 113 ? -14.460 -1.297  9.888   1.00 36.68  ? 112 ALA A O   1 
ATOM   742 C CB  . ALA A 1 113 ? -12.292 -2.564  11.505  1.00 30.68  ? 112 ALA A CB  1 
ATOM   743 N N   . LEU A 1 114 ? -14.098 -3.191  8.723   1.00 35.13  ? 113 LEU A N   1 
ATOM   744 C CA  . LEU A 1 114 ? -15.504 -3.257  8.301   1.00 38.87  ? 113 LEU A CA  1 
ATOM   745 C C   . LEU A 1 114 ? -16.443 -3.445  9.471   1.00 49.54  ? 113 LEU A C   1 
ATOM   746 O O   . LEU A 1 114 ? -17.423 -2.670  9.590   1.00 59.84  ? 113 LEU A O   1 
ATOM   747 C CB  . LEU A 1 114 ? -15.677 -4.338  7.214   1.00 37.17  ? 113 LEU A CB  1 
ATOM   748 C CG  . LEU A 1 114 ? -14.970 -3.916  5.905   1.00 38.88  ? 113 LEU A CG  1 
ATOM   749 C CD1 . LEU A 1 114 ? -14.875 -5.042  4.891   1.00 38.73  ? 113 LEU A CD1 1 
ATOM   750 C CD2 . LEU A 1 114 ? -15.700 -2.720  5.311   1.00 35.52  ? 113 LEU A CD2 1 
ATOM   751 N N   . PRO A 1 115 ? -16.249 -4.400  10.355  1.00 52.70  ? 114 PRO A N   1 
ATOM   752 C CA  . PRO A 1 115 ? -15.267 -5.462  10.287  1.00 52.45  ? 114 PRO A CA  1 
ATOM   753 C C   . PRO A 1 115 ? -15.842 -6.672  9.540   1.00 62.68  ? 114 PRO A C   1 
ATOM   754 C CB  . PRO A 1 115 ? -15.026 -5.822  11.750  1.00 56.51  ? 114 PRO A CB  1 
ATOM   755 C CG  . PRO A 1 115 ? -16.068 -5.125  12.562  1.00 59.68  ? 114 PRO A CG  1 
ATOM   756 C CD  . PRO A 1 115 ? -17.069 -4.539  11.600  1.00 58.33  ? 114 PRO A CD  1 
HETATM 757 O O   . HOH B 2 .   ? 8.719   2.237   7.125   1.00 20.01  ? 201 HOH A O   1 
HETATM 758 O O   . HOH B 2 .   ? 2.756   9.387   -10.346 1.00 18.35  ? 202 HOH A O   1 
HETATM 759 O O   . HOH B 2 .   ? 10.080  -4.927  -2.005  1.00 17.32  ? 203 HOH A O   1 
HETATM 760 O O   . HOH B 2 .   ? 7.810   5.993   1.954   1.00 18.61  ? 204 HOH A O   1 
HETATM 761 O O   . HOH B 2 .   ? 6.059   7.922   11.918  1.00 26.79  ? 205 HOH A O   1 
HETATM 762 O O   . HOH B 2 .   ? 0.253   -15.019 -12.477 0.33 43.95  ? 206 HOH A O   1 
HETATM 763 O O   . HOH B 2 .   ? -3.943  13.731  3.575   1.00 15.22  ? 207 HOH A O   1 
HETATM 764 O O   . HOH B 2 .   ? 4.598   7.469   -8.475  1.00 17.77  ? 208 HOH A O   1 
HETATM 765 O O   . HOH B 2 .   ? 1.783   8.050   3.727   1.00 23.23  ? 209 HOH A O   1 
HETATM 766 O O   . HOH B 2 .   ? 15.557  4.055   2.665   1.00 54.21  ? 210 HOH A O   1 
HETATM 767 O O   . HOH B 2 .   ? -10.617 10.398  -2.663  1.00 44.73  ? 211 HOH A O   1 
HETATM 768 O O   . HOH B 2 .   ? 7.545   -11.358 14.304  1.00 20.52  ? 212 HOH A O   1 
HETATM 769 O O   . HOH B 2 .   ? 3.534   -6.914  16.176  1.00 28.22  ? 213 HOH A O   1 
HETATM 770 O O   . HOH B 2 .   ? -4.407  9.967   5.865   1.00 19.88  ? 214 HOH A O   1 
HETATM 771 O O   . HOH B 2 .   ? 8.251   -4.817  -10.075 1.00 22.36  ? 215 HOH A O   1 
HETATM 772 O O   . HOH B 2 .   ? -22.052 -4.056  -4.578  1.00 23.36  ? 216 HOH A O   1 
HETATM 773 O O   . HOH B 2 .   ? 4.753   -3.228  18.945  1.00 40.09  ? 217 HOH A O   1 
HETATM 774 O O   . HOH B 2 .   ? 6.231   5.541   13.302  1.00 19.88  ? 218 HOH A O   1 
HETATM 775 O O   . HOH B 2 .   ? -3.334  4.924   7.824   1.00 15.60  ? 219 HOH A O   1 
HETATM 776 O O   . HOH B 2 .   ? -0.716  -13.333 -1.093  1.00 33.74  ? 220 HOH A O   1 
HETATM 777 O O   . HOH B 2 .   ? -5.851  -7.258  9.199   1.00 26.82  ? 221 HOH A O   1 
HETATM 778 O O   . HOH B 2 .   ? 3.498   -3.840  3.034   1.00 20.58  ? 222 HOH A O   1 
HETATM 779 O O   . HOH B 2 .   ? -19.810 -4.735  8.132   1.00 63.04  ? 223 HOH A O   1 
HETATM 780 O O   . HOH B 2 .   ? -6.658  2.692   10.546  1.00 21.55  ? 224 HOH A O   1 
HETATM 781 O O   . HOH B 2 .   ? -3.087  5.241   -12.894 1.00 28.52  ? 225 HOH A O   1 
HETATM 782 O O   . HOH B 2 .   ? 17.259  0.719   -12.283 1.00 55.88  ? 226 HOH A O   1 
HETATM 783 O O   . HOH B 2 .   ? 8.443   4.032   -14.047 1.00 46.61  ? 227 HOH A O   1 
HETATM 784 O O   . HOH B 2 .   ? 10.293  5.527   2.761   1.00 27.54  ? 228 HOH A O   1 
HETATM 785 O O   . HOH B 2 .   ? -2.604  -9.260  6.127   1.00 33.99  ? 229 HOH A O   1 
HETATM 786 O O   . HOH B 2 .   ? -4.798  7.280   6.981   1.00 17.26  ? 230 HOH A O   1 
HETATM 787 O O   . HOH B 2 .   ? 0.093   -12.978 -10.495 1.00 43.49  ? 231 HOH A O   1 
HETATM 788 O O   . HOH B 2 .   ? -10.949 0.590   12.469  1.00 39.21  ? 232 HOH A O   1 
HETATM 789 O O   . HOH B 2 .   ? 1.074   -2.872  -10.513 1.00 23.30  ? 233 HOH A O   1 
HETATM 790 O O   . HOH B 2 .   ? -6.225  2.442   -12.717 1.00 44.26  ? 234 HOH A O   1 
HETATM 791 O O   . HOH B 2 .   ? 1.306   -4.482  18.116  1.00 51.20  ? 235 HOH A O   1 
HETATM 792 O O   . HOH B 2 .   ? 15.144  -2.890  -8.742  1.00 50.18  ? 236 HOH A O   1 
HETATM 793 O O   . HOH B 2 .   ? 8.154   -4.012  -17.451 1.00 43.89  ? 237 HOH A O   1 
HETATM 794 O O   . HOH B 2 .   ? 14.553  0.069   -4.850  1.00 29.04  ? 238 HOH A O   1 
HETATM 795 O O   . HOH B 2 .   ? 9.000   1.927   -16.165 1.00 46.97  ? 239 HOH A O   1 
HETATM 796 O O   . HOH B 2 .   ? -2.826  9.205   -11.571 1.00 21.28  ? 240 HOH A O   1 
HETATM 797 O O   . HOH B 2 .   ? 13.637  2.048   3.158   1.00 63.29  ? 241 HOH A O   1 
HETATM 798 O O   . HOH B 2 .   ? -6.846  -9.196  0.231   1.00 52.98  ? 242 HOH A O   1 
HETATM 799 O O   . HOH B 2 .   ? 3.298   10.755  6.629   1.00 30.21  ? 243 HOH A O   1 
HETATM 800 O O   . HOH B 2 .   ? -5.967  11.614  -4.940  1.00 29.49  ? 244 HOH A O   1 
HETATM 801 O O   . HOH B 2 .   ? -2.959  3.293   -14.100 1.00 44.75  ? 245 HOH A O   1 
HETATM 802 O O   . HOH B 2 .   ? -2.075  1.311   -14.823 1.00 40.28  ? 246 HOH A O   1 
HETATM 803 O O   . HOH B 2 .   ? 2.870   -16.373 9.129   1.00 55.91  ? 247 HOH A O   1 
HETATM 804 O O   . HOH B 2 .   ? 2.673   -3.198  -13.428 1.00 46.34  ? 248 HOH A O   1 
HETATM 805 O O   . HOH B 2 .   ? -2.012  7.586   -13.913 1.00 27.05  ? 249 HOH A O   1 
HETATM 806 O O   . HOH B 2 .   ? 0.565   8.537   -2.584  1.00 25.58  ? 250 HOH A O   1 
HETATM 807 O O   . HOH B 2 .   ? 11.621  1.527   -12.833 1.00 38.30  ? 251 HOH A O   1 
HETATM 808 O O   . HOH B 2 .   ? 7.745   -8.402  7.247   1.00 32.03  ? 252 HOH A O   1 
HETATM 809 O O   . HOH B 2 .   ? 8.208   -5.858  4.120   1.00 48.95  ? 253 HOH A O   1 
HETATM 810 O O   . HOH B 2 .   ? 11.958  -9.152  -2.758  1.00 49.21  ? 254 HOH A O   1 
HETATM 811 O O   . HOH B 2 .   ? 10.347  -12.011 -10.069 1.00 26.23  ? 255 HOH A O   1 
HETATM 812 O O   . HOH B 2 .   ? 0.159   8.496   -12.365 1.00 24.69  ? 256 HOH A O   1 
HETATM 813 O O   . HOH B 2 .   ? -3.069  -10.360 -6.063  1.00 34.40  ? 257 HOH A O   1 
HETATM 814 O O   . HOH B 2 .   ? 8.307   -11.211 -1.742  1.00 42.16  ? 258 HOH A O   1 
HETATM 815 O O   . HOH B 2 .   ? 7.281   -13.274 -3.259  1.00 31.46  ? 259 HOH A O   1 
HETATM 816 O O   . HOH B 2 .   ? -7.611  7.397   -10.908 1.00 34.71  ? 260 HOH A O   1 
HETATM 817 O O   . HOH B 2 .   ? 5.603   9.761   3.978   1.00 45.05  ? 261 HOH A O   1 
HETATM 818 O O   . HOH B 2 .   ? 10.480  -3.883  1.626   1.00 44.14  ? 262 HOH A O   1 
HETATM 819 O O   . HOH B 2 .   ? 11.187  3.647   7.378   1.00 34.27  ? 263 HOH A O   1 
HETATM 820 O O   . HOH B 2 .   ? 7.595   8.701   2.155   1.00 27.05  ? 264 HOH A O   1 
HETATM 821 O O   . HOH B 2 .   ? 24.284  0.346   -0.623  1.00 47.08  ? 265 HOH A O   1 
HETATM 822 O O   . HOH B 2 .   ? -1.539  -7.566  10.676  1.00 42.10  ? 266 HOH A O   1 
HETATM 823 O O   . HOH B 2 .   ? 4.534   -8.625  2.926   1.00 52.97  ? 267 HOH A O   1 
HETATM 824 O O   . HOH B 2 .   ? 11.242  -13.661 -8.347  1.00 39.32  ? 268 HOH A O   1 
HETATM 825 O O   . HOH B 2 .   ? 2.670   11.170  2.951   1.00 43.96  ? 269 HOH A O   1 
HETATM 826 O O   . HOH B 2 .   ? 18.641  3.063   -8.991  1.00 50.61  ? 270 HOH A O   1 
HETATM 827 O O   . HOH B 2 .   ? -5.763  -10.513 3.042   1.00 65.89  ? 271 HOH A O   1 
HETATM 828 O O   . HOH B 2 .   ? 8.794   -6.084  7.107   1.00 22.87  ? 272 HOH A O   1 
HETATM 829 O O   . HOH B 2 .   ? 6.418   -2.316  -16.444 1.00 31.31  ? 273 HOH A O   1 
HETATM 830 O O   . HOH B 2 .   ? 11.586  -7.073  -4.199  1.00 41.39  ? 274 HOH A O   1 
HETATM 831 O O   . HOH B 2 .   ? 10.921  -7.473  -18.692 1.00 36.89  ? 275 HOH A O   1 
HETATM 832 O O   . HOH B 2 .   ? 5.999   -11.524 -15.810 1.00 38.70  ? 276 HOH A O   1 
HETATM 833 O O   . HOH B 2 .   ? -9.559  -5.437  11.469  1.00 44.08  ? 277 HOH A O   1 
HETATM 834 O O   . HOH B 2 .   ? 6.047   -2.294  12.637  1.00 38.06  ? 278 HOH A O   1 
HETATM 835 O O   . HOH B 2 .   ? -9.074  3.560   -14.030 1.00 35.68  ? 279 HOH A O   1 
HETATM 836 O O   . HOH B 2 .   ? 5.004   -9.411  -0.138  1.00 44.26  ? 280 HOH A O   1 
HETATM 837 O O   . HOH B 2 .   ? 14.155  -10.837 -5.577  1.00 56.30  ? 281 HOH A O   1 
HETATM 838 O O   . HOH B 2 .   ? 10.506  -15.747 -7.531  0.33 36.97  ? 282 HOH A O   1 
HETATM 839 O O   . HOH B 2 .   ? 6.757   8.487   7.845   1.00 44.63  ? 283 HOH A O   1 
HETATM 840 O O   . HOH B 2 .   ? 6.388   -4.502  15.369  1.00 37.58  ? 284 HOH A O   1 
HETATM 841 O O   . HOH B 2 .   ? 0.691   -8.493  9.700   1.00 43.11  ? 285 HOH A O   1 
HETATM 842 O O   . HOH B 2 .   ? 7.007   -9.124  -2.392  1.00 35.28  ? 286 HOH A O   1 
HETATM 843 O O   . HOH B 2 .   ? 12.275  -4.879  -3.352  1.00 46.39  ? 287 HOH A O   1 
HETATM 844 O O   . HOH B 2 .   ? 13.528  0.027   -12.321 1.00 63.49  ? 288 HOH A O   1 
HETATM 845 O O   . HOH B 2 .   ? -17.456 11.056  -1.049  1.00 54.44  ? 289 HOH A O   1 
HETATM 846 O O   . HOH B 2 .   ? 13.373  -10.314 -10.199 1.00 39.13  ? 290 HOH A O   1 
HETATM 847 O O   . HOH B 2 .   ? -9.629  -0.100  -8.683  1.00 40.94  ? 291 HOH A O   1 
HETATM 848 O O   . HOH B 2 .   ? -2.100  -11.442 4.419   1.00 46.50  ? 292 HOH A O   1 
HETATM 849 O O   . HOH B 2 .   ? 5.373   -13.905 -15.003 1.00 34.70  ? 293 HOH A O   1 
HETATM 850 O O   . HOH B 2 .   ? 7.915   8.388   5.627   1.00 37.49  ? 294 HOH A O   1 
HETATM 851 O O   . HOH B 2 .   ? -7.940  3.258   12.673  1.00 38.35  ? 295 HOH A O   1 
HETATM 852 O O   . HOH B 2 .   ? 18.266  11.132  3.213   1.00 90.98  ? 296 HOH A O   1 
HETATM 853 O O   . HOH B 2 .   ? 1.081   -0.794  -14.024 1.00 40.17  ? 297 HOH A O   1 
HETATM 854 O O   . HOH B 2 .   ? 6.660   10.611  9.166   1.00 52.13  ? 298 HOH A O   1 
HETATM 855 O O   . HOH B 2 .   ? -4.284  -1.707  14.205  1.00 35.06  ? 299 HOH A O   1 
HETATM 856 O O   . HOH B 2 .   ? -9.660  9.772   -0.670  1.00 30.18  ? 300 HOH A O   1 
HETATM 857 O O   . HOH B 2 .   ? -8.560  -1.222  11.603  1.00 33.36  ? 301 HOH A O   1 
HETATM 858 O O   . HOH B 2 .   ? 11.728  -9.773  -19.405 1.00 38.99  ? 302 HOH A O   1 
HETATM 859 O O   . HOH B 2 .   ? 6.867   -7.734  3.402   1.00 48.51  ? 303 HOH A O   1 
HETATM 860 O O   . HOH B 2 .   ? 13.239  -2.234  5.036   1.00 45.28  ? 304 HOH A O   1 
HETATM 861 O O   . HOH B 2 .   ? 8.713   2.849   17.160  1.00 47.37  ? 305 HOH A O   1 
HETATM 862 O O   . HOH B 2 .   ? 18.100  1.128   -10.100 1.00 67.05  ? 306 HOH A O   1 
HETATM 863 O O   . HOH B 2 .   ? -5.969  -6.195  -9.450  1.00 40.29  ? 307 HOH A O   1 
HETATM 864 O O   . HOH B 2 .   ? 5.713   3.983   -15.893 1.00 70.77  ? 308 HOH A O   1 
HETATM 865 O O   . HOH B 2 .   ? 7.884   -9.125  1.007   1.00 57.84  ? 309 HOH A O   1 
HETATM 866 O O   . HOH B 2 .   ? 12.973  -0.402  12.134  1.00 64.22  ? 310 HOH A O   1 
HETATM 867 O O   . HOH B 2 .   ? 17.484  -1.870  -12.319 1.00 40.68  ? 311 HOH A O   1 
HETATM 868 O O   . HOH B 2 .   ? 2.098   -11.134 11.364  1.00 39.58  ? 312 HOH A O   1 
HETATM 869 O O   . HOH B 2 .   ? -12.854 11.398  -8.738  1.00 49.06  ? 313 HOH A O   1 
HETATM 870 O O   . HOH B 2 .   ? -5.271  -8.684  6.094   1.00 41.74  ? 314 HOH A O   1 
HETATM 871 O O   . HOH B 2 .   ? -5.403  -1.370  12.228  1.00 37.99  ? 315 HOH A O   1 
HETATM 872 O O   . HOH B 2 .   ? -11.168 -4.210  14.672  1.00 46.14  ? 316 HOH A O   1 
HETATM 873 O O   . HOH B 2 .   ? -5.563  -1.236  16.134  1.00 50.90  ? 317 HOH A O   1 
HETATM 874 O O   . HOH B 2 .   ? 3.830   -11.391 -16.560 1.00 47.22  ? 318 HOH A O   1 
HETATM 875 O O   . HOH B 2 .   ? 6.987   -12.127 0.841   1.00 58.30  ? 319 HOH A O   1 
HETATM 876 O O   . HOH B 2 .   ? -15.040 4.238   7.137   1.00 57.05  ? 320 HOH A O   1 
HETATM 877 O O   . HOH B 2 .   ? 16.717  -0.453  1.859   1.00 77.48  ? 321 HOH A O   1 
HETATM 878 O O   . HOH B 2 .   ? 16.745  -2.434  -0.137  1.00 56.08  ? 322 HOH A O   1 
HETATM 879 O O   . HOH B 2 .   ? -12.539 3.164   12.202  1.00 56.23  ? 323 HOH A O   1 
HETATM 880 O O   . HOH B 2 .   ? -8.341  12.391  -3.042  1.00 60.10  ? 324 HOH A O   1 
HETATM 881 O O   . HOH B 2 .   ? -17.940 1.109   7.635   1.00 58.97  ? 325 HOH A O   1 
HETATM 882 O O   . HOH B 2 .   ? 17.111  -1.152  -7.661  1.00 56.26  ? 326 HOH A O   1 
HETATM 883 O O   . HOH B 2 .   ? -19.005 -2.158  -0.881  1.00 30.61  ? 327 HOH A O   1 
HETATM 884 O O   . HOH B 2 .   ? 10.667  5.240   5.440   1.00 42.71  ? 328 HOH A O   1 
HETATM 885 O O   . HOH B 2 .   ? 9.392   -7.670  -2.033  1.00 108.55 ? 329 HOH A O   1 
HETATM 886 O O   . HOH B 2 .   ? -18.701 10.662  2.222   1.00 72.07  ? 330 HOH A O   1 
HETATM 887 O O   . HOH B 2 .   ? 4.160   -8.086  -15.822 1.00 66.79  ? 331 HOH A O   1 
HETATM 888 O O   . HOH B 2 .   ? 15.585  8.609   5.741   1.00 85.91  ? 332 HOH A O   1 
HETATM 889 O O   . HOH B 2 .   ? -16.320 -11.946 2.363   1.00 70.30  ? 333 HOH A O   1 
HETATM 890 O O   . HOH B 2 .   ? 19.961  14.542  6.589   1.00 106.43 ? 334 HOH A O   1 
HETATM 891 O O   A HOH B 2 .   ? 5.569   12.792  3.936   0.33 95.34  ? 335 HOH A O   1 
HETATM 892 O O   B HOH B 2 .   ? 5.487   12.798  3.897   0.33 95.29  ? 335 HOH A O   1 
HETATM 893 O O   . HOH B 2 .   ? 15.403  -2.373  -5.152  1.00 110.90 ? 336 HOH A O   1 
HETATM 894 O O   . HOH B 2 .   ? 13.270  -4.608  -11.277 1.00 81.88  ? 337 HOH A O   1 
HETATM 895 O O   . HOH B 2 .   ? 4.117   -3.985  -16.517 1.00 72.75  ? 338 HOH A O   1 
HETATM 896 O O   . HOH B 2 .   ? 14.376  -5.942  -4.721  1.00 65.67  ? 339 HOH A O   1 
HETATM 897 O O   . HOH B 2 .   ? 11.848  2.979   -18.000 1.00 72.97  ? 340 HOH A O   1 
HETATM 898 O O   . HOH B 2 .   ? 4.587   -15.039 5.349   1.00 80.81  ? 341 HOH A O   1 
HETATM 899 O O   . HOH B 2 .   ? 1.166   -6.367  -13.527 1.00 69.26  ? 342 HOH A O   1 
HETATM 900 O O   . HOH B 2 .   ? -16.734 -8.748  2.881   1.00 85.43  ? 343 HOH A O   1 
HETATM 901 O O   . HOH B 2 .   ? 1.187   -7.116  17.403  1.00 148.12 ? 344 HOH A O   1 
HETATM 902 O O   . HOH B 2 .   ? -6.190  8.202   -13.467 1.00 74.83  ? 345 HOH A O   1 
HETATM 903 O O   . HOH B 2 .   ? 12.758  1.082   7.568   1.00 61.95  ? 346 HOH A O   1 
HETATM 904 O O   . HOH B 2 .   ? 13.779  -8.457  -11.854 1.00 84.29  ? 347 HOH A O   1 
HETATM 905 O O   . HOH B 2 .   ? 14.303  11.437  6.405   1.00 77.14  ? 348 HOH A O   1 
HETATM 906 O O   . HOH B 2 .   ? -13.042 -7.453  3.630   1.00 62.45  ? 349 HOH A O   1 
HETATM 907 O O   . HOH B 2 .   ? -5.851  -4.606  17.880  1.00 100.79 ? 350 HOH A O   1 
HETATM 908 O O   . HOH B 2 .   ? -6.846  -10.355 6.689   1.00 150.36 ? 351 HOH A O   1 
HETATM 909 O O   . HOH B 2 .   ? -5.581  9.524   -10.436 1.00 86.56  ? 352 HOH A O   1 
HETATM 910 O O   . HOH B 2 .   ? -11.250 -9.016  1.402   1.00 70.56  ? 353 HOH A O   1 
HETATM 911 O O   . HOH B 2 .   ? -8.191  0.896   -10.308 1.00 77.02  ? 354 HOH A O   1 
HETATM 912 O O   . HOH B 2 .   ? -14.627 12.963  -7.815  1.00 56.54  ? 355 HOH A O   1 
HETATM 913 O O   . HOH B 2 .   ? -16.670 8.842   -5.503  1.00 136.22 ? 356 HOH A O   1 
HETATM 914 O O   . HOH B 2 .   ? 7.446   -0.538  -19.459 1.00 98.95  ? 357 HOH A O   1 
HETATM 915 O O   . HOH B 2 .   ? 1.250   -1.265  -16.437 1.00 90.18  ? 358 HOH A O   1 
HETATM 916 O O   . HOH B 2 .   ? 7.300   11.284  5.528   1.00 96.90  ? 359 HOH A O   1 
HETATM 917 O O   . HOH B 2 .   ? -4.895  0.155   19.078  1.00 70.77  ? 360 HOH A O   1 
HETATM 918 O O   . HOH B 2 .   ? 15.072  10.312  9.076   1.00 86.16  ? 361 HOH A O   1 
HETATM 919 O O   . HOH B 2 .   ? -0.964  3.420   -16.439 1.00 78.31  ? 362 HOH A O   1 
HETATM 920 O O   . HOH B 2 .   ? -21.057 10.065  0.452   1.00 66.07  ? 363 HOH A O   1 
HETATM 921 O O   . HOH B 2 .   ? -4.300  -9.933  -3.686  1.00 101.41 ? 364 HOH A O   1 
HETATM 922 O O   . HOH B 2 .   ? 10.139  7.870   5.505   1.00 69.20  ? 365 HOH A O   1 
HETATM 923 O O   . HOH B 2 .   ? 18.195  14.367  4.793   1.00 104.02 ? 366 HOH A O   1 
# 
loop_
_atom_site_anisotrop.id 
_atom_site_anisotrop.type_symbol 
_atom_site_anisotrop.pdbx_label_atom_id 
_atom_site_anisotrop.pdbx_label_alt_id 
_atom_site_anisotrop.pdbx_label_comp_id 
_atom_site_anisotrop.pdbx_label_asym_id 
_atom_site_anisotrop.pdbx_label_seq_id 
_atom_site_anisotrop.pdbx_PDB_ins_code 
_atom_site_anisotrop.U[1][1] 
_atom_site_anisotrop.U[2][2] 
_atom_site_anisotrop.U[3][3] 
_atom_site_anisotrop.U[1][2] 
_atom_site_anisotrop.U[1][3] 
_atom_site_anisotrop.U[2][3] 
_atom_site_anisotrop.pdbx_auth_seq_id 
_atom_site_anisotrop.pdbx_auth_comp_id 
_atom_site_anisotrop.pdbx_auth_asym_id 
_atom_site_anisotrop.pdbx_auth_atom_id 
1   N N   . VAL A 13  ? 0.2915 0.4509 0.8599 -0.0314 0.0204  -0.0206 12  VAL A N   
2   C CA  . VAL A 13  ? 0.4953 0.4908 0.7455 -0.0329 0.0994  -0.0660 12  VAL A CA  
3   C C   . VAL A 13  ? 0.5472 0.5023 0.6026 -0.0676 0.0417  -0.0720 12  VAL A C   
4   O O   . VAL A 13  ? 0.3206 0.5571 0.6185 -0.1333 0.0021  -0.0985 12  VAL A O   
5   C CB  . VAL A 13  ? 0.6258 0.5004 0.8015 0.0215  -0.0229 -0.1012 12  VAL A CB  
6   C CG1 . VAL A 13  ? 0.6980 0.6921 0.9022 0.0323  0.1964  -0.1782 12  VAL A CG1 
7   C CG2 . VAL A 13  ? 0.5889 0.5517 0.6571 -0.0054 -0.2110 -0.0018 12  VAL A CG2 
8   N N   . ARG A 14  ? 0.3930 0.4302 0.6667 -0.1406 0.0847  -0.0415 13  ARG A N   
9   C CA  . ARG A 14  ? 0.2926 0.4612 0.4916 -0.1292 0.0981  0.0167  13  ARG A CA  
10  C C   . ARG A 14  ? 0.2922 0.4021 0.4217 -0.0881 0.0275  0.0519  13  ARG A C   
11  O O   . ARG A 14  ? 0.3506 0.3652 0.3796 -0.0336 0.0567  0.0386  13  ARG A O   
12  C CB  . ARG A 14  ? 0.3306 0.4772 0.4915 -0.1264 0.1047  -0.0183 13  ARG A CB  
13  C CG  . ARG A 14  ? 0.4510 0.5125 0.6329 -0.0090 -0.0062 -0.0179 13  ARG A CG  
14  C CD  . ARG A 14  ? 0.4126 0.6009 0.8057 0.1086  0.0679  -0.0450 13  ARG A CD  
15  N NE  . ARG A 14  ? 0.5541 0.6714 1.0846 0.2001  -0.0338 -0.0107 13  ARG A NE  
16  C CZ  . ARG A 14  ? 0.6819 0.6716 1.1627 0.3076  -0.1790 -0.0323 13  ARG A CZ  
17  N NH1 . ARG A 14  ? 0.6094 0.7607 1.1915 0.3990  -0.1750 -0.1185 13  ARG A NH1 
18  N NH2 . ARG A 14  ? 0.7213 0.7477 1.3529 0.3356  -0.3169 -0.1225 13  ARG A NH2 
19  N N   . ILE A 15  ? 0.2679 0.2751 0.2920 -0.0965 0.0016  -0.0668 14  ILE A N   
20  C CA  . ILE A 15  ? 0.2233 0.2561 0.3617 -0.0429 -0.0082 -0.0548 14  ILE A CA  
21  C C   . ILE A 15  ? 0.2060 0.2596 0.3698 -0.0517 -0.0535 -0.0566 14  ILE A C   
22  O O   . ILE A 15  ? 0.2582 0.2943 0.3046 -0.0991 -0.0667 -0.0005 14  ILE A O   
23  C CB  . ILE A 15  ? 0.2124 0.3305 0.3585 -0.1195 -0.0196 -0.0776 14  ILE A CB  
24  C CG1 . ILE A 15  ? 0.2401 0.3556 0.3826 -0.0630 0.0086  -0.1084 14  ILE A CG1 
25  C CG2 . ILE A 15  ? 0.1602 0.3165 0.6363 -0.0629 0.0117  0.0456  14  ILE A CG2 
26  C CD1 . ILE A 15  ? 0.2870 0.4795 0.7977 -0.0361 0.1638  -0.1618 14  ILE A CD1 
27  N N   . PHE A 16  ? 0.2630 0.2620 0.4421 -0.0019 -0.0617 -0.0310 15  PHE A N   
28  C CA  . PHE A 16  ? 0.3030 0.2687 0.4382 -0.0201 -0.0213 -0.0415 15  PHE A CA  
29  C C   . PHE A 16  ? 0.2352 0.2876 0.4965 -0.0582 -0.0020 -0.0571 15  PHE A C   
30  O O   . PHE A 16  ? 0.2362 0.2959 0.5518 -0.0679 -0.0555 -0.0078 15  PHE A O   
31  C CB  . PHE A 16  ? 0.3424 0.2443 0.5284 -0.0375 -0.0426 0.0051  15  PHE A CB  
32  C CG  . PHE A 16  ? 0.3911 0.3415 0.5392 0.0093  -0.0057 0.1046  15  PHE A CG  
33  C CD1 . PHE A 16  ? 0.3294 0.4158 0.6328 0.0467  -0.0088 0.1460  15  PHE A CD1 
34  C CD2 . PHE A 16  ? 0.4301 0.3429 0.5560 0.0431  0.0989  0.0107  15  PHE A CD2 
35  C CE1 . PHE A 16  ? 0.3724 0.3622 0.6424 0.0603  0.0162  0.1871  15  PHE A CE1 
36  C CE2 . PHE A 16  ? 0.4059 0.3901 0.6315 0.0352  0.1536  0.0232  15  PHE A CE2 
37  C CZ  . PHE A 16  ? 0.4228 0.3773 0.6980 0.0209  0.1080  0.0917  15  PHE A CZ  
38  N N   . ALA A 17  ? 0.1995 0.2776 0.4195 -0.0383 -0.0073 -0.0179 16  ALA A N   
39  C CA  . ALA A 17  ? 0.1831 0.2696 0.4246 0.0109  0.0024  0.0288  16  ALA A CA  
40  C C   . ALA A 17  ? 0.3031 0.2456 0.3630 -0.0160 -0.0453 -0.0099 16  ALA A C   
41  O O   . ALA A 17  ? 0.3843 0.3696 0.4031 0.0614  -0.0058 -0.0518 16  ALA A O   
42  C CB  . ALA A 17  ? 0.2666 0.2725 0.4261 0.0038  -0.0464 -0.0123 16  ALA A CB  
43  N N   . GLY A 18  ? 0.2488 0.2878 0.4109 -0.0081 0.0095  0.0593  17  GLY A N   
44  C CA  . GLY A 18  ? 0.2260 0.3124 0.3314 0.0371  -0.0078 0.0129  17  GLY A CA  
45  C C   . GLY A 18  ? 0.3457 0.3440 0.3419 0.0282  -0.0376 0.0318  17  GLY A C   
46  O O   . GLY A 18  ? 0.3581 0.3352 0.3188 0.0105  -0.1253 -0.0263 17  GLY A O   
47  N N   . ASN A 19  ? 0.2808 0.3347 0.3516 -0.0056 -0.0022 0.0721  18  ASN A N   
48  C CA  . ASN A 19  ? 0.2011 0.4743 0.3621 0.0270  0.0218  0.1110  18  ASN A CA  
49  C C   . ASN A 19  ? 0.2939 0.4223 0.3372 -0.0338 -0.0532 0.1013  18  ASN A C   
50  O O   . ASN A 19  ? 0.2677 0.3666 0.3176 -0.0278 -0.0461 0.0650  18  ASN A O   
51  C CB  . ASN A 19  ? 0.2755 0.5937 0.4671 0.1291  0.0248  0.0800  18  ASN A CB  
52  C CG  . ASN A 19  ? 0.5438 0.6472 0.6585 0.0544  0.2260  -0.0704 18  ASN A CG  
53  O OD1 . ASN A 19  ? 1.0873 0.8380 0.6084 -0.1544 0.3206  -0.1198 18  ASN A OD1 
54  N ND2 . ASN A 19  ? 0.6673 0.5679 0.9285 0.0908  0.3468  -0.1381 18  ASN A ND2 
55  N N   . ASP A 20  ? 0.2721 0.2975 0.2549 0.0466  0.0049  -0.0117 19  ASP A N   
56  C CA  . ASP A 20  ? 0.3078 0.2415 0.2354 0.0267  -0.0642 -0.0018 19  ASP A CA  
57  C C   . ASP A 20  ? 0.2053 0.2403 0.2342 -0.0281 -0.0536 0.0128  19  ASP A C   
58  O O   . ASP A 20  ? 0.3063 0.2579 0.1870 0.0177  -0.0602 -0.0008 19  ASP A O   
59  C CB  . ASP A 20  ? 0.2865 0.3571 0.2321 0.0335  -0.0714 -0.0227 19  ASP A CB  
60  C CG  . ASP A 20  ? 0.2536 0.2907 0.3749 -0.0534 -0.1128 0.0467  19  ASP A CG  
61  O OD1 . ASP A 20  ? 0.3011 0.2859 0.4053 -0.0747 -0.0665 0.0259  19  ASP A OD1 
62  O OD2 . ASP A 20  ? 0.2455 0.2716 0.2990 -0.0124 -0.0636 -0.0179 19  ASP A OD2 
63  N N   . PRO A 21  ? 0.2320 0.2649 0.2702 0.0036  -0.0270 0.0389  20  PRO A N   
64  C CA  . PRO A 21  ? 0.2233 0.2612 0.2343 0.0041  -0.0491 0.0484  20  PRO A CA  
65  C C   . PRO A 21  ? 0.2331 0.2492 0.2211 0.0129  -0.0517 0.0328  20  PRO A C   
66  O O   . PRO A 21  ? 0.2067 0.2757 0.3281 0.0296  -0.0486 -0.0396 20  PRO A O   
67  C CB  . PRO A 21  ? 0.3283 0.2545 0.3080 0.0941  0.0335  0.0758  20  PRO A CB  
68  C CG  . PRO A 21  ? 0.3768 0.3220 0.2825 0.1262  0.0800  0.0758  20  PRO A CG  
69  C CD  . PRO A 21  ? 0.3375 0.3001 0.2794 0.0645  0.0268  0.0679  20  PRO A CD  
70  N N   . ALA A 22  ? 0.2183 0.2561 0.2208 -0.0144 -0.0309 0.0235  21  ALA A N   
71  C CA  . ALA A 22  ? 0.2177 0.2148 0.2162 -0.0222 -0.0082 0.0336  21  ALA A CA  
72  C C   . ALA A 22  ? 0.2392 0.2140 0.2125 -0.0269 -0.0091 0.0328  21  ALA A C   
73  O O   . ALA A 22  ? 0.3140 0.2612 0.2635 -0.0573 0.0481  -0.0253 21  ALA A O   
74  C CB  . ALA A 22  ? 0.2544 0.2227 0.2123 -0.0505 -0.0229 0.0352  21  ALA A CB  
75  N N   . HIS A 23  ? 0.1864 0.2307 0.2451 -0.0178 0.0034  0.0325  22  HIS A N   
76  C CA  . HIS A 23  ? 0.1412 0.2200 0.2172 0.0064  -0.0170 0.0143  22  HIS A CA  
77  C C   . HIS A 23  ? 0.1674 0.2671 0.2288 0.0463  -0.0500 -0.0125 22  HIS A C   
78  O O   . HIS A 23  ? 0.1892 0.2209 0.2384 0.0249  -0.0577 0.0001  22  HIS A O   
79  C CB  . HIS A 23  ? 0.2011 0.2229 0.2249 -0.0026 -0.0414 0.0701  22  HIS A CB  
80  C CG  . HIS A 23  ? 0.2225 0.2177 0.3441 0.0129  -0.0334 0.0572  22  HIS A CG  
81  N ND1 . HIS A 23  ? 0.2086 0.2783 0.3391 -0.0080 0.0325  0.0234  22  HIS A ND1 
82  C CD2 . HIS A 23  ? 0.1444 0.2849 0.3465 -0.0086 0.0304  0.0398  22  HIS A CD2 
83  C CE1 . HIS A 23  ? 0.2125 0.3122 0.3580 0.0152  0.0653  0.0214  22  HIS A CE1 
84  N NE2 . HIS A 23  ? 0.2025 0.2640 0.3287 0.0191  0.0336  0.0904  22  HIS A NE2 
85  N N   . THR A 24  ? 0.1403 0.2618 0.2395 0.0170  -0.0044 0.0286  23  THR A N   
86  C CA  . THR A 24  ? 0.1495 0.2442 0.2992 0.0203  0.0150  0.0375  23  THR A CA  
87  C C   . THR A 24  ? 0.1466 0.2368 0.2487 0.0314  0.0051  0.0378  23  THR A C   
88  O O   . THR A 24  ? 0.1831 0.2723 0.3596 0.0349  0.0102  0.1002  23  THR A O   
89  C CB  . THR A 24  ? 0.1691 0.2430 0.2629 0.0125  0.0229  0.0502  23  THR A CB  
90  O OG1 . THR A 24  ? 0.2591 0.3404 0.2710 0.0277  -0.0051 0.0671  23  THR A OG1 
91  C CG2 . THR A 24  ? 0.1706 0.3195 0.3055 -0.0424 0.0095  0.0442  23  THR A CG2 
92  N N   . ALA A 25  ? 0.1351 0.2126 0.2648 0.0106  -0.0174 -0.0277 24  ALA A N   
93  C CA  . ALA A 25  ? 0.1453 0.2537 0.2360 -0.0034 -0.0027 -0.0599 24  ALA A CA  
94  C C   . ALA A 25  ? 0.1801 0.2203 0.2972 0.0094  0.0455  0.0035  24  ALA A C   
95  O O   . ALA A 25  ? 0.1949 0.2388 0.2490 -0.0003 -0.0408 0.0359  24  ALA A O   
96  C CB  . ALA A 25  ? 0.1804 0.2586 0.3235 -0.0139 -0.0791 -0.0602 24  ALA A CB  
97  N N   . THR A 26  ? 0.1207 0.2582 0.2761 -0.0009 0.0086  0.0027  25  THR A N   
98  C CA  . THR A 26  ? 0.1305 0.2380 0.2189 -0.0022 -0.0156 -0.0154 25  THR A CA  
99  C C   . THR A 26  ? 0.1424 0.2203 0.2957 0.0170  -0.0554 -0.0350 25  THR A C   
100 O O   . THR A 26  ? 0.1767 0.2127 0.2950 0.0076  -0.0453 -0.0209 25  THR A O   
101 C CB  . THR A 26  ? 0.2177 0.2667 0.2109 -0.0142 -0.0196 -0.0053 25  THR A CB  
102 O OG1 . THR A 26  ? 0.3347 0.2724 0.2558 0.0461  0.0509  0.0189  25  THR A OG1 
103 C CG2 . THR A 26  ? 0.2759 0.3931 0.3090 -0.0270 -0.0805 -0.1085 25  THR A CG2 
104 N N   . GLY A 27  ? 0.1429 0.2137 0.2318 0.0104  -0.0368 0.0029  26  GLY A N   
105 C CA  . GLY A 27  ? 0.0966 0.1955 0.2920 -0.0014 0.0041  -0.0204 26  GLY A CA  
106 C C   . GLY A 27  ? 0.1305 0.2008 0.2594 0.0064  -0.0043 -0.0500 26  GLY A C   
107 O O   . GLY A 27  ? 0.2128 0.1943 0.2617 0.0029  -0.0394 -0.0443 26  GLY A O   
108 N N   . SER A 28  ? 0.1150 0.1959 0.2110 0.0201  -0.0003 0.0154  27  SER A N   
109 C CA  . SER A 28  ? 0.1292 0.1465 0.2321 0.0107  0.0007  0.0037  27  SER A CA  
110 C C   . SER A 28  ? 0.1676 0.1485 0.2179 0.0113  0.0152  -0.0003 27  SER A C   
111 O O   . SER A 28  ? 0.2039 0.1913 0.2205 0.0091  0.0141  -0.0119 27  SER A O   
112 C CB  . SER A 28  ? 0.1332 0.1788 0.2296 -0.0049 0.0330  -0.0091 27  SER A CB  
113 O OG  A SER A 28  ? 0.1282 0.1311 0.2969 -0.0235 0.0289  -0.0199 27  SER A OG  
114 O OG  B SER A 28  ? 0.1346 0.2407 0.1810 -0.0289 0.0174  -0.0188 27  SER A OG  
115 O OG  C SER A 28  ? 0.1787 0.2804 0.3758 0.0451  -0.1084 -0.1173 27  SER A OG  
116 N N   . SER A 29  ? 0.2078 0.1441 0.2296 0.0137  -0.0281 0.0002  28  SER A N   
117 C CA  . SER A 29  ? 0.1806 0.1506 0.2096 0.0180  -0.0411 -0.0028 28  SER A CA  
118 C C   . SER A 29  ? 0.1585 0.1666 0.2140 -0.0079 -0.0222 0.0099  28  SER A C   
119 O O   . SER A 29  ? 0.1778 0.2312 0.2541 0.0002  0.0056  0.0109  28  SER A O   
120 C CB  . SER A 29  ? 0.1772 0.1848 0.2384 -0.0333 -0.0294 0.0209  28  SER A CB  
121 O OG  . SER A 29  ? 0.2257 0.1882 0.2358 -0.0347 -0.0217 0.0196  28  SER A OG  
122 N N   . GLY A 30  ? 0.1765 0.1945 0.2230 -0.0078 -0.0630 -0.0025 29  GLY A N   
123 C CA  . GLY A 30  ? 0.1711 0.1962 0.2839 -0.0108 -0.0615 0.0291  29  GLY A CA  
124 C C   . GLY A 30  ? 0.1799 0.1892 0.2335 0.0083  -0.0059 0.0006  29  GLY A C   
125 O O   . GLY A 30  ? 0.2265 0.2140 0.2850 0.0283  -0.0143 0.0421  29  GLY A O   
126 N N   . ILE A 31  ? 0.2040 0.2050 0.2346 -0.0254 0.0178  0.0061  30  ILE A N   
127 C CA  . ILE A 31  ? 0.2094 0.1795 0.2907 0.0048  0.0607  -0.0113 30  ILE A CA  
128 C C   . ILE A 31  ? 0.2289 0.2190 0.2592 0.0698  0.0036  -0.0124 30  ILE A C   
129 O O   . ILE A 31  ? 0.2521 0.1928 0.2625 0.0520  0.0071  -0.0007 30  ILE A O   
130 C CB  . ILE A 31  ? 0.2050 0.1495 0.2367 -0.0095 0.0307  -0.0197 30  ILE A CB  
131 C CG1 . ILE A 31  ? 0.2038 0.2230 0.2112 -0.0127 0.0541  -0.0283 30  ILE A CG1 
132 C CG2 . ILE A 31  ? 0.2283 0.1699 0.2469 -0.0148 -0.0281 0.0425  30  ILE A CG2 
133 C CD1 . ILE A 31  ? 0.1892 0.2651 0.2788 0.0111  0.0306  -0.0200 30  ILE A CD1 
134 N N   . SER A 32  ? 0.1619 0.2131 0.2987 0.0334  -0.0149 0.0009  31  SER A N   
135 C CA  . SER A 32  ? 0.1447 0.2006 0.3902 0.0283  0.0811  0.0343  31  SER A CA  
136 C C   . SER A 32  ? 0.2172 0.1928 0.3396 0.0368  0.0860  0.0427  31  SER A C   
137 O O   . SER A 32  ? 0.3007 0.2088 0.3442 0.0264  0.1374  -0.0059 31  SER A O   
138 C CB  . SER A 32  ? 0.1667 0.3034 0.3486 0.0345  0.0296  -0.0433 31  SER A CB  
139 O OG  . SER A 32  ? 0.4024 0.4105 0.3707 0.0374  -0.0370 -0.0081 31  SER A OG  
140 N N   . SER A 33  ? 0.2052 0.1842 0.3366 0.0148  0.0782  0.0365  32  SER A N   
141 C CA  . SER A 33  ? 0.2040 0.1927 0.3014 0.0032  0.0110  0.0395  32  SER A CA  
142 C C   . SER A 33  ? 0.2032 0.1975 0.2050 0.0097  0.0131  0.0043  32  SER A C   
143 O O   . SER A 33  ? 0.2266 0.1875 0.2490 0.0139  0.0197  0.0128  32  SER A O   
144 C CB  . SER A 33  ? 0.2629 0.2565 0.3880 0.0026  -0.0610 0.1091  32  SER A CB  
145 O OG  . SER A 33  ? 0.5677 0.4961 0.2894 0.0041  -0.0771 0.0319  32  SER A OG  
146 N N   . PRO A 34  ? 0.2009 0.1881 0.3444 0.0131  0.0182  0.0037  33  PRO A N   
147 C CA  . PRO A 34  ? 0.2039 0.2040 0.2941 0.0161  -0.0083 -0.0454 33  PRO A CA  
148 C C   . PRO A 34  ? 0.1927 0.2635 0.2730 0.0566  -0.0293 -0.0237 33  PRO A C   
149 O O   . PRO A 34  ? 0.2284 0.2180 0.2676 0.0389  0.0191  0.0481  33  PRO A O   
150 C CB  . PRO A 34  ? 0.1978 0.1962 0.4926 0.0147  0.0650  -0.0423 33  PRO A CB  
151 C CG  . PRO A 34  ? 0.1930 0.1939 0.4899 0.0081  0.0674  -0.0446 33  PRO A CG  
152 C CD  . PRO A 34  ? 0.1973 0.1884 0.4351 0.0000  0.0662  -0.0114 33  PRO A CD  
153 N N   . THR A 35  ? 0.2214 0.1742 0.2868 0.0401  -0.0324 -0.0309 34  THR A N   
154 C CA  . THR A 35  ? 0.1800 0.2003 0.2427 0.0146  -0.0200 -0.0104 34  THR A CA  
155 C C   . THR A 35  ? 0.1823 0.2046 0.2922 0.0170  -0.0324 0.0082  34  THR A C   
156 O O   . THR A 35  ? 0.2231 0.2624 0.2913 0.0280  -0.0577 0.0089  34  THR A O   
157 C CB  . THR A 35  ? 0.1908 0.2027 0.2222 0.0141  -0.0038 -0.0407 34  THR A CB  
158 O OG1 A THR A 35  ? 0.1892 0.1536 0.3062 0.0076  0.0181  0.0204  34  THR A OG1 
159 O OG1 B THR A 35  ? 0.1618 0.2472 0.3490 -0.0055 0.0793  -0.0814 34  THR A OG1 
160 C CG2 A THR A 35  ? 0.2614 0.2429 0.2589 0.0248  0.0426  -0.0539 34  THR A CG2 
161 C CG2 B THR A 35  ? 0.1603 0.2097 0.3412 0.0576  0.0000  0.0336  34  THR A CG2 
162 N N   . PRO A 36  ? 0.1858 0.2828 0.3515 0.0285  -0.0058 0.0755  35  PRO A N   
163 C CA  . PRO A 36  ? 0.1898 0.2159 0.3719 0.0045  -0.0216 0.0342  35  PRO A CA  
164 C C   . PRO A 36  ? 0.2190 0.2099 0.4443 0.0137  -0.1029 0.0246  35  PRO A C   
165 O O   . PRO A 36  ? 0.2056 0.2273 0.2531 -0.0066 -0.0246 0.0333  35  PRO A O   
166 C CB  . PRO A 36  ? 0.2369 0.2196 0.4046 -0.0479 -0.0053 0.0277  35  PRO A CB  
167 C CG  . PRO A 36  ? 0.1992 0.2783 0.3575 0.0067  0.0205  0.0366  35  PRO A CG  
168 C CD  . PRO A 36  ? 0.1859 0.2890 0.3397 0.0394  0.0051  0.0636  35  PRO A CD  
169 N N   . ALA A 37  ? 0.2021 0.2716 0.4058 0.0486  -0.0711 -0.0668 36  ALA A N   
170 C CA  . ALA A 37  ? 0.1805 0.2878 0.3585 0.0558  -0.0945 -0.0922 36  ALA A CA  
171 C C   . ALA A 37  ? 0.2039 0.2262 0.3481 0.0130  -0.0441 -0.0197 36  ALA A C   
172 O O   . ALA A 37  ? 0.1964 0.2257 0.4354 -0.0049 -0.0471 0.0191  36  ALA A O   
173 C CB  . ALA A 37  ? 0.3984 0.4027 0.5773 0.1293  -0.3311 -0.1722 36  ALA A CB  
174 N N   . LEU A 38  ? 0.1754 0.2254 0.2533 0.0105  -0.0368 -0.0063 37  LEU A N   
175 C CA  . LEU A 38  ? 0.1437 0.2661 0.2396 -0.0169 -0.0264 0.0033  37  LEU A CA  
176 C C   . LEU A 38  ? 0.1492 0.2990 0.2050 -0.0079 -0.0070 0.0594  37  LEU A C   
177 O O   . LEU A 38  ? 0.2051 0.3243 0.2055 0.0412  0.0145  0.0348  37  LEU A O   
178 C CB  . LEU A 38  ? 0.1497 0.2766 0.2876 -0.0024 -0.0404 0.0859  37  LEU A CB  
179 C CG  . LEU A 38  ? 0.1670 0.3255 0.2786 -0.0579 -0.0509 0.0556  37  LEU A CG  
180 C CD1 . LEU A 38  ? 0.1599 0.5241 0.5094 -0.0978 -0.0020 0.0657  37  LEU A CD1 
181 C CD2 . LEU A 38  ? 0.2086 0.3785 0.2400 0.0710  -0.0658 0.0549  37  LEU A CD2 
182 N N   . THR A 39  ? 0.1451 0.2199 0.1948 0.0175  -0.0191 0.0198  38  THR A N   
183 C CA  . THR A 39  ? 0.1568 0.1908 0.2864 0.0208  -0.0582 -0.0055 38  THR A CA  
184 C C   . THR A 39  ? 0.1819 0.1929 0.1994 0.0061  0.0021  0.0031  38  THR A C   
185 O O   . THR A 39  ? 0.1705 0.2357 0.2030 -0.0089 0.0040  0.0105  38  THR A O   
186 C CB  . THR A 39  ? 0.1629 0.1742 0.2790 0.0261  -0.0542 0.0063  38  THR A CB  
187 O OG1 . THR A 39  ? 0.1825 0.1756 0.2827 0.0163  -0.0418 0.0168  38  THR A OG1 
188 C CG2 . THR A 39  ? 0.1483 0.2237 0.2524 0.0140  -0.0219 -0.0106 38  THR A CG2 
189 N N   . PRO A 40  ? 0.1692 0.1976 0.1974 0.0044  0.0037  0.0103  39  PRO A N   
190 C CA  . PRO A 40  ? 0.1605 0.2129 0.1790 -0.0106 -0.0249 0.0140  39  PRO A CA  
191 C C   . PRO A 40  ? 0.1695 0.1957 0.2005 0.0057  -0.0045 0.0248  39  PRO A C   
192 O O   . PRO A 40  ? 0.1732 0.1997 0.2302 0.0108  -0.0270 0.0099  39  PRO A O   
193 C CB  . PRO A 40  ? 0.1867 0.2060 0.1765 -0.0081 -0.0112 0.0273  39  PRO A CB  
194 C CG  . PRO A 40  ? 0.1902 0.2060 0.2148 -0.0148 0.0252  -0.0113 39  PRO A CG  
195 C CD  . PRO A 40  ? 0.1788 0.2085 0.1998 -0.0007 0.0399  0.0004  39  PRO A CD  
196 N N   . LEU A 41  ? 0.1911 0.1938 0.1772 -0.0098 -0.0108 0.0162  40  LEU A N   
197 C CA  . LEU A 41  ? 0.1805 0.1872 0.1558 -0.0064 -0.0105 -0.0045 40  LEU A CA  
198 C C   . LEU A 41  ? 0.1733 0.1830 0.1681 0.0099  -0.0206 -0.0125 40  LEU A C   
199 O O   . LEU A 41  ? 0.2184 0.1702 0.1693 0.0357  -0.0151 0.0074  40  LEU A O   
200 C CB  . LEU A 41  ? 0.1736 0.1593 0.1615 0.0081  -0.0124 -0.0028 40  LEU A CB  
201 C CG  . LEU A 41  ? 0.1889 0.1644 0.1824 0.0389  -0.0614 -0.0082 40  LEU A CG  
202 C CD1 . LEU A 41  ? 0.2039 0.2240 0.1680 0.0153  -0.0338 0.0155  40  LEU A CD1 
203 C CD2 . LEU A 41  ? 0.1673 0.1940 0.1967 0.0449  -0.0379 -0.0437 40  LEU A CD2 
204 N N   . MET A 42  ? 0.1781 0.2099 0.1797 -0.0146 -0.0124 -0.0078 41  MET A N   
205 C CA  . MET A 42  ? 0.1824 0.1757 0.1659 -0.0001 -0.0360 0.0222  41  MET A CA  
206 C C   . MET A 42  ? 0.1961 0.1806 0.1570 -0.0133 -0.0332 -0.0034 41  MET A C   
207 O O   . MET A 42  ? 0.1922 0.2080 0.2009 0.0008  -0.0199 -0.0356 41  MET A O   
208 C CB  . MET A 42  ? 0.2181 0.1738 0.1507 0.0388  -0.0282 -0.0091 41  MET A CB  
209 C CG  . MET A 42  ? 0.1851 0.1999 0.1906 0.0351  -0.0376 0.0021  41  MET A CG  
210 S SD  . MET A 42  ? 0.2276 0.2760 0.2284 0.0322  -0.0773 0.0190  41  MET A SD  
211 C CE  A MET A 42  ? 0.1308 0.2397 0.3357 -0.0032 -0.0770 0.0563  41  MET A CE  
212 C CE  B MET A 42  ? 0.1553 0.3235 0.2068 0.0186  -0.1019 0.1452  41  MET A CE  
213 N N   . LEU A 43  ? 0.2057 0.1852 0.1909 -0.0290 -0.0247 0.0022  42  LEU A N   
214 C CA  . LEU A 43  ? 0.1744 0.1721 0.2122 0.0135  -0.0330 0.0346  42  LEU A CA  
215 C C   . LEU A 43  ? 0.2067 0.1845 0.2390 0.0423  -0.0629 0.0094  42  LEU A C   
216 O O   . LEU A 43  ? 0.2178 0.2989 0.2418 0.0084  -0.0757 0.0452  42  LEU A O   
217 C CB  . LEU A 43  ? 0.1826 0.1664 0.2198 0.0148  -0.0253 0.0368  42  LEU A CB  
218 C CG  . LEU A 43  ? 0.2163 0.1655 0.1828 0.0282  -0.0432 0.0067  42  LEU A CG  
219 C CD1 . LEU A 43  ? 0.2441 0.1645 0.2949 0.0565  -0.0004 -0.0059 42  LEU A CD1 
220 C CD2 . LEU A 43  ? 0.2012 0.2237 0.1817 -0.0040 0.0019  0.0127  42  LEU A CD2 
221 N N   . ASP A 44  ? 0.2155 0.2131 0.2960 0.0614  -0.0533 -0.0325 43  ASP A N   
222 C CA  . ASP A 44  ? 0.2265 0.2913 0.2536 0.0782  -0.0529 -0.0220 43  ASP A CA  
223 C C   . ASP A 44  ? 0.2003 0.2468 0.5167 0.0973  -0.1214 -0.0333 43  ASP A C   
224 O O   . ASP A 44  ? 0.2095 0.2615 0.5521 -0.0639 -0.1213 -0.0054 43  ASP A O   
225 C CB  . ASP A 44  ? 0.2071 0.2623 0.3500 0.0617  -0.0130 -0.0352 43  ASP A CB  
226 C CG  . ASP A 44  ? 0.2753 0.2708 0.5829 0.1070  -0.1070 -0.0708 43  ASP A CG  
227 O OD1 . ASP A 44  ? 0.2424 0.3952 0.5970 0.1320  -0.1144 -0.1188 43  ASP A OD1 
228 O OD2 . ASP A 44  ? 0.4199 0.2837 0.5807 0.1691  -0.1147 -0.0623 43  ASP A OD2 
229 N N   . GLU A 45  ? 0.2265 0.3514 0.5614 0.0700  -0.1238 -0.0859 44  GLU A N   
230 C CA  . GLU A 45  ? 0.2155 0.4161 0.6301 0.0001  -0.1569 -0.0926 44  GLU A CA  
231 C C   . GLU A 45  ? 0.2476 0.4705 0.7459 0.0295  -0.0933 -0.0231 44  GLU A C   
232 O O   . GLU A 45  ? 0.3317 0.5053 0.5930 -0.0245 -0.1418 -0.0552 44  GLU A O   
233 C CB  . GLU A 45  ? 0.4257 0.4232 0.6770 0.0299  -0.2174 -0.1394 44  GLU A CB  
234 C CG  A GLU A 45  ? 0.4907 0.4031 0.5933 0.0646  -0.2041 -0.1745 44  GLU A CG  
235 C CG  B GLU A 45  ? 0.5098 0.4154 0.7401 0.0322  -0.1786 -0.1335 44  GLU A CG  
236 C CD  A GLU A 45  ? 0.6083 0.3817 0.6030 0.0742  -0.1845 -0.1905 44  GLU A CD  
237 C CD  B GLU A 45  ? 0.4875 0.4322 0.8477 0.0638  -0.1525 -0.0775 44  GLU A CD  
238 O OE1 A GLU A 45  ? 0.4392 0.3675 0.8024 0.0044  0.0042  -0.2271 44  GLU A OE1 
239 O OE1 B GLU A 45  ? 0.2627 0.3642 0.9493 0.0241  -0.0578 -0.2001 44  GLU A OE1 
240 O OE2 A GLU A 45  ? 0.9037 0.3873 0.3208 0.1133  -0.2775 -0.0858 44  GLU A OE2 
241 O OE2 B GLU A 45  ? 0.5405 0.4673 0.6309 -0.0075 -0.1792 0.0139  44  GLU A OE2 
242 N N   . ALA A 46  ? 0.3283 0.5275 0.4900 0.1022  -0.1623 -0.1179 45  ALA A N   
243 C CA  . ALA A 46  ? 0.2390 0.6079 0.5891 0.0834  -0.1864 -0.0814 45  ALA A CA  
244 C C   . ALA A 46  ? 0.2794 0.5617 0.5470 -0.0602 -0.0791 -0.1068 45  ALA A C   
245 O O   . ALA A 46  ? 0.4528 0.7179 0.6819 -0.3327 -0.0793 -0.0537 45  ALA A O   
246 C CB  . ALA A 46  ? 0.2677 0.6752 0.8124 0.1682  -0.1587 -0.0346 45  ALA A CB  
247 N N   . THR A 47  ? 0.1984 0.3679 0.4227 0.0580  -0.0606 -0.0419 46  THR A N   
248 C CA  . THR A 47  ? 0.1665 0.2920 0.3977 0.0242  0.0077  0.0077  46  THR A CA  
249 C C   . THR A 47  ? 0.1228 0.2711 0.4180 -0.0282 0.0029  0.0518  46  THR A C   
250 O O   . THR A 47  ? 0.2172 0.3728 0.4280 0.0344  0.0023  0.0675  46  THR A O   
251 C CB  . THR A 47  ? 0.1983 0.2918 0.3713 0.0138  0.0175  0.0066  46  THR A CB  
252 O OG1 . THR A 47  ? 0.1487 0.3001 0.4028 0.0234  -0.0013 -0.0134 46  THR A OG1 
253 C CG2 . THR A 47  ? 0.1731 0.2954 0.5144 0.0378  0.0406  -0.0556 46  THR A CG2 
254 N N   . GLY A 48  ? 0.1554 0.2044 0.4041 -0.0053 -0.0400 -0.0365 47  GLY A N   
255 C CA  . GLY A 48  ? 0.1547 0.2022 0.3639 -0.0200 -0.0469 -0.0153 47  GLY A CA  
256 C C   . GLY A 48  ? 0.1802 0.1837 0.3570 -0.0257 -0.0703 0.0113  47  GLY A C   
257 O O   . GLY A 48  ? 0.1531 0.1927 0.3850 -0.0091 -0.0449 -0.0269 47  GLY A O   
258 N N   . LYS A 49  ? 0.1530 0.1843 0.2905 -0.0162 -0.0195 0.0026  48  LYS A N   
259 C CA  . LYS A 49  ? 0.1207 0.1751 0.2635 0.0092  -0.0049 -0.0168 48  LYS A CA  
260 C C   . LYS A 49  ? 0.1417 0.1413 0.2380 0.0124  -0.0086 -0.0168 48  LYS A C   
261 O O   . LYS A 49  ? 0.1843 0.2294 0.2439 0.0247  -0.0271 -0.0158 48  LYS A O   
262 C CB  . LYS A 49  ? 0.1831 0.1710 0.2308 0.0201  0.0225  0.0051  48  LYS A CB  
263 C CG  . LYS A 49  ? 0.1941 0.1574 0.2299 0.0397  0.0278  0.0434  48  LYS A CG  
264 C CD  . LYS A 49  ? 0.2634 0.1912 0.2919 0.0489  0.0732  0.0064  48  LYS A CD  
265 C CE  . LYS A 49  ? 0.2474 0.3126 0.2990 0.0319  0.0821  -0.0276 48  LYS A CE  
266 N NZ  . LYS A 49  ? 0.2815 0.3783 0.4410 0.0707  0.1326  -0.0631 48  LYS A NZ  
267 N N   . LEU A 50  ? 0.1525 0.2152 0.2271 -0.0247 0.0151  -0.0283 49  LEU A N   
268 C CA  . LEU A 50  ? 0.1262 0.1967 0.1891 0.0250  -0.0075 0.0125  49  LEU A CA  
269 C C   . LEU A 50  ? 0.1764 0.1960 0.2068 0.0440  -0.0133 0.0064  49  LEU A C   
270 O O   . LEU A 50  ? 0.2335 0.2043 0.2247 0.0162  -0.0101 -0.0146 49  LEU A O   
271 C CB  . LEU A 50  ? 0.1343 0.1942 0.2125 0.0335  -0.0221 -0.0139 49  LEU A CB  
272 C CG  . LEU A 50  ? 0.1462 0.1950 0.2104 0.0376  -0.0045 0.0052  49  LEU A CG  
273 C CD1 . LEU A 50  ? 0.1672 0.2558 0.1937 0.0706  -0.0069 0.0100  49  LEU A CD1 
274 C CD2 . LEU A 50  ? 0.2026 0.2015 0.2086 0.0527  -0.0317 -0.0321 49  LEU A CD2 
275 N N   . VAL A 51  ? 0.1524 0.1796 0.2072 0.0008  -0.0339 0.0060  50  VAL A N   
276 C CA  . VAL A 51  ? 0.1526 0.1902 0.2176 0.0102  -0.0223 0.0163  50  VAL A CA  
277 C C   . VAL A 51  ? 0.1824 0.1861 0.1713 0.0251  -0.0243 0.0043  50  VAL A C   
278 O O   . VAL A 51  ? 0.1934 0.1781 0.2212 0.0164  -0.0092 -0.0238 50  VAL A O   
279 C CB  . VAL A 51  ? 0.1739 0.2612 0.2025 0.0513  -0.0302 -0.0058 50  VAL A CB  
280 C CG1 . VAL A 51  ? 0.1518 0.2364 0.2481 0.0492  -0.0209 0.0179  50  VAL A CG1 
281 C CG2 . VAL A 51  ? 0.1894 0.2583 0.2380 -0.0018 -0.0390 -0.0184 50  VAL A CG2 
282 N N   . VAL A 52  ? 0.1784 0.1947 0.1965 0.0291  -0.0009 0.0185  51  VAL A N   
283 C CA  . VAL A 52  ? 0.2043 0.2048 0.1800 0.0161  0.0023  -0.0033 51  VAL A CA  
284 C C   . VAL A 52  ? 0.1536 0.2365 0.2042 -0.0025 0.0011  -0.0221 51  VAL A C   
285 O O   . VAL A 52  ? 0.1655 0.2310 0.2816 0.0357  -0.0346 -0.0480 51  VAL A O   
286 C CB  . VAL A 52  ? 0.2464 0.2083 0.2374 -0.0442 -0.0291 0.0168  51  VAL A CB  
287 C CG1 . VAL A 52  ? 0.2369 0.2511 0.2423 -0.0008 -0.0244 0.0526  51  VAL A CG1 
288 C CG2 . VAL A 52  ? 0.2667 0.1711 0.2390 -0.0199 -0.0368 0.0216  51  VAL A CG2 
289 N N   . TRP A 53  ? 0.1733 0.2345 0.2107 0.0447  -0.0303 -0.0388 52  TRP A N   
290 C CA  . TRP A 53  ? 0.2282 0.2297 0.2202 0.0860  -0.0510 -0.0460 52  TRP A CA  
291 C C   . TRP A 53  ? 0.1972 0.2271 0.2019 0.0226  -0.0194 -0.0202 52  TRP A C   
292 O O   . TRP A 53  ? 0.1974 0.2692 0.2926 -0.0116 -0.0420 0.0015  52  TRP A O   
293 C CB  . TRP A 53  ? 0.2038 0.2145 0.2137 0.0307  -0.0033 -0.0337 52  TRP A CB  
294 C CG  . TRP A 53  ? 0.2249 0.1666 0.2033 0.0095  0.0039  -0.0083 52  TRP A CG  
295 C CD1 . TRP A 53  ? 0.2859 0.2087 0.2133 -0.0356 0.0165  -0.0230 52  TRP A CD1 
296 C CD2 . TRP A 53  ? 0.2275 0.1641 0.1954 0.0230  -0.0061 0.0069  52  TRP A CD2 
297 N NE1 . TRP A 53  ? 0.2839 0.2106 0.1738 -0.0215 -0.0240 0.0015  52  TRP A NE1 
298 C CE2 . TRP A 53  ? 0.2865 0.1978 0.1701 -0.0009 -0.0235 0.0159  52  TRP A CE2 
299 C CE3 . TRP A 53  ? 0.2010 0.2028 0.1839 0.0141  -0.0244 0.0334  52  TRP A CE3 
300 C CZ2 . TRP A 53  ? 0.2099 0.1920 0.1786 0.0146  -0.0355 0.0088  52  TRP A CZ2 
301 C CZ3 . TRP A 53  ? 0.2940 0.2366 0.1774 -0.0414 -0.0015 -0.0136 52  TRP A CZ3 
302 C CH2 . TRP A 53  ? 0.2264 0.2290 0.2440 -0.0278 0.0003  -0.0440 52  TRP A CH2 
303 N N   . ASP A 54  ? 0.1847 0.2266 0.2252 0.0146  -0.0338 0.0159  53  ASP A N   
304 C CA  . ASP A 54  ? 0.1867 0.2899 0.2465 0.0418  -0.0032 0.0598  53  ASP A CA  
305 C C   . ASP A 54  ? 0.2009 0.2527 0.2393 0.0254  -0.0023 0.0421  53  ASP A C   
306 O O   . ASP A 54  ? 0.2522 0.2475 0.2113 0.0624  -0.0205 0.0047  53  ASP A O   
307 C CB  . ASP A 54  ? 0.1942 0.3181 0.2003 0.0437  -0.0144 0.0535  53  ASP A CB  
308 C CG  . ASP A 54  ? 0.2253 0.3280 0.2523 0.0113  -0.0346 0.0651  53  ASP A CG  
309 O OD1 . ASP A 54  ? 0.2023 0.2993 0.2845 -0.0009 -0.0906 0.0186  53  ASP A OD1 
310 O OD2 . ASP A 54  ? 0.2336 0.4350 0.2766 -0.0243 -0.0337 -0.0015 53  ASP A OD2 
311 N N   . GLY A 55  ? 0.2183 0.2690 0.1951 0.0429  -0.0275 0.0481  54  GLY A N   
312 C CA  . GLY A 55  ? 0.1989 0.2484 0.2352 0.0125  -0.0003 0.0286  54  GLY A CA  
313 C C   . GLY A 55  ? 0.2190 0.2999 0.1964 0.0577  -0.0626 0.0458  54  GLY A C   
314 O O   . GLY A 55  ? 0.3250 0.4552 0.2415 0.0413  -0.0113 -0.0327 54  GLY A O   
315 N N   . GLN A 56  ? 0.2300 0.2794 0.2727 0.0204  -0.0644 -0.0245 55  GLN A N   
316 C CA  . GLN A 56  ? 0.2873 0.2806 0.2560 0.0270  -0.0784 -0.0205 55  GLN A CA  
317 C C   . GLN A 56  ? 0.2861 0.3188 0.3061 0.0756  -0.1445 -0.0619 55  GLN A C   
318 O O   . GLN A 56  ? 0.2448 0.3075 0.2611 0.0642  -0.0635 -0.0284 55  GLN A O   
319 C CB  . GLN A 56  ? 0.2548 0.2833 0.4325 0.0076  -0.0903 -0.0880 55  GLN A CB  
320 C CG  . GLN A 56  ? 0.3540 0.3138 0.4059 0.0621  -0.0189 -0.0815 55  GLN A CG  
321 C CD  . GLN A 56  ? 0.4337 0.3011 0.6075 -0.0351 -0.0610 -0.0078 55  GLN A CD  
322 O OE1 . GLN A 56  ? 0.4350 0.4614 0.5469 0.0381  0.0531  0.0991  55  GLN A OE1 
323 N NE2 . GLN A 56  ? 1.2326 0.3877 1.1434 -0.3007 -0.6156 0.1165  55  GLN A NE2 
324 N N   . LYS A 57  ? 0.2591 0.3159 0.2432 0.0678  -0.0560 -0.0340 56  LYS A N   
325 C CA  . LYS A 57  ? 0.2160 0.2681 0.2516 0.0089  -0.0252 -0.0029 56  LYS A CA  
326 C C   . LYS A 57  ? 0.2174 0.2359 0.2074 0.0109  -0.0122 0.0127  56  LYS A C   
327 O O   . LYS A 57  ? 0.2271 0.2739 0.2235 0.0457  -0.0197 -0.0354 56  LYS A O   
328 C CB  . LYS A 57  ? 0.2102 0.3637 0.2837 0.0067  0.0125  0.0504  56  LYS A CB  
329 C CG  . LYS A 57  ? 0.2286 0.4801 0.6145 -0.0553 -0.0649 0.0818  56  LYS A CG  
330 C CD  . LYS A 57  ? 0.3801 0.4626 0.8224 -0.1563 -0.1609 0.0807  56  LYS A CD  
331 C CE  . LYS A 57  ? 0.5374 0.4838 0.8003 -0.0695 -0.1526 0.1304  56  LYS A CE  
332 N NZ  . LYS A 57  ? 0.5536 0.4950 0.5688 -0.0554 -0.0561 0.0298  56  LYS A NZ  
333 N N   . ALA A 58  ? 0.2277 0.2182 0.2117 0.0237  -0.0555 -0.0385 57  ALA A N   
334 C CA  . ALA A 58  ? 0.2198 0.2198 0.1916 0.0166  -0.0439 -0.0225 57  ALA A CA  
335 C C   . ALA A 58  ? 0.1715 0.2208 0.1679 0.0126  -0.0186 -0.0384 57  ALA A C   
336 O O   . ALA A 58  ? 0.1629 0.2420 0.2145 0.0116  -0.0353 -0.0316 57  ALA A O   
337 C CB  . ALA A 58  ? 0.2107 0.2563 0.2061 -0.0065 0.0055  0.0081  57  ALA A CB  
338 N N   . GLY A 59  ? 0.1485 0.2175 0.2033 0.0059  -0.0191 -0.0019 58  GLY A N   
339 C CA  . GLY A 59  ? 0.1787 0.1869 0.2242 0.0302  -0.0064 -0.0068 58  GLY A CA  
340 C C   . GLY A 59  ? 0.1669 0.2209 0.2200 0.0513  -0.0071 0.0228  58  GLY A C   
341 O O   . GLY A 59  ? 0.2556 0.2069 0.2368 0.0195  0.0050  0.0223  58  GLY A O   
342 N N   . SER A 60  ? 0.1701 0.1935 0.2311 0.0330  -0.0340 -0.0352 59  SER A N   
343 C CA  . SER A 60  ? 0.1665 0.1932 0.2288 0.0365  -0.0445 -0.0396 59  SER A CA  
344 C C   . SER A 60  ? 0.1730 0.2418 0.2085 -0.0218 -0.0142 -0.0350 59  SER A C   
345 O O   . SER A 60  ? 0.1710 0.2274 0.1797 0.0363  -0.0332 0.0019  59  SER A O   
346 C CB  . SER A 60  ? 0.1560 0.1935 0.2638 0.0240  -0.0366 -0.0251 59  SER A CB  
347 O OG  A SER A 60  ? 0.1228 0.1759 0.3130 0.0250  -0.0533 -0.0376 59  SER A OG  
348 O OG  B SER A 60  ? 0.2234 0.2753 0.1513 -0.0079 -0.0769 -0.0095 59  SER A OG  
349 N N   . ALA A 61  ? 0.1814 0.2092 0.1952 -0.0196 -0.0361 0.0251  60  ALA A N   
350 C CA  . ALA A 61  ? 0.1694 0.2055 0.1985 -0.0147 -0.0367 0.0203  60  ALA A CA  
351 C C   . ALA A 61  ? 0.1715 0.1964 0.1818 0.0016  -0.0269 0.0030  60  ALA A C   
352 O O   . ALA A 61  ? 0.2137 0.2162 0.1777 0.0200  0.0006  0.0126  60  ALA A O   
353 C CB  . ALA A 61  ? 0.1569 0.1872 0.2093 0.0012  -0.0264 0.0067  60  ALA A CB  
354 N N   . VAL A 62  ? 0.2013 0.1971 0.1815 0.0293  -0.0137 0.0003  61  VAL A N   
355 C CA  . VAL A 62  ? 0.1796 0.1892 0.1851 0.0068  -0.0243 0.0048  61  VAL A CA  
356 C C   . VAL A 62  ? 0.1684 0.2086 0.2262 0.0070  -0.0365 0.0002  61  VAL A C   
357 O O   . VAL A 62  ? 0.1781 0.2484 0.2911 0.0294  -0.0937 0.0075  61  VAL A O   
358 C CB  . VAL A 62  ? 0.1745 0.2002 0.2193 0.0009  -0.0175 0.0029  61  VAL A CB  
359 C CG1 . VAL A 62  ? 0.2018 0.2341 0.3361 -0.0107 -0.0915 -0.0015 61  VAL A CG1 
360 C CG2 . VAL A 62  ? 0.1648 0.1828 0.2811 0.0404  0.0079  0.0410  61  VAL A CG2 
361 N N   . GLY A 63  ? 0.1357 0.2119 0.3102 -0.0033 -0.0256 -0.0229 62  GLY A N   
362 C CA  . GLY A 63  ? 0.1348 0.2031 0.2739 -0.0145 -0.0269 0.0207  62  GLY A CA  
363 C C   . GLY A 63  ? 0.1642 0.1976 0.1730 -0.0051 -0.0132 -0.0037 62  GLY A C   
364 O O   . GLY A 63  ? 0.1713 0.1941 0.2082 0.0032  -0.0269 -0.0019 62  GLY A O   
365 N N   . ILE A 64  ? 0.1264 0.1816 0.2460 0.0045  -0.0227 -0.0002 63  ILE A N   
366 C CA  . ILE A 64  ? 0.1797 0.1768 0.1737 -0.0005 0.0071  0.0070  63  ILE A CA  
367 C C   . ILE A 64  ? 0.1952 0.1928 0.1824 0.0224  -0.0081 -0.0017 63  ILE A C   
368 O O   . ILE A 64  ? 0.2552 0.2263 0.2182 0.0238  -0.0632 -0.0097 63  ILE A O   
369 C CB  . ILE A 64  ? 0.1740 0.1816 0.1724 0.0012  -0.0067 0.0336  63  ILE A CB  
370 C CG1 . ILE A 64  ? 0.1879 0.2457 0.1770 0.0244  0.0206  0.0281  63  ILE A CG1 
371 C CG2 . ILE A 64  ? 0.2002 0.1773 0.2622 -0.0094 -0.0149 0.0533  63  ILE A CG2 
372 C CD1 . ILE A 64  ? 0.2022 0.2894 0.2451 -0.0567 0.0726  0.0271  63  ILE A CD1 
373 N N   . LEU A 65  ? 0.1697 0.1980 0.2174 0.0122  0.0216  -0.0139 64  LEU A N   
374 C CA  . LEU A 65  ? 0.1670 0.1781 0.2092 0.0122  -0.0136 -0.0096 64  LEU A CA  
375 C C   . LEU A 65  ? 0.1817 0.2431 0.2579 0.0013  -0.0395 0.0174  64  LEU A C   
376 O O   . LEU A 65  ? 0.1725 0.2416 0.3261 -0.0142 -0.0125 0.0059  64  LEU A O   
377 C CB  . LEU A 65  ? 0.1895 0.1851 0.1799 0.0245  -0.0139 -0.0071 64  LEU A CB  
378 C CG  . LEU A 65  ? 0.2287 0.1640 0.1512 0.0371  -0.0074 0.0282  64  LEU A CG  
379 C CD1 . LEU A 65  ? 0.2033 0.1948 0.2430 0.0672  0.0408  0.0739  64  LEU A CD1 
380 C CD2 . LEU A 65  ? 0.2631 0.1447 0.2617 0.0457  0.0100  0.0362  64  LEU A CD2 
381 N N   . VAL A 66  ? 0.2678 0.2199 0.2710 0.0293  -0.1018 -0.0072 65  VAL A N   
382 C CA  . VAL A 66  ? 0.2552 0.2351 0.3205 0.0234  -0.0995 -0.0250 65  VAL A CA  
383 C C   . VAL A 66  ? 0.3078 0.2572 0.3279 0.0026  -0.1018 -0.0481 65  VAL A C   
384 O O   . VAL A 66  ? 0.4700 0.2998 0.4327 -0.1097 -0.0510 -0.0337 65  VAL A O   
385 C CB  . VAL A 66  ? 0.2659 0.2811 0.2601 0.0600  -0.1124 -0.0568 65  VAL A CB  
386 C CG1 . VAL A 66  ? 0.4013 0.3373 0.5373 0.0812  -0.3049 -0.1319 65  VAL A CG1 
387 C CG2 . VAL A 66  ? 0.2880 0.2343 0.2905 0.0199  -0.0960 -0.0177 65  VAL A CG2 
388 N N   . LEU A 67  ? 0.3161 0.3159 0.4173 0.0950  -0.0968 -0.0694 66  LEU A N   
389 C CA  . LEU A 67  ? 0.3340 0.2761 0.3297 0.0863  -0.1129 -0.0117 66  LEU A CA  
390 C C   . LEU A 67  ? 0.3441 0.2512 0.4173 0.0609  -0.1847 -0.0236 66  LEU A C   
391 O O   . LEU A 67  ? 0.3714 0.2717 0.5129 0.0634  -0.2141 -0.0935 66  LEU A O   
392 C CB  . LEU A 67  ? 0.3997 0.4000 0.3343 0.0690  -0.1122 0.0133  66  LEU A CB  
393 C CG  . LEU A 67  ? 0.4919 0.5232 0.4443 0.0698  -0.2863 0.0721  66  LEU A CG  
394 C CD1 . LEU A 67  ? 0.5885 0.5214 0.7076 0.0065  -0.3341 0.2047  66  LEU A CD1 
395 C CD2 . LEU A 67  ? 0.4466 0.6098 0.3783 0.0260  -0.1785 0.0363  66  LEU A CD2 
396 N N   . PRO A 68  ? 0.3310 0.2555 0.3848 0.0526  -0.1667 -0.0136 67  PRO A N   
397 C CA  . PRO A 68  ? 0.2749 0.2430 0.4862 0.0708  -0.1159 -0.0470 67  PRO A CA  
398 C C   . PRO A 68  ? 0.3372 0.2637 0.3086 0.0466  -0.1354 -0.0502 67  PRO A C   
399 O O   . PRO A 68  ? 0.5577 0.2267 0.3326 0.0443  -0.1971 -0.0158 67  PRO A O   
400 C CB  . PRO A 68  ? 0.3249 0.2447 0.4277 0.0653  -0.1063 -0.0499 67  PRO A CB  
401 C CG  . PRO A 68  ? 0.3601 0.2722 0.5619 0.0827  -0.1921 -0.0893 67  PRO A CG  
402 C CD  . PRO A 68  ? 0.2873 0.2755 0.4161 0.0606  -0.1134 -0.0703 67  PRO A CD  
403 N N   . LEU A 69  ? 0.2853 0.2059 0.3465 0.0375  -0.1012 -0.0073 68  LEU A N   
404 C CA  . LEU A 69  ? 0.3462 0.1543 0.3348 0.0178  -0.0568 -0.0326 68  LEU A CA  
405 C C   . LEU A 69  ? 0.3703 0.1747 0.2799 0.0447  -0.0411 -0.0033 68  LEU A C   
406 O O   . LEU A 69  ? 0.3491 0.2024 0.2628 0.0239  -0.0843 0.0025  68  LEU A O   
407 C CB  . LEU A 69  ? 0.3129 0.1747 0.3178 0.0230  -0.1039 0.0200  68  LEU A CB  
408 C CG  . LEU A 69  ? 0.3672 0.1552 0.2115 0.0003  -0.1028 0.0172  68  LEU A CG  
409 C CD1 . LEU A 69  ? 0.2312 0.2240 0.2849 0.0251  -0.0936 -0.0255 68  LEU A CD1 
410 C CD2 . LEU A 69  ? 0.3681 0.2111 0.2201 0.0207  -0.0250 0.0339  68  LEU A CD2 
411 N N   . GLU A 70  ? 0.4580 0.1887 0.2850 0.0529  -0.0149 -0.0250 69  GLU A N   
412 C CA  . GLU A 70  ? 0.4002 0.2598 0.3374 0.0831  -0.0511 -0.0644 69  GLU A CA  
413 C C   . GLU A 70  ? 0.4380 0.2817 0.4157 0.0231  -0.0985 -0.0055 69  GLU A C   
414 O O   . GLU A 70  ? 0.3253 0.2454 0.4031 -0.0067 -0.0304 -0.0768 69  GLU A O   
415 C CB  . GLU A 70  ? 0.3638 0.2696 0.3355 0.0325  0.0172  -0.0761 69  GLU A CB  
416 C CG  . GLU A 70  ? 0.4647 0.3156 0.4365 -0.1117 -0.0488 -0.0833 69  GLU A CG  
417 C CD  . GLU A 70  ? 0.6598 0.4302 0.6334 -0.2358 -0.0667 0.0191  69  GLU A CD  
418 O OE1 . GLU A 70  ? 1.1238 0.3338 0.9812 -0.1709 -0.0516 0.0564  69  GLU A OE1 
419 O OE2 . GLU A 70  ? 0.7348 0.7454 0.6947 -0.4216 0.0900  0.0614  69  GLU A OE2 
420 N N   . GLY A 71  ? 0.4266 0.2736 0.3032 0.0274  -0.0231 0.0219  70  GLY A N   
421 C CA  . GLY A 71  ? 0.4176 0.2193 0.3014 0.0356  -0.0012 0.0080  70  GLY A CA  
422 C C   . GLY A 71  ? 0.4441 0.2261 0.2879 0.0290  0.0043  -0.0042 70  GLY A C   
423 O O   . GLY A 71  ? 0.4191 0.3904 0.2770 0.0431  0.0388  -0.0486 70  GLY A O   
424 N N   . THR A 72  ? 0.4929 0.2225 0.2833 0.0200  -0.0017 -0.0263 71  THR A N   
425 C CA  . THR A 72  ? 0.5228 0.2042 0.2755 0.0283  0.0120  -0.0407 71  THR A CA  
426 C C   . THR A 72  ? 0.4608 0.2170 0.3813 0.0227  0.0422  0.0021  71  THR A C   
427 O O   . THR A 72  ? 0.5126 0.2974 0.3931 0.0324  0.0647  0.0536  71  THR A O   
428 C CB  . THR A 72  ? 0.6901 0.2432 0.2329 0.0795  -0.0696 -0.0188 71  THR A CB  
429 O OG1 . THR A 72  ? 0.7354 0.2639 0.3039 0.1164  -0.1911 -0.0363 71  THR A OG1 
430 C CG2 . THR A 72  ? 0.6683 0.2262 0.4108 0.1103  -0.1388 -0.0919 71  THR A CG2 
431 N N   . GLU A 73  ? 0.4855 0.2572 0.2929 0.0535  0.0095  -0.0097 72  GLU A N   
432 C CA  . GLU A 73  ? 0.3908 0.2467 0.2100 0.0109  0.0364  -0.0024 72  GLU A CA  
433 C C   . GLU A 73  ? 0.3446 0.2709 0.1894 0.0120  0.0110  0.0062  72  GLU A C   
434 O O   . GLU A 73  ? 0.4182 0.2731 0.2245 0.1153  -0.0593 -0.0218 72  GLU A O   
435 C CB  . GLU A 73  ? 0.3677 0.2908 0.2492 -0.0169 0.0221  0.0188  72  GLU A CB  
436 C CG  . GLU A 73  ? 0.4300 0.2854 0.3561 -0.0433 -0.0450 0.0543  72  GLU A CG  
437 C CD  . GLU A 73  ? 0.4523 0.2654 0.4098 0.0072  -0.0386 0.0710  72  GLU A CD  
438 O OE1 . GLU A 73  ? 0.5603 0.2264 0.2611 -0.0240 -0.0213 0.0157  72  GLU A OE1 
439 O OE2 . GLU A 73  ? 0.4548 0.1987 0.3562 0.0732  -0.0111 -0.0018 72  GLU A OE2 
440 N N   . THR A 74  ? 0.4252 0.2069 0.2067 0.0390  0.0407  -0.0158 73  THR A N   
441 C CA  . THR A 74  ? 0.2495 0.2389 0.3219 0.0489  0.0464  -0.0128 73  THR A CA  
442 C C   . THR A 74  ? 0.2431 0.1819 0.2416 0.0436  -0.0059 0.0004  73  THR A C   
443 O O   . THR A 74  ? 0.2856 0.2167 0.2811 0.0196  -0.0256 -0.0245 73  THR A O   
444 C CB  . THR A 74  ? 0.2829 0.2842 0.3379 0.0429  0.0640  -0.0074 73  THR A CB  
445 O OG1 . THR A 74  ? 0.4892 0.3492 0.2947 -0.0095 -0.0090 -0.0324 73  THR A OG1 
446 C CG2 . THR A 74  ? 0.3643 0.2993 0.5664 0.0166  0.2260  -0.0450 73  THR A CG2 
447 N N   . ALA A 75  ? 0.2298 0.2030 0.2507 0.0018  0.0588  -0.0379 74  ALA A N   
448 C CA  . ALA A 75  ? 0.2234 0.1861 0.2409 0.0095  0.0476  0.0039  74  ALA A CA  
449 C C   . ALA A 75  ? 0.2123 0.2381 0.2628 -0.0407 0.0520  -0.0623 74  ALA A C   
450 O O   . ALA A 75  ? 0.2946 0.2102 0.3084 -0.0344 0.0856  -0.0441 74  ALA A O   
451 C CB  . ALA A 75  ? 0.3512 0.2701 0.2288 0.0681  -0.0090 -0.0121 74  ALA A CB  
452 N N   . LEU A 76  ? 0.1966 0.1995 0.2332 0.0127  0.0318  -0.0025 75  LEU A N   
453 C CA  . LEU A 76  ? 0.1704 0.2295 0.1906 0.0114  0.0000  -0.0025 75  LEU A CA  
454 C C   . LEU A 76  ? 0.1433 0.1994 0.3634 -0.0126 -0.0315 0.0068  75  LEU A C   
455 O O   . LEU A 76  ? 0.1984 0.1995 0.2856 -0.0181 -0.0127 0.0025  75  LEU A O   
456 C CB  . LEU A 76  ? 0.2499 0.1989 0.1716 0.0209  -0.0041 -0.0266 75  LEU A CB  
457 C CG  . LEU A 76  ? 0.2158 0.1966 0.2377 0.0431  -0.0635 -0.0300 75  LEU A CG  
458 C CD1 . LEU A 76  ? 0.3144 0.1993 0.2195 0.0521  -0.0217 -0.0473 75  LEU A CD1 
459 C CD2 . LEU A 76  ? 0.2138 0.2545 0.2337 0.0053  -0.0440 0.0259  75  LEU A CD2 
460 N N   . THR A 77  ? 0.1644 0.2042 0.1970 0.0029  -0.0030 0.0239  76  THR A N   
461 C CA  . THR A 77  ? 0.1579 0.2262 0.1945 -0.0006 -0.0199 -0.0265 76  THR A CA  
462 C C   . THR A 77  ? 0.1856 0.2049 0.1883 0.0327  -0.0251 -0.0055 76  THR A C   
463 O O   . THR A 77  ? 0.2600 0.1994 0.2154 0.0191  -0.0345 -0.0036 76  THR A O   
464 C CB  . THR A 77  ? 0.1984 0.2878 0.2090 -0.0002 -0.0602 -0.0179 76  THR A CB  
465 O OG1 . THR A 77  ? 0.2665 0.2522 0.2083 -0.0350 -0.0498 -0.0114 76  THR A OG1 
466 C CG2 . THR A 77  ? 0.1980 0.2860 0.2260 0.0065  -0.0791 0.0220  76  THR A CG2 
467 N N   . TYR A 78  ? 0.1796 0.1995 0.1937 -0.0007 0.0126  -0.0070 77  TYR A N   
468 C CA  . TYR A 78  ? 0.1481 0.1948 0.1913 0.0064  -0.0038 -0.0014 77  TYR A CA  
469 C C   . TYR A 78  ? 0.1936 0.1835 0.1921 0.0216  0.0054  -0.0162 77  TYR A C   
470 O O   . TYR A 78  ? 0.1903 0.1908 0.2392 0.0212  0.0011  0.0037  77  TYR A O   
471 C CB  . TYR A 78  ? 0.1775 0.2138 0.2168 -0.0244 -0.0110 -0.0169 77  TYR A CB  
472 C CG  . TYR A 78  ? 0.1280 0.1885 0.1962 0.0232  -0.0277 0.0053  77  TYR A CG  
473 C CD1 . TYR A 78  ? 0.1220 0.1956 0.2440 0.0038  -0.0041 -0.0128 77  TYR A CD1 
474 C CD2 . TYR A 78  ? 0.1868 0.1926 0.1894 0.0143  -0.0199 0.0022  77  TYR A CD2 
475 C CE1 . TYR A 78  ? 0.1928 0.1877 0.1973 -0.0043 -0.0156 -0.0048 77  TYR A CE1 
476 C CE2 . TYR A 78  ? 0.2012 0.1976 0.1708 0.0075  -0.0286 0.0072  77  TYR A CE2 
477 C CZ  . TYR A 78  ? 0.1865 0.1900 0.1966 0.0068  -0.0205 -0.0011 77  TYR A CZ  
478 O OH  . TYR A 78  ? 0.2126 0.2183 0.2403 -0.0398 -0.0157 -0.0304 77  TYR A OH  
479 N N   . TYR A 79  ? 0.1434 0.2331 0.1636 0.0224  -0.0298 -0.0190 78  TYR A N   
480 C CA  . TYR A 79  ? 0.1571 0.1743 0.1838 -0.0060 -0.0011 -0.0037 78  TYR A CA  
481 C C   . TYR A 79  ? 0.1262 0.1879 0.2654 -0.0108 -0.0159 -0.0179 78  TYR A C   
482 O O   . TYR A 79  ? 0.1567 0.1894 0.2538 0.0044  -0.0245 -0.0404 78  TYR A O   
483 C CB  . TYR A 79  ? 0.1418 0.2322 0.2434 -0.0330 0.0136  0.0023  78  TYR A CB  
484 C CG  . TYR A 79  ? 0.1271 0.2186 0.2724 -0.0129 -0.0037 0.0070  78  TYR A CG  
485 C CD1 . TYR A 79  ? 0.3104 0.2097 0.2287 0.0011  -0.0780 -0.0270 78  TYR A CD1 
486 C CD2 . TYR A 79  ? 0.2165 0.2473 0.2224 -0.0275 -0.0377 0.0239  78  TYR A CD2 
487 C CE1 . TYR A 79  ? 0.3108 0.2293 0.3232 -0.0233 -0.0677 -0.0390 78  TYR A CE1 
488 C CE2 . TYR A 79  ? 0.3757 0.3118 0.2823 -0.0747 -0.1520 0.0246  78  TYR A CE2 
489 C CZ  . TYR A 79  ? 0.2861 0.2868 0.3110 -0.0878 -0.0716 -0.0155 78  TYR A CZ  
490 O OH  . TYR A 79  ? 0.4709 0.3682 0.3463 -0.1640 -0.1242 -0.0498 78  TYR A OH  
491 N N   . LYS A 80  ? 0.1880 0.1818 0.2511 -0.0213 -0.0292 -0.0117 79  LYS A N   
492 C CA  . LYS A 80  ? 0.1626 0.1782 0.1754 -0.0082 -0.0232 0.0067  79  LYS A CA  
493 C C   . LYS A 80  ? 0.1568 0.2056 0.2850 0.0041  -0.0073 -0.0270 79  LYS A C   
494 O O   . LYS A 80  ? 0.1881 0.2100 0.2541 0.0022  0.0107  -0.0271 79  LYS A O   
495 C CB  . LYS A 80  ? 0.2025 0.2094 0.2552 -0.0253 -0.0316 0.0703  79  LYS A CB  
496 C CG  . LYS A 80  ? 0.2019 0.1934 0.1712 0.0013  0.0058  0.0176  79  LYS A CG  
497 C CD  . LYS A 80  ? 0.2472 0.2377 0.1382 -0.0408 -0.0246 0.0433  79  LYS A CD  
498 C CE  . LYS A 80  ? 0.2499 0.2540 0.2115 -0.0525 -0.0522 0.0735  79  LYS A CE  
499 N NZ  . LYS A 80  ? 0.1444 0.2010 0.2405 -0.0041 -0.0283 0.0453  79  LYS A NZ  
500 N N   . SER A 81  ? 0.1536 0.1981 0.2267 0.0106  -0.0276 0.0403  80  SER A N   
501 C CA  . SER A 81  ? 0.1469 0.1989 0.2673 0.0134  -0.0218 0.0311  80  SER A CA  
502 C C   . SER A 81  ? 0.1237 0.2091 0.2524 0.0058  -0.0361 0.0039  80  SER A C   
503 O O   . SER A 81  ? 0.1486 0.2045 0.2748 0.0152  -0.0105 0.0006  80  SER A O   
504 C CB  . SER A 81  ? 0.1676 0.2160 0.2287 0.0239  -0.0347 0.0167  80  SER A CB  
505 O OG  . SER A 81  ? 0.1618 0.2894 0.2684 -0.0123 -0.0609 0.0193  80  SER A OG  
506 N N   . GLY A 82  ? 0.1687 0.1963 0.1977 -0.0171 -0.0373 -0.0023 81  GLY A N   
507 C CA  . GLY A 82  ? 0.1826 0.2369 0.2070 -0.0283 -0.0170 0.0154  81  GLY A CA  
508 C C   . GLY A 82  ? 0.1979 0.2253 0.1840 -0.0365 -0.0214 -0.0210 81  GLY A C   
509 O O   . GLY A 82  ? 0.2237 0.2132 0.2202 -0.0350 -0.0478 -0.0392 81  GLY A O   
510 N N   . THR A 83  ? 0.1844 0.1889 0.1878 -0.0008 -0.0029 -0.0150 82  THR A N   
511 C CA  . THR A 83  ? 0.2043 0.2134 0.1945 -0.0195 -0.0251 0.0010  82  THR A CA  
512 C C   . THR A 83  ? 0.1566 0.2126 0.2522 -0.0290 0.0162  0.0134  82  THR A C   
513 O O   . THR A 83  ? 0.1888 0.2216 0.4585 -0.0144 -0.0709 -0.0230 82  THR A O   
514 C CB  . THR A 83  ? 0.2544 0.2253 0.1732 -0.0353 0.0030  -0.0392 82  THR A CB  
515 O OG1 . THR A 83  ? 0.1959 0.2192 0.2262 -0.0297 -0.0188 -0.0203 82  THR A OG1 
516 C CG2 . THR A 83  ? 0.2320 0.2966 0.2404 0.0022  0.0195  0.0484  82  THR A CG2 
517 N N   . PHE A 84  ? 0.1984 0.2162 0.1982 -0.0177 -0.0102 0.0144  83  PHE A N   
518 C CA  . PHE A 84  ? 0.2113 0.2133 0.2125 -0.0277 -0.0321 0.0124  83  PHE A CA  
519 C C   . PHE A 84  ? 0.2108 0.2385 0.2184 -0.0581 -0.0654 0.0336  83  PHE A C   
520 O O   . PHE A 84  ? 0.1805 0.2215 0.2192 -0.0282 -0.0392 0.0260  83  PHE A O   
521 C CB  . PHE A 84  ? 0.2386 0.2322 0.2520 -0.0013 -0.0109 -0.0150 83  PHE A CB  
522 C CG  . PHE A 84  ? 0.1774 0.2409 0.2731 -0.0327 -0.0130 0.0082  83  PHE A CG  
523 C CD1 . PHE A 84  ? 0.1736 0.2625 0.3605 -0.0589 0.0356  0.0199  83  PHE A CD1 
524 C CD2 . PHE A 84  ? 0.1655 0.2733 0.2523 -0.0062 0.0366  0.0100  83  PHE A CD2 
525 C CE1 . PHE A 84  ? 0.1824 0.2652 0.3789 -0.0172 0.0549  0.0494  83  PHE A CE1 
526 C CE2 . PHE A 84  ? 0.2361 0.2978 0.2731 -0.0371 0.0461  0.0337  83  PHE A CE2 
527 C CZ  . PHE A 84  ? 0.2306 0.2966 0.3388 -0.0266 0.0005  0.0613  83  PHE A CZ  
528 N N   . ALA A 85  ? 0.1668 0.2338 0.2255 -0.0375 -0.0227 0.0144  84  ALA A N   
529 C CA  . ALA A 85  ? 0.1746 0.2473 0.2581 -0.0563 -0.0443 0.0403  84  ALA A CA  
530 C C   . ALA A 85  ? 0.2084 0.2200 0.2296 -0.0195 -0.0391 -0.0031 84  ALA A C   
531 O O   . ALA A 85  ? 0.2214 0.2424 0.2319 -0.0241 -0.0126 0.0086  84  ALA A O   
532 C CB  . ALA A 85  ? 0.1965 0.2219 0.4208 -0.0584 -0.0406 0.0215  84  ALA A CB  
533 N N   . THR A 86  ? 0.1665 0.2965 0.2125 -0.0378 -0.0188 0.0324  85  THR A N   
534 C CA  . THR A 86  ? 0.2332 0.2418 0.2593 0.0011  -0.0550 0.0407  85  THR A CA  
535 C C   . THR A 86  ? 0.2511 0.2475 0.2368 -0.0239 0.0693  0.0508  85  THR A C   
536 O O   . THR A 86  ? 0.2355 0.2995 0.2767 -0.0081 0.0274  0.0076  85  THR A O   
537 C CB  . THR A 86  ? 0.2814 0.2665 0.2628 0.0128  -0.0995 -0.0011 85  THR A CB  
538 O OG1 . THR A 86  ? 0.2255 0.2461 0.2831 -0.0243 -0.0432 0.0200  85  THR A OG1 
539 C CG2 . THR A 86  ? 0.2303 0.2931 0.2493 -0.0006 -0.0383 0.0661  85  THR A CG2 
540 N N   . GLU A 87  ? 0.2752 0.2716 0.2470 -0.0630 0.0405  0.0162  86  GLU A N   
541 C CA  . GLU A 87  ? 0.2631 0.2794 0.2988 -0.0557 0.0212  -0.0127 86  GLU A CA  
542 C C   . GLU A 87  ? 0.2657 0.2684 0.2883 0.0187  0.0008  0.0116  86  GLU A C   
543 O O   . GLU A 87  ? 0.3371 0.2625 0.3072 0.0279  0.0024  0.0108  86  GLU A O   
544 C CB  . GLU A 87  ? 0.3483 0.2137 0.6904 -0.0030 0.2467  0.0477  86  GLU A CB  
545 C CG  . GLU A 87  ? 0.4427 0.4232 0.6079 0.1367  0.2585  0.1881  86  GLU A CG  
546 C CD  . GLU A 87  ? 0.5393 0.4968 0.3875 0.2048  0.1808  0.0870  86  GLU A CD  
547 O OE1 . GLU A 87  ? 1.0469 0.6477 0.3484 0.2447  0.1603  -0.0265 86  GLU A OE1 
548 O OE2 . GLU A 87  ? 0.1423 0.2429 0.4108 -0.0763 0.0619  0.0128  86  GLU A OE2 
549 N N   . ALA A 88  ? 0.2406 0.2516 0.3236 -0.0308 0.0282  0.0441  87  ALA A N   
550 C CA  . ALA A 88  ? 0.2061 0.2798 0.3082 -0.0264 -0.0052 0.0465  87  ALA A CA  
551 C C   . ALA A 88  ? 0.1884 0.2447 0.2991 0.0021  -0.0132 0.0042  87  ALA A C   
552 O O   . ALA A 88  ? 0.2427 0.2508 0.2754 -0.0137 -0.0020 0.0155  87  ALA A O   
553 C CB  . ALA A 88  ? 0.1926 0.2850 0.3481 -0.0075 -0.0424 0.0047  87  ALA A CB  
554 N N   . ILE A 89  ? 0.2145 0.2481 0.2657 -0.0242 -0.0019 0.0226  88  ILE A N   
555 C CA  . ILE A 89  ? 0.2214 0.1945 0.3062 -0.0240 -0.0109 0.0489  88  ILE A CA  
556 C C   . ILE A 89  ? 0.2351 0.2372 0.2499 0.0125  -0.0274 0.0256  88  ILE A C   
557 O O   . ILE A 89  ? 0.2419 0.2430 0.2562 0.0191  -0.0227 0.0300  88  ILE A O   
558 C CB  . ILE A 89  ? 0.1643 0.2403 0.2375 0.0138  -0.0485 0.0177  88  ILE A CB  
559 C CG1 . ILE A 89  ? 0.1778 0.2093 0.2830 0.0128  -0.0211 0.0204  88  ILE A CG1 
560 C CG2 . ILE A 89  ? 0.1659 0.2661 0.3298 0.0043  -0.0338 0.0094  88  ILE A CG2 
561 C CD1 . ILE A 89  ? 0.2255 0.2380 0.3081 0.0142  -0.0045 -0.0051 88  ILE A CD1 
562 N N   . HIS A 90  ? 0.2262 0.2498 0.2224 -0.0127 -0.0462 -0.0015 89  HIS A N   
563 C CA  . HIS A 90  ? 0.2215 0.2631 0.2310 0.0023  -0.0069 -0.0095 89  HIS A CA  
564 C C   . HIS A 90  ? 0.2197 0.2299 0.2322 0.0264  -0.0279 -0.0018 89  HIS A C   
565 O O   . HIS A 90  ? 0.2166 0.2666 0.2585 0.0105  -0.0409 0.0218  89  HIS A O   
566 C CB  . HIS A 90  ? 0.3814 0.3030 0.2653 0.0188  0.0004  -0.0738 89  HIS A CB  
567 C CG  . HIS A 90  ? 0.5848 0.3818 0.2988 -0.1308 -0.0153 -0.0755 89  HIS A CG  
568 N ND1 . HIS A 90  ? 0.6594 0.4480 0.3512 -0.1880 0.0005  -0.0551 89  HIS A ND1 
569 C CD2 . HIS A 90  ? 0.4582 0.3259 0.3725 -0.0634 -0.0988 -0.0257 89  HIS A CD2 
570 C CE1 . HIS A 90  ? 0.5555 0.4075 0.4331 -0.1381 -0.0369 -0.0315 89  HIS A CE1 
571 N NE2 . HIS A 90  ? 0.4288 0.3505 0.4212 -0.0708 -0.0660 -0.0389 89  HIS A NE2 
572 N N   . TRP A 91  ? 0.2544 0.2268 0.2316 0.0420  -0.0318 -0.0009 90  TRP A N   
573 C CA  . TRP A 91  ? 0.2144 0.2750 0.2295 0.0507  0.0028  -0.0460 90  TRP A CA  
574 C C   . TRP A 91  ? 0.2097 0.2467 0.2559 0.0354  0.0100  -0.0374 90  TRP A C   
575 O O   . TRP A 91  ? 0.2652 0.2448 0.3114 0.0460  -0.0468 -0.0228 90  TRP A O   
576 C CB  . TRP A 91  ? 0.2068 0.2573 0.2223 0.0403  0.0062  -0.0086 90  TRP A CB  
577 C CG  . TRP A 91  ? 0.1911 0.2073 0.1687 0.0106  0.0021  -0.0092 90  TRP A CG  
578 C CD1 . TRP A 91  ? 0.1986 0.2089 0.2213 0.0122  0.0175  0.0149  90  TRP A CD1 
579 C CD2 . TRP A 91  ? 0.2025 0.2116 0.2168 -0.0020 -0.0108 -0.0139 90  TRP A CD2 
580 N NE1 . TRP A 91  ? 0.1929 0.2181 0.2605 0.0140  -0.0204 0.0380  90  TRP A NE1 
581 C CE2 . TRP A 91  ? 0.2062 0.2053 0.1714 0.0095  -0.0250 -0.0146 90  TRP A CE2 
582 C CE3 . TRP A 91  ? 0.2167 0.2146 0.2354 -0.0029 0.0314  -0.0010 90  TRP A CE3 
583 C CZ2 . TRP A 91  ? 0.2281 0.2122 0.2649 0.0074  0.0159  0.0226  90  TRP A CZ2 
584 C CZ3 . TRP A 91  ? 0.2305 0.2174 0.2646 0.0019  0.0093  0.0301  90  TRP A CZ3 
585 C CH2 . TRP A 91  ? 0.2297 0.2125 0.1760 -0.0011 0.0143  -0.0162 90  TRP A CH2 
586 N N   . PRO A 92  ? 0.2165 0.2676 0.3172 0.0180  -0.0166 0.0197  91  PRO A N   
587 C CA  . PRO A 92  ? 0.2322 0.2845 0.3754 0.0232  -0.0490 0.0688  91  PRO A CA  
588 C C   . PRO A 92  ? 0.3557 0.3114 0.3731 0.0486  -0.0251 0.0775  91  PRO A C   
589 O O   . PRO A 92  ? 0.3192 0.3549 0.3173 0.0268  -0.1097 0.0163  91  PRO A O   
590 C CB  . PRO A 92  ? 0.2026 0.3113 0.3646 0.0240  0.0246  -0.0141 91  PRO A CB  
591 C CG  . PRO A 92  ? 0.2006 0.3021 0.2810 0.0157  -0.0098 -0.0055 91  PRO A CG  
592 C CD  . PRO A 92  ? 0.2194 0.2724 0.2902 0.0227  -0.0472 -0.0479 91  PRO A CD  
593 N N   . GLU A 93  ? 0.4921 0.2783 0.2825 0.0531  -0.1540 0.0025  92  GLU A N   
594 C CA  . GLU A 93  ? 0.5437 0.3058 0.2862 0.0823  -0.1203 0.0116  92  GLU A CA  
595 C C   . GLU A 93  ? 0.3301 0.3321 0.2889 0.0828  -0.1420 0.0664  92  GLU A C   
596 O O   . GLU A 93  ? 0.3689 0.3382 0.3808 0.0939  -0.0063 0.0095  92  GLU A O   
597 C CB  . GLU A 93  ? 0.7055 0.3209 0.5316 0.1730  -0.2064 0.0051  92  GLU A CB  
598 C CG  . GLU A 93  ? 0.8835 0.3930 0.4227 0.1745  -0.1639 -0.1141 92  GLU A CG  
599 C CD  . GLU A 93  ? 0.9413 0.3482 0.7627 0.1512  -0.2302 -0.0731 92  GLU A CD  
600 O OE1 . GLU A 93  ? 1.0274 0.3753 0.8636 0.0694  -0.0182 -0.0977 92  GLU A OE1 
601 O OE2 . GLU A 93  ? 0.9970 0.3951 1.3031 0.1765  -0.4609 0.1427  92  GLU A OE2 
602 N N   . DSN A 94  ? 0.3757 0.2850 0.2875 0.0296  -0.1249 0.0244  93  DSN A N   
603 C CA  . DSN A 94  ? 0.4123 0.3187 0.3256 0.0744  -0.1569 -0.0101 93  DSN A CA  
604 C C   . DSN A 94  ? 0.3988 0.2729 0.5160 0.0145  -0.2398 -0.0352 93  DSN A C   
605 O O   . DSN A 94  ? 0.3285 0.3684 0.3658 0.0958  -0.0692 -0.0519 93  DSN A O   
606 C CB  . DSN A 94  ? 0.5311 0.4000 0.2922 0.1959  -0.1528 0.0185  93  DSN A CB  
607 O OG  . DSN A 94  ? 0.6199 0.5207 0.6719 0.1283  0.1000  0.1246  93  DSN A OG  
608 N N   . VAL A 95  ? 0.2654 0.3023 0.3530 0.0529  -0.0419 -0.0009 94  VAL A N   
609 C CA  . VAL A 95  ? 0.2621 0.2966 0.3274 0.0370  0.0022  0.0109  94  VAL A CA  
610 C C   . VAL A 95  ? 0.3253 0.2779 0.2826 0.0478  -0.0131 0.0441  94  VAL A C   
611 O O   . VAL A 95  ? 0.3442 0.3096 0.2923 0.0538  0.0086  0.0616  94  VAL A O   
612 C CB  . VAL A 95  ? 0.3685 0.2826 0.2679 0.1136  0.0083  -0.0430 94  VAL A CB  
613 C CG1 . VAL A 95  ? 0.3363 0.3794 0.4932 0.0908  -0.1226 -0.0463 94  VAL A CG1 
614 C CG2 . VAL A 95  ? 0.4847 0.2820 0.3963 0.1399  0.0955  0.0190  94  VAL A CG2 
615 N N   . ASP A 96  ? 0.3434 0.2916 0.3182 0.0661  -0.0368 0.0181  95  ASP A N   
616 C CA  . ASP A 96  ? 0.3478 0.3143 0.3251 0.0699  -0.0537 0.0014  95  ASP A CA  
617 C C   . ASP A 96  ? 0.3351 0.3450 0.2460 0.0559  -0.0313 0.0210  95  ASP A C   
618 O O   . ASP A 96  ? 0.3666 0.2911 0.2473 0.1174  0.0145  0.0185  95  ASP A O   
619 C CB  . ASP A 96  ? 0.3317 0.3377 0.5123 0.0774  -0.0447 -0.0877 95  ASP A CB  
620 C CG  . ASP A 96  ? 0.4565 0.3596 0.4942 0.1570  -0.1343 -0.1093 95  ASP A CG  
621 O OD1 . ASP A 96  ? 0.5463 0.3762 0.4639 0.2010  -0.1212 -0.0052 95  ASP A OD1 
622 O OD2 . ASP A 96  ? 0.3707 0.3814 0.3281 0.1175  0.0060  0.0215  95  ASP A OD2 
623 N N   . GLU A 97  ? 0.3558 0.3063 0.2667 0.0121  -0.0287 0.0466  96  GLU A N   
624 C CA  . GLU A 97  ? 0.3456 0.2763 0.3033 0.0039  -0.0054 0.0198  96  GLU A CA  
625 C C   . GLU A 97  ? 0.3304 0.2686 0.2364 0.0028  0.0327  0.0025  96  GLU A C   
626 O O   . GLU A 97  ? 0.3608 0.2396 0.3132 -0.0506 -0.0296 0.0409  96  GLU A O   
627 C CB  . GLU A 97  ? 0.4096 0.3706 0.4701 -0.0943 0.0463  0.1204  96  GLU A CB  
628 C CG  . GLU A 97  ? 0.7678 0.3789 0.7662 -0.1757 -0.1491 0.2307  96  GLU A CG  
629 C CD  . GLU A 97  ? 0.9480 0.3939 1.1018 -0.2258 -0.2416 0.0408  96  GLU A CD  
630 O OE1 . GLU A 97  ? 1.2043 0.3510 1.5547 -0.2207 -0.2169 -0.0366 96  GLU A OE1 
631 O OE2 . GLU A 97  ? 0.7591 0.7453 0.7837 -0.2526 -0.0751 -0.0273 96  GLU A OE2 
632 N N   . HIS A 98  ? 0.3342 0.2662 0.2065 0.0347  0.0066  0.0117  97  HIS A N   
633 C CA  . HIS A 98  ? 0.2726 0.2599 0.2287 0.0052  0.0431  0.0058  97  HIS A CA  
634 C C   . HIS A 98  ? 0.1745 0.2716 0.2098 0.0453  -0.0079 0.0224  97  HIS A C   
635 O O   . HIS A 98  ? 0.2190 0.2150 0.2520 0.0483  -0.0237 0.0114  97  HIS A O   
636 C CB  . HIS A 98  ? 0.4231 0.2615 0.2164 0.0848  -0.0217 -0.0090 97  HIS A CB  
637 C CG  . HIS A 98  ? 0.4098 0.3528 0.2392 0.0691  -0.0199 0.0292  97  HIS A CG  
638 N ND1 . HIS A 98  ? 0.4175 0.3878 0.2360 0.0403  -0.0329 0.0412  97  HIS A ND1 
639 C CD2 . HIS A 98  ? 0.4136 0.4249 0.2643 0.0272  -0.0319 0.0393  97  HIS A CD2 
640 C CE1 . HIS A 98  ? 0.4330 0.3302 0.2777 0.0467  -0.0203 0.0669  97  HIS A CE1 
641 N NE2 . HIS A 98  ? 0.4322 0.3721 0.2498 0.0057  -0.0275 0.0192  97  HIS A NE2 
642 N N   . LYS A 99  ? 0.1662 0.2284 0.2518 0.0250  0.0011  0.0014  98  LYS A N   
643 C CA  . LYS A 99  ? 0.1689 0.2656 0.2230 0.0104  -0.0056 -0.0451 98  LYS A CA  
644 C C   . LYS A 99  ? 0.2690 0.2562 0.2693 -0.0373 -0.1130 0.0557  98  LYS A C   
645 O O   . LYS A 99  ? 0.2047 0.2876 0.2415 0.0255  -0.0134 0.0509  98  LYS A O   
646 C CB  . LYS A 99  ? 0.1920 0.2626 0.1688 0.0430  -0.0101 -0.0291 98  LYS A CB  
647 C CG  . LYS A 99  ? 0.2118 0.2791 0.2551 0.0366  -0.0611 -0.0368 98  LYS A CG  
648 C CD  . LYS A 99  ? 0.2137 0.3660 0.2869 0.0496  -0.0702 -0.0049 98  LYS A CD  
649 C CE  . LYS A 99  ? 0.2225 0.3864 0.3642 -0.0022 -0.0896 -0.0172 98  LYS A CE  
650 N NZ  . LYS A 99  ? 0.2346 0.4325 0.3849 0.0283  -0.1071 0.0111  98  LYS A NZ  
651 N N   . LYS A 100 ? 0.1868 0.2395 0.2304 -0.0066 -0.0185 -0.0066 99  LYS A N   
652 C CA  . LYS A 100 ? 0.1937 0.1832 0.1820 0.0274  0.0041  -0.0214 99  LYS A CA  
653 C C   . LYS A 100 ? 0.1891 0.1859 0.1804 0.0212  0.0016  -0.0150 99  LYS A C   
654 O O   . LYS A 100 ? 0.2147 0.2256 0.2060 0.0123  -0.0164 0.0229  99  LYS A O   
655 C CB  . LYS A 100 ? 0.2481 0.1784 0.2803 0.0136  -0.0354 -0.0118 99  LYS A CB  
656 C CG  . LYS A 100 ? 0.2215 0.2365 0.2774 -0.0209 -0.0047 0.0158  99  LYS A CG  
657 C CD  . LYS A 100 ? 0.3038 0.2412 0.3146 -0.0584 -0.0132 0.0145  99  LYS A CD  
658 C CE  . LYS A 100 ? 0.3473 0.2197 0.4022 -0.0447 -0.0762 -0.0245 99  LYS A CE  
659 N NZ  . LYS A 100 ? 0.3534 0.2948 0.3289 -0.1133 -0.0695 0.0505  99  LYS A NZ  
660 N N   . ALA A 101 ? 0.2039 0.1980 0.2142 0.0268  0.0430  -0.0075 100 ALA A N   
661 C CA  . ALA A 101 ? 0.1852 0.1912 0.1974 0.0113  0.0348  -0.0036 100 ALA A CA  
662 C C   . ALA A 101 ? 0.1980 0.1983 0.2431 -0.0049 -0.0062 0.0155  100 ALA A C   
663 O O   . ALA A 101 ? 0.1875 0.2004 0.2220 -0.0101 0.0028  0.0081  100 ALA A O   
664 C CB  . ALA A 101 ? 0.1912 0.2064 0.1936 0.0594  -0.0044 -0.0210 100 ALA A CB  
665 N N   . ASN A 102 ? 0.1795 0.1767 0.2243 0.0172  0.0116  -0.0085 101 ASN A N   
666 C CA  . ASN A 102 ? 0.1920 0.1803 0.2001 0.0047  0.0130  -0.0222 101 ASN A CA  
667 C C   . ASN A 102 ? 0.1471 0.1797 0.1994 0.0300  -0.0062 -0.0084 101 ASN A C   
668 O O   . ASN A 102 ? 0.1952 0.1928 0.1661 0.0088  -0.0254 0.0231  101 ASN A O   
669 C CB  . ASN A 102 ? 0.1902 0.1833 0.1886 0.0160  -0.0025 -0.0069 101 ASN A CB  
670 C CG  . ASN A 102 ? 0.1693 0.2547 0.1785 -0.0152 -0.0181 -0.0375 101 ASN A CG  
671 O OD1 . ASN A 102 ? 0.1740 0.2364 0.1683 0.0280  -0.0221 -0.0083 101 ASN A OD1 
672 N ND2 . ASN A 102 ? 0.2152 0.2266 0.1775 0.0060  -0.0417 -0.0271 101 ASN A ND2 
673 N N   . ALA A 103 ? 0.1717 0.1962 0.1984 0.0334  -0.0054 -0.0219 102 ALA A N   
674 C CA  . ALA A 103 ? 0.2087 0.1922 0.1613 0.0440  -0.0130 0.0008  102 ALA A CA  
675 C C   . ALA A 103 ? 0.1497 0.2115 0.1970 -0.0127 -0.0620 0.0238  102 ALA A C   
676 O O   . ALA A 103 ? 0.1580 0.2181 0.2122 -0.0133 -0.0352 -0.0042 102 ALA A O   
677 C CB  . ALA A 103 ? 0.1982 0.1939 0.1864 0.0215  0.0101  -0.0105 102 ALA A CB  
678 N N   . PHE A 104 ? 0.1558 0.1733 0.2001 0.0164  -0.0318 0.0026  103 PHE A N   
679 C CA  . PHE A 104 ? 0.1979 0.1680 0.1724 0.0135  -0.0660 -0.0180 103 PHE A CA  
680 C C   . PHE A 104 ? 0.1646 0.1684 0.1589 0.0027  -0.0107 -0.0040 103 PHE A C   
681 O O   . PHE A 104 ? 0.1947 0.1597 0.1840 -0.0106 -0.0039 0.0149  103 PHE A O   
682 C CB  . PHE A 104 ? 0.1540 0.1740 0.2215 -0.0062 -0.0502 0.0027  103 PHE A CB  
683 C CG  . PHE A 104 ? 0.1343 0.1804 0.2511 -0.0046 -0.0667 -0.0097 103 PHE A CG  
684 C CD1 . PHE A 104 ? 0.2267 0.1747 0.2220 -0.0229 -0.0603 0.0139  103 PHE A CD1 
685 C CD2 . PHE A 104 ? 0.1910 0.1934 0.2158 -0.0062 -0.0643 -0.0250 103 PHE A CD2 
686 C CE1 . PHE A 104 ? 0.2685 0.1747 0.1789 -0.0032 -0.0046 0.0155  103 PHE A CE1 
687 C CE2 . PHE A 104 ? 0.1656 0.1743 0.1925 -0.0180 -0.0569 0.0097  103 PHE A CE2 
688 C CZ  . PHE A 104 ? 0.2073 0.2157 0.2129 -0.0215 0.0034  0.0209  103 PHE A CZ  
689 N N   . ALA A 105 ? 0.1550 0.2088 0.1676 -0.0012 -0.0203 -0.0346 104 ALA A N   
690 C CA  . ALA A 105 ? 0.1968 0.1995 0.1413 0.0377  -0.0019 -0.0013 104 ALA A CA  
691 C C   . ALA A 105 ? 0.1661 0.1926 0.1412 0.0391  -0.0295 -0.0028 104 ALA A C   
692 O O   . ALA A 105 ? 0.1700 0.2111 0.2794 0.0390  -0.0269 0.0299  104 ALA A O   
693 C CB  . ALA A 105 ? 0.2634 0.1788 0.1477 -0.0128 -0.0228 -0.0105 104 ALA A CB  
694 N N   . GLY A 106 ? 0.1983 0.1836 0.1917 0.0318  -0.0600 0.0039  105 GLY A N   
695 C CA  . GLY A 106 ? 0.2561 0.1774 0.1754 0.0168  -0.0603 -0.0041 105 GLY A CA  
696 C C   . GLY A 106 ? 0.2554 0.2004 0.1811 -0.0360 -0.0802 -0.0048 105 GLY A C   
697 O O   . GLY A 106 ? 0.2324 0.1902 0.1673 -0.0232 -0.0489 -0.0145 105 GLY A O   
698 N N   . SER A 107 ? 0.1799 0.1938 0.1722 -0.0157 -0.0141 -0.0181 106 SER A N   
699 C CA  . SER A 107 ? 0.1677 0.1669 0.1967 -0.0027 -0.0481 -0.0337 106 SER A CA  
700 C C   . SER A 107 ? 0.1637 0.1625 0.2036 0.0016  -0.0278 0.0011  106 SER A C   
701 O O   . SER A 107 ? 0.1743 0.2170 0.2151 -0.0168 -0.0186 -0.0074 106 SER A O   
702 C CB  . SER A 107 ? 0.1488 0.1572 0.1926 -0.0174 0.0032  -0.0147 106 SER A CB  
703 O OG  . SER A 107 ? 0.1769 0.1780 0.2236 -0.0161 -0.0063 0.0373  106 SER A OG  
704 N N   . ALA A 108 ? 0.1631 0.2008 0.2136 -0.0129 -0.0431 -0.0070 107 ALA A N   
705 C CA  . ALA A 108 ? 0.1643 0.1897 0.1394 0.0097  -0.0118 -0.0004 107 ALA A CA  
706 C C   . ALA A 108 ? 0.1498 0.2043 0.1670 0.0041  -0.0157 0.0121  107 ALA A C   
707 O O   . ALA A 108 ? 0.1543 0.2121 0.2729 0.0067  -0.0379 0.0020  107 ALA A O   
708 C CB  . ALA A 108 ? 0.1801 0.2402 0.1635 -0.0057 -0.0238 0.0313  107 ALA A CB  
709 N N   . LEU A 109 ? 0.1644 0.1894 0.2500 -0.0042 -0.0469 0.0168  108 LEU A N   
710 C CA  . LEU A 109 ? 0.1438 0.1813 0.2051 0.0029  -0.0072 -0.0213 108 LEU A CA  
711 C C   . LEU A 109 ? 0.1559 0.1974 0.2019 -0.0039 -0.0054 -0.0317 108 LEU A C   
712 O O   . LEU A 109 ? 0.1779 0.1780 0.2160 0.0028  -0.0499 -0.0106 108 LEU A O   
713 C CB  . LEU A 109 ? 0.1798 0.1985 0.1871 0.0216  -0.0285 -0.0496 108 LEU A CB  
714 C CG  . LEU A 109 ? 0.2108 0.2035 0.1668 0.0378  -0.0539 -0.0629 108 LEU A CG  
715 C CD1 . LEU A 109 ? 0.1897 0.3529 0.2343 0.0118  0.0131  -0.0269 108 LEU A CD1 
716 C CD2 . LEU A 109 ? 0.2507 0.3503 0.1983 -0.0829 -0.0145 -0.0793 108 LEU A CD2 
717 N N   . SER A 110 ? 0.1506 0.2000 0.2047 -0.0038 -0.0403 0.0119  109 SER A N   
718 C CA  . SER A 110 ? 0.1640 0.1831 0.2058 0.0144  -0.0269 0.0092  109 SER A CA  
719 C C   . SER A 110 ? 0.1695 0.1968 0.2229 0.0014  -0.0255 0.0154  109 SER A C   
720 O O   . SER A 110 ? 0.1693 0.2017 0.2248 -0.0239 -0.0420 0.0253  109 SER A O   
721 C CB  . SER A 110 ? 0.1599 0.1975 0.2481 0.0133  -0.0057 0.0202  109 SER A CB  
722 O OG  . SER A 110 ? 0.1237 0.2806 0.3260 0.0032  -0.0131 0.0212  109 SER A OG  
723 N N   . HIS A 111 ? 0.1655 0.1926 0.2244 0.0092  -0.0131 0.0131  110 HIS A N   
724 C CA  . HIS A 111 ? 0.1799 0.1927 0.2415 0.0069  -0.0084 0.0212  110 HIS A CA  
725 C C   . HIS A 111 ? 0.1773 0.1905 0.2386 0.0101  -0.0135 0.0231  110 HIS A C   
726 O O   . HIS A 111 ? 0.1744 0.2663 0.2495 -0.0146 -0.0097 -0.0052 110 HIS A O   
727 C CB  . HIS A 111 ? 0.1848 0.1976 0.2321 0.0137  -0.0246 0.0086  110 HIS A CB  
728 C CG  . HIS A 111 ? 0.1720 0.2145 0.2690 -0.0124 -0.0319 0.0415  110 HIS A CG  
729 N ND1 . HIS A 111 ? 0.1893 0.2189 0.2072 -0.0374 -0.0249 0.0120  110 HIS A ND1 
730 C CD2 . HIS A 111 ? 0.2048 0.1873 0.2223 -0.0324 -0.0199 -0.0094 110 HIS A CD2 
731 C CE1 . HIS A 111 ? 0.2025 0.2358 0.1615 -0.0599 -0.0104 -0.0219 110 HIS A CE1 
732 N NE2 . HIS A 111 ? 0.1536 0.1956 0.2778 -0.0079 -0.0223 0.0244  110 HIS A NE2 
733 N N   . ALA A 112 ? 0.1857 0.2162 0.2280 -0.0048 -0.0162 0.0365  111 ALA A N   
734 C CA  . ALA A 112 ? 0.2147 0.2455 0.2827 -0.0033 0.0304  0.0358  111 ALA A CA  
735 C C   . ALA A 112 ? 0.1700 0.2337 0.2530 0.0168  0.0106  0.0547  111 ALA A C   
736 O O   . ALA A 112 ? 0.2008 0.2516 0.2782 0.0009  0.0162  0.0317  111 ALA A O   
737 C CB  . ALA A 112 ? 0.2732 0.2245 0.3940 0.0091  0.0830  0.0012  111 ALA A CB  
738 N N   . ALA A 113 ? 0.2747 0.3355 0.2661 -0.0472 0.0119  0.0863  112 ALA A N   
739 C CA  . ALA A 113 ? 0.2684 0.3437 0.2997 -0.0438 0.0274  0.1099  112 ALA A CA  
740 C C   . ALA A 113 ? 0.2495 0.3739 0.5100 -0.0435 0.0113  0.0933  112 ALA A C   
741 O O   . ALA A 113 ? 0.3007 0.4419 0.6511 0.0211  0.0217  0.0781  112 ALA A O   
742 C CB  . ALA A 113 ? 0.5326 0.3582 0.2747 -0.1736 0.0428  0.0649  112 ALA A CB  
743 N N   . LEU A 114 ? 0.2862 0.3808 0.6680 -0.0775 -0.0752 0.0727  113 LEU A N   
744 C CA  . LEU A 114 ? 0.2450 0.5561 0.6756 -0.1229 0.0073  0.0507  113 LEU A CA  
745 C C   . LEU A 114 ? 0.4071 0.7210 0.7542 -0.0605 0.1350  0.0831  113 LEU A C   
746 O O   . LEU A 114 ? 0.5692 0.7648 0.9395 0.0486  0.3041  0.1607  113 LEU A O   
747 C CB  . LEU A 114 ? 0.2698 0.5105 0.6319 -0.1297 -0.0630 0.1031  113 LEU A CB  
748 C CG  . LEU A 114 ? 0.3108 0.5209 0.6457 -0.1012 -0.0174 0.0882  113 LEU A CG  
749 C CD1 . LEU A 114 ? 0.3246 0.4831 0.6638 -0.0855 -0.0235 0.1035  113 LEU A CD1 
750 C CD2 . LEU A 114 ? 0.2380 0.5305 0.5811 -0.0697 0.0919  0.0826  113 LEU A CD2 
751 N N   . PRO A 115 ? 0.4980 0.7786 0.7255 -0.0026 0.1964  0.1055  114 PRO A N   
752 C CA  . PRO A 115 ? 0.5016 0.7939 0.6975 0.0144  0.1926  0.1192  114 PRO A CA  
753 C C   . PRO A 115 ? 0.6487 0.8282 0.9048 0.1268  -0.0368 0.0227  114 PRO A C   
754 C CB  . PRO A 115 ? 0.5973 0.8543 0.6956 0.0455  0.1890  0.1175  114 PRO A CB  
755 C CG  . PRO A 115 ? 0.6642 0.8957 0.7078 0.0649  0.2222  0.1012  114 PRO A CG  
756 C CD  . PRO A 115 ? 0.6008 0.8762 0.7392 0.0649  0.2470  0.1047  114 PRO A CD  
757 O O   . HOH B .   ? 0.2255 0.3018 0.2331 0.0409  -0.0535 0.0221  201 HOH A O   
758 O O   . HOH B .   ? 0.1806 0.2240 0.2927 0.0064  -0.0016 0.0391  202 HOH A O   
759 O O   . HOH B .   ? 0.1773 0.2166 0.2642 0.0504  -0.0306 -0.0088 203 HOH A O   
760 O O   . HOH B .   ? 0.2419 0.2533 0.2117 0.0122  -0.0101 -0.0141 204 HOH A O   
761 O O   . HOH B .   ? 0.2299 0.3849 0.4032 0.0625  -0.1085 -0.0949 205 HOH A O   
762 O O   . HOH B .   ? 0.5535 0.5587 0.5575 0.0004  -0.0025 0.0002  206 HOH A O   
763 O O   . HOH B .   ? 0.1637 0.2037 0.2108 -0.0155 -0.0098 -0.0003 207 HOH A O   
764 O O   . HOH B .   ? 0.1935 0.2346 0.2470 0.0093  0.0179  -0.0324 208 HOH A O   
765 O O   . HOH B .   ? 0.3399 0.2907 0.2521 0.0646  -0.0409 -0.0387 209 HOH A O   
766 O O   . HOH B .   ? 0.6516 0.6531 0.7551 0.1374  0.0683  -0.1424 210 HOH A O   
767 O O   . HOH B .   ? 0.6429 0.4622 0.5944 -0.1270 -0.0380 -0.0696 211 HOH A O   
768 O O   . HOH B .   ? 0.2093 0.3394 0.2309 0.0051  -0.0253 0.0561  212 HOH A O   
769 O O   . HOH B .   ? 0.2826 0.3793 0.4105 0.0880  -0.1219 0.0320  213 HOH A O   
770 O O   . HOH B .   ? 0.2764 0.2717 0.2072 0.0885  0.0143  0.0181  214 HOH A O   
771 O O   . HOH B .   ? 0.3156 0.2180 0.3160 0.0546  -0.0711 -0.0368 215 HOH A O   
772 O O   . HOH B .   ? 0.2829 0.2419 0.3627 -0.0041 -0.0850 0.0113  216 HOH A O   
773 O O   . HOH B .   ? 0.4891 0.5475 0.4865 0.0738  -0.2107 0.0539  217 HOH A O   
774 O O   . HOH B .   ? 0.2626 0.3215 0.1712 0.0263  -0.0125 -0.0038 218 HOH A O   
775 O O   . HOH B .   ? 0.2037 0.2188 0.1702 0.0220  -0.0236 -0.0119 219 HOH A O   
776 O O   . HOH B .   ? 0.3647 0.2623 0.6547 0.0610  0.1597  0.1458  220 HOH A O   
777 O O   . HOH B .   ? 0.3324 0.3264 0.3602 -0.0216 -0.0795 0.0909  221 HOH A O   
778 O O   . HOH B .   ? 0.2070 0.2719 0.3031 0.0153  -0.0414 0.0295  222 HOH A O   
779 O O   . HOH B .   ? 0.4178 0.7680 1.2095 -0.1658 0.0394  0.0586  223 HOH A O   
780 O O   . HOH B .   ? 0.2590 0.2531 0.3067 -0.0007 -0.0270 0.0021  224 HOH A O   
781 O O   . HOH B .   ? 0.3385 0.3825 0.3627 -0.0648 -0.0117 0.0242  225 HOH A O   
782 O O   . HOH B .   ? 0.6540 0.6832 0.7861 0.2566  -0.0414 -0.3165 226 HOH A O   
783 O O   . HOH B .   ? 0.6806 0.5057 0.5845 -0.0974 -0.3106 0.1294  227 HOH A O   
784 O O   . HOH B .   ? 0.2586 0.4018 0.3859 0.0214  -0.0608 -0.0151 228 HOH A O   
785 O O   . HOH B .   ? 0.5027 0.3743 0.4147 0.0347  -0.0907 0.0430  229 HOH A O   
786 O O   . HOH B .   ? 0.1934 0.2071 0.2552 0.0043  0.0428  0.0096  230 HOH A O   
787 O O   . HOH B .   ? 0.6424 0.4686 0.5415 0.0399  -0.0033 -0.1492 231 HOH A O   
788 O O   . HOH B .   ? 0.6047 0.5149 0.3703 -0.1163 0.0133  0.0412  232 HOH A O   
789 O O   . HOH B .   ? 0.2461 0.2637 0.3754 -0.0018 -0.0486 -0.0525 233 HOH A O   
790 O O   . HOH B .   ? 0.7019 0.5918 0.3882 0.0503  -0.0081 -0.0849 234 HOH A O   
791 O O   . HOH B .   ? 0.6463 0.7151 0.5842 -0.0533 -0.2243 0.3334  235 HOH A O   
792 O O   . HOH B .   ? 0.6529 0.6667 0.5871 0.2731  -0.0309 -0.0200 236 HOH A O   
793 O O   . HOH B .   ? 0.8837 0.4905 0.2935 0.0690  0.0063  0.0360  237 HOH A O   
794 O O   . HOH B .   ? 0.3021 0.3089 0.4923 0.0871  -0.1310 -0.0075 238 HOH A O   
795 O O   . HOH B .   ? 0.3484 0.6277 0.8087 -0.0251 0.0436  -0.2035 239 HOH A O   
796 O O   . HOH B .   ? 0.2789 0.2631 0.2666 0.0104  -0.0898 -0.0307 240 HOH A O   
797 O O   . HOH B .   ? 0.4516 0.9199 1.0334 -0.1169 0.1255  0.1533  241 HOH A O   
798 O O   . HOH B .   ? 0.6126 0.3884 1.0118 -0.0699 0.2244  -0.1793 242 HOH A O   
799 O O   . HOH B .   ? 0.2937 0.3160 0.5380 -0.0485 0.1229  -0.0022 243 HOH A O   
800 O O   . HOH B .   ? 0.4792 0.2992 0.3420 -0.0349 -0.0633 -0.0224 244 HOH A O   
801 O O   . HOH B .   ? 0.5426 0.6126 0.5451 -0.0687 0.0264  0.0507  245 HOH A O   
802 O O   . HOH B .   ? 0.4600 0.6613 0.4092 -0.0639 0.0248  0.1113  246 HOH A O   
803 O O   . HOH B .   ? 0.7622 0.6287 0.7332 -0.1649 0.2797  -0.0512 247 HOH A O   
804 O O   . HOH B .   ? 0.8773 0.4725 0.4109 -0.0015 -0.1319 -0.1445 248 HOH A O   
805 O O   . HOH B .   ? 0.3025 0.3595 0.3655 -0.0324 -0.0999 -0.0167 249 HOH A O   
806 O O   . HOH B .   ? 0.3114 0.3672 0.2932 0.0359  0.0320  -0.0395 250 HOH A O   
807 O O   . HOH B .   ? 0.4896 0.4762 0.4894 -0.0275 0.1165  -0.1750 251 HOH A O   
808 O O   . HOH B .   ? 0.4049 0.4105 0.4015 0.0398  -0.0417 -0.0203 252 HOH A O   
809 O O   . HOH B .   ? 0.9970 0.3326 0.5304 0.0546  -0.3915 0.0989  253 HOH A O   
810 O O   . HOH B .   ? 0.6455 0.6333 0.5908 -0.0163 0.2037  -0.0233 254 HOH A O   
811 O O   . HOH B .   ? 0.3830 0.2989 0.3147 0.0278  -0.0386 -0.0439 255 HOH A O   
812 O O   . HOH B .   ? 0.3236 0.2758 0.3387 -0.1043 -0.1010 0.0796  256 HOH A O   
813 O O   . HOH B .   ? 0.2415 0.3829 0.6827 0.0566  -0.0537 0.0476  257 HOH A O   
814 O O   . HOH B .   ? 0.5423 0.5003 0.5592 0.0257  0.1834  -0.1278 258 HOH A O   
815 O O   . HOH B .   ? 0.3767 0.4386 0.3802 0.0924  0.0101  0.0193  259 HOH A O   
816 O O   . HOH B .   ? 0.4380 0.5483 0.3324 0.1777  -0.0292 0.1521  260 HOH A O   
817 O O   . HOH B .   ? 0.8817 0.3945 0.4354 -0.0109 0.1780  -0.0289 261 HOH A O   
818 O O   . HOH B .   ? 0.3547 0.7243 0.5980 0.1691  -0.1108 -0.0837 262 HOH A O   
819 O O   . HOH B .   ? 0.4248 0.4023 0.4751 -0.0601 0.0871  0.0022  263 HOH A O   
820 O O   . HOH B .   ? 0.4146 0.2584 0.3548 -0.0467 -0.0398 -0.0453 264 HOH A O   
821 O O   . HOH B .   ? 0.5987 0.6812 0.5089 0.1169  -0.1401 0.0110  265 HOH A O   
822 O O   . HOH B .   ? 0.4194 0.4512 0.7291 0.0950  0.0479  0.2674  266 HOH A O   
823 O O   . HOH B .   ? 0.9541 0.5366 0.5221 -0.0605 0.2751  -0.1294 267 HOH A O   
824 O O   . HOH B .   ? 0.6188 0.5196 0.3557 0.0035  0.0088  -0.0756 268 HOH A O   
825 O O   . HOH B .   ? 0.3512 0.5712 0.7479 0.1483  0.2297  0.1459  269 HOH A O   
826 O O   . HOH B .   ? 0.9349 0.5694 0.4188 0.1141  0.1952  -0.0630 270 HOH A O   
827 O O   . HOH B .   ? 0.7488 0.5484 1.2065 0.0690  0.0819  -0.3287 271 HOH A O   
828 O O   . HOH B .   ? 0.2206 0.3304 0.3180 0.0098  -0.0648 0.0176  272 HOH A O   
829 O O   . HOH B .   ? 0.5503 0.3573 0.2818 -0.0422 -0.0845 -0.0048 273 HOH A O   
830 O O   . HOH B .   ? 0.5240 0.3921 0.6566 0.0318  -0.1451 0.1482  274 HOH A O   
831 O O   . HOH B .   ? 0.4788 0.5417 0.3813 -0.0871 -0.1090 0.0240  275 HOH A O   
832 O O   . HOH B .   ? 0.4982 0.5555 0.4166 0.0742  -0.0314 0.1661  276 HOH A O   
833 O O   . HOH B .   ? 0.4270 0.5888 0.6589 0.0171  -0.0629 0.0680  277 HOH A O   
834 O O   . HOH B .   ? 0.4419 0.2923 0.7121 0.0684  -0.0020 0.0187  278 HOH A O   
835 O O   . HOH B .   ? 0.4907 0.4101 0.4550 -0.0355 -0.0322 -0.0777 279 HOH A O   
836 O O   . HOH B .   ? 0.7558 0.4133 0.5126 0.0473  -0.0161 0.0503  280 HOH A O   
837 O O   . HOH B .   ? 0.5797 0.7744 0.7852 -0.1526 -0.1494 0.4276  281 HOH A O   
838 O O   . HOH B .   ? 0.2745 0.6026 0.5275 0.0234  -0.1591 0.0113  282 HOH A O   
839 O O   . HOH B .   ? 0.4907 0.5481 0.6567 -0.0972 -0.2331 -0.2253 283 HOH A O   
840 O O   . HOH B .   ? 0.5898 0.4118 0.4260 -0.0417 -0.1371 -0.0656 284 HOH A O   
841 O O   . HOH B .   ? 0.8770 0.4475 0.3134 0.1076  0.0837  0.0112  285 HOH A O   
842 O O   . HOH B .   ? 0.4867 0.4113 0.4426 0.1420  -0.2055 -0.0778 286 HOH A O   
843 O O   . HOH B .   ? 0.7017 0.5462 0.5146 0.0096  -0.1875 0.1050  287 HOH A O   
844 O O   . HOH B .   ? 1.2785 0.4487 0.6851 -0.0713 -0.4968 0.0836  288 HOH A O   
845 O O   . HOH B .   ? 0.3714 0.6968 1.0003 0.0071  0.3817  -0.0048 289 HOH A O   
846 O O   . HOH B .   ? 0.2914 0.4866 0.7088 0.0007  0.0685  -0.0850 290 HOH A O   
847 O O   . HOH B .   ? 0.4570 0.5840 0.5145 -0.1543 -0.1874 -0.0926 291 HOH A O   
848 O O   . HOH B .   ? 0.5894 0.5504 0.6270 0.0042  0.0597  0.0790  292 HOH A O   
849 O O   . HOH B .   ? 0.4125 0.5217 0.3843 -0.0096 0.0526  -0.1811 293 HOH A O   
850 O O   . HOH B .   ? 0.4589 0.4999 0.4656 -0.0666 -0.0265 -0.0099 294 HOH A O   
851 O O   . HOH B .   ? 0.4263 0.6027 0.4283 0.0691  0.0082  0.0432  295 HOH A O   
852 O O   . HOH B .   ? 0.3009 1.1641 1.9917 -0.2050 -0.2585 0.6272  296 HOH A O   
853 O O   . HOH B .   ? 0.5850 0.5446 0.3968 0.1448  0.1582  -0.0017 297 HOH A O   
854 O O   . HOH B .   ? 0.5273 0.6899 0.7634 0.1081  0.0819  0.2768  298 HOH A O   
855 O O   . HOH B .   ? 0.4210 0.4200 0.4912 -0.0566 -0.0160 -0.0395 299 HOH A O   
856 O O   . HOH B .   ? 0.2426 0.3349 0.5691 0.0618  0.0490  0.0411  300 HOH A O   
857 O O   . HOH B .   ? 0.3523 0.5240 0.3916 -0.0861 0.0478  0.0764  301 HOH A O   
858 O O   . HOH B .   ? 0.4907 0.5694 0.4215 -0.0339 -0.1236 -0.0443 302 HOH A O   
859 O O   . HOH B .   ? 0.8501 0.5106 0.4826 0.0522  -0.1928 -0.0525 303 HOH A O   
860 O O   . HOH B .   ? 0.3643 0.6643 0.6921 0.0311  0.0644  0.2458  304 HOH A O   
861 O O   . HOH B .   ? 0.6494 0.5662 0.5845 -0.1895 -0.2648 -0.0284 305 HOH A O   
862 O O   . HOH B .   ? 0.9586 0.4611 1.1281 0.2365  -0.1776 0.0843  306 HOH A O   
863 O O   . HOH B .   ? 0.4442 0.4745 0.6122 0.0571  0.0731  -0.1060 307 HOH A O   
864 O O   . HOH B .   ? 0.7971 0.5028 1.3891 0.1909  0.1032  0.4653  308 HOH A O   
865 O O   . HOH B .   ? 1.0162 0.5203 0.6611 0.1585  -0.1098 -0.0970 309 HOH A O   
866 O O   . HOH B .   ? 0.4526 0.3786 1.6087 -0.0404 -0.6164 0.0432  310 HOH A O   
867 O O   . HOH B .   ? 0.4664 0.5738 0.5053 0.0102  0.1096  0.0530  311 HOH A O   
868 O O   . HOH B .   ? 0.6021 0.5965 0.3054 0.1272  -0.1123 -0.0661 312 HOH A O   
869 O O   . HOH B .   ? 0.3233 0.6886 0.8521 0.0173  -0.0571 0.4073  313 HOH A O   
870 O O   . HOH B .   ? 0.2428 0.5712 0.7718 -0.1188 -0.0866 0.2901  314 HOH A O   
871 O O   . HOH B .   ? 0.5103 0.5945 0.3385 -0.2401 0.0196  0.0403  315 HOH A O   
872 O O   . HOH B .   ? 0.5291 0.6422 0.5820 0.2197  0.1153  0.2303  316 HOH A O   
873 O O   . HOH B .   ? 0.7240 0.4612 0.7487 0.0003  0.0725  -0.2046 317 HOH A O   
874 O O   . HOH B .   ? 0.8977 0.5605 0.3360 -0.0957 -0.1066 -0.0946 318 HOH A O   
875 O O   . HOH B .   ? 0.5396 0.8920 0.7835 0.1541  0.0838  -0.0355 319 HOH A O   
876 O O   . HOH B .   ? 0.3986 0.6245 1.1444 -0.0828 0.3014  -0.1186 320 HOH A O   
877 O O   . HOH B .   ? 0.5685 0.4998 1.8754 0.0184  -0.0553 -0.0459 321 HOH A O   
878 O O   . HOH B .   ? 0.6101 0.6878 0.8331 0.1868  -0.0727 -0.1319 322 HOH A O   
879 O O   . HOH B .   ? 1.1230 0.5185 0.4950 -0.2812 0.2658  -0.0460 323 HOH A O   
880 O O   . HOH B .   ? 0.8165 0.4806 0.9865 0.1774  -0.5384 -0.2324 324 HOH A O   
881 O O   . HOH B .   ? 0.9900 0.5540 0.6966 0.0221  -0.5061 0.0022  325 HOH A O   
882 O O   . HOH B .   ? 1.0068 0.5809 0.5500 0.0779  -0.0492 -0.1251 326 HOH A O   
883 O O   . HOH B .   ? 0.4006 0.4178 0.3444 -0.0668 -0.0150 -0.0697 327 HOH A O   
884 O O   . HOH B .   ? 0.3569 0.7301 0.5357 0.0791  -0.0863 0.1022  328 HOH A O   
885 O O   . HOH B .   ? 1.3476 0.7418 2.0352 0.6363  -0.7777 -0.1692 329 HOH A O   
886 O O   . HOH B .   ? 0.9304 0.4764 1.3314 -0.0938 -0.3795 -0.0892 330 HOH A O   
887 O O   . HOH B .   ? 1.0632 0.6780 0.7964 0.1716  -0.3281 -0.3559 331 HOH A O   
888 O O   . HOH B .   ? 1.1281 1.0758 1.0603 -0.2233 -0.5330 -0.0736 332 HOH A O   
889 O O   . HOH B .   ? 1.4387 0.8261 0.4062 0.4079  -0.1776 0.0434  333 HOH A O   
890 O O   . HOH B .   ? 1.2345 0.9112 1.8980 -0.0598 0.4092  -0.0086 334 HOH A O   
891 O O   A HOH B .   ? 0.8858 1.4307 1.3060 0.0389  -0.2643 0.0188  335 HOH A O   
892 O O   B HOH B .   ? 0.8841 1.4308 1.3057 0.0390  -0.2651 0.0188  335 HOH A O   
893 O O   . HOH B .   ? 2.0424 0.5880 1.5831 -0.3097 0.0279  0.1324  336 HOH A O   
894 O O   . HOH B .   ? 0.8688 0.6342 1.6082 -0.1156 -0.0207 0.2620  337 HOH A O   
895 O O   . HOH B .   ? 1.3106 0.9333 0.5201 -0.0313 -0.1970 0.3211  338 HOH A O   
896 O O   . HOH B .   ? 1.0517 0.7948 0.6485 -0.0278 -0.4299 -0.0993 339 HOH A O   
897 O O   . HOH B .   ? 1.1045 0.7206 0.9473 -0.0492 -0.1987 -0.0433 340 HOH A O   
898 O O   . HOH B .   ? 0.5172 1.2419 1.3111 -0.0676 -0.1358 -0.0811 341 HOH A O   
899 O O   . HOH B .   ? 1.3036 0.7827 0.5452 -0.2269 0.3770  0.0077  342 HOH A O   
900 O O   . HOH B .   ? 1.0294 1.3287 0.8878 -0.4337 0.1064  0.4100  343 HOH A O   
901 O O   . HOH B .   ? 1.2611 0.9248 3.4420 0.3119  -0.4091 1.0269  344 HOH A O   
902 O O   . HOH B .   ? 0.8843 0.7529 1.2058 0.0120  -0.1825 -0.1995 345 HOH A O   
903 O O   . HOH B .   ? 0.3779 0.6935 1.2824 -0.0701 0.0286  -0.0449 346 HOH A O   
904 O O   . HOH B .   ? 1.0276 0.7537 1.4215 0.1810  0.1112  0.2157  347 HOH A O   
905 O O   . HOH B .   ? 0.8803 0.8167 1.2339 -0.1171 -0.2748 0.1503  348 HOH A O   
906 O O   . HOH B .   ? 0.8700 0.8277 0.6749 0.0838  0.0640  0.0980  349 HOH A O   
907 O O   . HOH B .   ? 1.5512 0.9526 1.3259 0.0356  0.6564  0.2529  350 HOH A O   
908 O O   . HOH B .   ? 1.5855 0.7169 3.4105 -0.3082 -1.5324 -0.2078 351 HOH A O   
909 O O   . HOH B .   ? 1.0063 0.8356 1.4469 0.2086  0.9014  0.2489  352 HOH A O   
910 O O   . HOH B .   ? 0.8752 0.5399 1.2659 -0.0392 -0.6252 -0.1545 353 HOH A O   
911 O O   . HOH B .   ? 0.9412 0.6201 1.3654 0.0242  -0.5118 -0.2303 354 HOH A O   
912 O O   . HOH B .   ? 0.7687 0.7395 0.6397 -0.0363 -0.3011 0.1087  355 HOH A O   
913 O O   . HOH B .   ? 0.9608 1.0547 3.1601 -0.6304 -0.9606 0.5693  356 HOH A O   
914 O O   . HOH B .   ? 0.7425 1.1495 1.8675 -0.2759 -0.6096 0.2955  357 HOH A O   
915 O O   . HOH B .   ? 1.3719 1.2798 0.7748 0.0079  0.2482  0.2182  358 HOH A O   
916 O O   . HOH B .   ? 1.8524 0.9393 0.8900 -0.0988 -0.5327 -0.0794 359 HOH A O   
917 O O   . HOH B .   ? 0.8021 0.4392 1.4476 0.0304  -0.0706 -0.1503 360 HOH A O   
918 O O   . HOH B .   ? 0.9994 0.5694 1.7048 0.1756  0.2548  0.1569  361 HOH A O   
919 O O   . HOH B .   ? 0.6280 1.1356 1.2116 -0.1763 0.2312  0.1825  362 HOH A O   
920 O O   . HOH B .   ? 1.0078 0.6891 0.8134 -0.0239 0.3890  -0.1688 363 HOH A O   
921 O O   . HOH B .   ? 2.2531 0.9579 0.6419 -0.0950 0.0564  -0.0053 364 HOH A O   
922 O O   . HOH B .   ? 1.2162 0.6880 0.7249 -0.0969 -0.1737 -0.0911 365 HOH A O   
923 O O   . HOH B .   ? 1.0982 0.9326 1.9214 -0.0695 0.4788  -0.0144 366 HOH A O   
# 
